data_3DIB
# 
_entry.id   3DIB 
# 
_audit_conform.dict_name       mmcif_pdbx.dic 
_audit_conform.dict_version    5.397 
_audit_conform.dict_location   http://mmcif.pdb.org/dictionaries/ascii/mmcif_pdbx.dic 
# 
loop_
_database_2.database_id 
_database_2.database_code 
_database_2.pdbx_database_accession 
_database_2.pdbx_DOI 
PDB   3DIB         pdb_00003dib 10.2210/pdb3dib/pdb 
RCSB  RCSB048072   ?            ?                   
WWPDB D_1000048072 ?            ?                   
# 
loop_
_pdbx_audit_revision_history.ordinal 
_pdbx_audit_revision_history.data_content_type 
_pdbx_audit_revision_history.major_revision 
_pdbx_audit_revision_history.minor_revision 
_pdbx_audit_revision_history.revision_date 
1 'Structure model' 1 0 2008-07-15 
2 'Structure model' 1 1 2011-07-13 
3 'Structure model' 1 2 2017-10-25 
4 'Structure model' 1 3 2021-11-10 
5 'Structure model' 1 4 2023-11-01 
6 'Structure model' 1 5 2024-10-30 
# 
_pdbx_audit_revision_details.ordinal             1 
_pdbx_audit_revision_details.revision_ordinal    1 
_pdbx_audit_revision_details.data_content_type   'Structure model' 
_pdbx_audit_revision_details.provider            repository 
_pdbx_audit_revision_details.type                'Initial release' 
_pdbx_audit_revision_details.description         ? 
_pdbx_audit_revision_details.details             ? 
# 
loop_
_pdbx_audit_revision_group.ordinal 
_pdbx_audit_revision_group.revision_ordinal 
_pdbx_audit_revision_group.data_content_type 
_pdbx_audit_revision_group.group 
1 2 'Structure model' 'Derived calculations'      
2 2 'Structure model' 'Version format compliance' 
3 3 'Structure model' 'Refinement description'    
4 4 'Structure model' 'Database references'       
5 4 'Structure model' 'Derived calculations'      
6 5 'Structure model' 'Data collection'           
7 5 'Structure model' 'Refinement description'    
8 6 'Structure model' 'Structure summary'         
# 
loop_
_pdbx_audit_revision_category.ordinal 
_pdbx_audit_revision_category.revision_ordinal 
_pdbx_audit_revision_category.data_content_type 
_pdbx_audit_revision_category.category 
1 3 'Structure model' software                      
2 4 'Structure model' database_2                    
3 4 'Structure model' struct_ref_seq_dif            
4 4 'Structure model' struct_site                   
5 5 'Structure model' chem_comp_atom                
6 5 'Structure model' chem_comp_bond                
7 5 'Structure model' pdbx_initial_refinement_model 
8 6 'Structure model' pdbx_entry_details            
9 6 'Structure model' pdbx_modification_feature     
# 
loop_
_pdbx_audit_revision_item.ordinal 
_pdbx_audit_revision_item.revision_ordinal 
_pdbx_audit_revision_item.data_content_type 
_pdbx_audit_revision_item.item 
1 4 'Structure model' '_database_2.pdbx_DOI'                
2 4 'Structure model' '_database_2.pdbx_database_accession' 
3 4 'Structure model' '_struct_ref_seq_dif.details'         
4 4 'Structure model' '_struct_site.pdbx_auth_asym_id'      
5 4 'Structure model' '_struct_site.pdbx_auth_comp_id'      
6 4 'Structure model' '_struct_site.pdbx_auth_seq_id'       
# 
_pdbx_database_status.entry_id                        3DIB 
_pdbx_database_status.deposit_site                    RCSB 
_pdbx_database_status.process_site                    PDBJ 
_pdbx_database_status.recvd_initial_deposition_date   2008-06-20 
_pdbx_database_status.status_code                     REL 
_pdbx_database_status.status_code_sf                  REL 
_pdbx_database_status.status_code_mr                  ? 
_pdbx_database_status.SG_entry                        ? 
_pdbx_database_status.pdb_format_compatible           Y 
_pdbx_database_status.status_code_cs                  ? 
_pdbx_database_status.methods_development_category    ? 
_pdbx_database_status.status_code_nmr_data            ? 
# 
loop_
_pdbx_database_related.db_name 
_pdbx_database_related.db_id 
_pdbx_database_related.details 
_pdbx_database_related.content_type 
PDB 3DH5 . unspecified 
PDB 3DH6 . unspecified 
PDB 3DI7 . unspecified 
PDB 3DI8 . unspecified 
PDB 3DI9 . unspecified 
PDB 3DIC . unspecified 
# 
loop_
_audit_author.name 
_audit_author.pdbx_ordinal 
'Kurpiewska, K.' 1 
'Font, J.'       2 
'Ribo, M.'       3 
'Vilanova, M.'   4 
'Lewinski, K.'   5 
# 
_citation.id                        primary 
_citation.title                     
;X-ray crystallographic studies of RNase A variants engineered at the most destabilizing positions of the main hydrophobic core: further insight into protein stability
;
_citation.journal_abbrev            Proteins 
_citation.journal_volume            77 
_citation.page_first                658 
_citation.page_last                 669 
_citation.year                      2009 
_citation.journal_id_ASTM           PSFGEY 
_citation.country                   US 
_citation.journal_id_ISSN           0887-3585 
_citation.journal_id_CSD            0867 
_citation.book_publisher            ? 
_citation.pdbx_database_id_PubMed   19544568 
_citation.pdbx_database_id_DOI      10.1002/prot.22480 
# 
loop_
_citation_author.citation_id 
_citation_author.name 
_citation_author.ordinal 
_citation_author.identifier_ORCID 
primary 'Kurpiewska, K.' 1 ? 
primary 'Font, J.'       2 ? 
primary 'Ribo, M.'       3 ? 
primary 'Vilanova, M.'   4 ? 
primary 'Lewinski, K.'   5 ? 
# 
loop_
_entity.id 
_entity.type 
_entity.src_method 
_entity.pdbx_description 
_entity.formula_weight 
_entity.pdbx_number_of_molecules 
_entity.pdbx_ec 
_entity.pdbx_mutation 
_entity.pdbx_fragment 
_entity.details 
1 polymer     man 'Ribonuclease pancreatic' 13666.246 1   3.1.27.5 I106A ? ? 
2 non-polymer syn 'CHLORIDE ION'            35.453    5   ?        ?     ? ? 
3 non-polymer syn 'SULFATE ION'             96.063    1   ?        ?     ? ? 
4 water       nat water                     18.015    239 ?        ?     ? ? 
# 
_entity_name_com.entity_id   1 
_entity_name_com.name        'Pancreatic ribonuclease A, RNase 1, RNase A' 
# 
_entity_poly.entity_id                      1 
_entity_poly.type                           'polypeptide(L)' 
_entity_poly.nstd_linkage                   no 
_entity_poly.nstd_monomer                   no 
_entity_poly.pdbx_seq_one_letter_code       
;KETAAAKFERQHMDSSTSAASSSNYCNQMMKSRNLTKDRCKPVNTFVHESLADVQAVCSQKNVACKNGQTNCYQSYSTMS
ITDCRETGSSKYPNCAYKTTQANKHAIVACEGNPYVPVHFDASV
;
_entity_poly.pdbx_seq_one_letter_code_can   
;KETAAAKFERQHMDSSTSAASSSNYCNQMMKSRNLTKDRCKPVNTFVHESLADVQAVCSQKNVACKNGQTNCYQSYSTMS
ITDCRETGSSKYPNCAYKTTQANKHAIVACEGNPYVPVHFDASV
;
_entity_poly.pdbx_strand_id                 A 
_entity_poly.pdbx_target_identifier         ? 
# 
loop_
_pdbx_entity_nonpoly.entity_id 
_pdbx_entity_nonpoly.name 
_pdbx_entity_nonpoly.comp_id 
2 'CHLORIDE ION' CL  
3 'SULFATE ION'  SO4 
4 water          HOH 
# 
loop_
_entity_poly_seq.entity_id 
_entity_poly_seq.num 
_entity_poly_seq.mon_id 
_entity_poly_seq.hetero 
1 1   LYS n 
1 2   GLU n 
1 3   THR n 
1 4   ALA n 
1 5   ALA n 
1 6   ALA n 
1 7   LYS n 
1 8   PHE n 
1 9   GLU n 
1 10  ARG n 
1 11  GLN n 
1 12  HIS n 
1 13  MET n 
1 14  ASP n 
1 15  SER n 
1 16  SER n 
1 17  THR n 
1 18  SER n 
1 19  ALA n 
1 20  ALA n 
1 21  SER n 
1 22  SER n 
1 23  SER n 
1 24  ASN n 
1 25  TYR n 
1 26  CYS n 
1 27  ASN n 
1 28  GLN n 
1 29  MET n 
1 30  MET n 
1 31  LYS n 
1 32  SER n 
1 33  ARG n 
1 34  ASN n 
1 35  LEU n 
1 36  THR n 
1 37  LYS n 
1 38  ASP n 
1 39  ARG n 
1 40  CYS n 
1 41  LYS n 
1 42  PRO n 
1 43  VAL n 
1 44  ASN n 
1 45  THR n 
1 46  PHE n 
1 47  VAL n 
1 48  HIS n 
1 49  GLU n 
1 50  SER n 
1 51  LEU n 
1 52  ALA n 
1 53  ASP n 
1 54  VAL n 
1 55  GLN n 
1 56  ALA n 
1 57  VAL n 
1 58  CYS n 
1 59  SER n 
1 60  GLN n 
1 61  LYS n 
1 62  ASN n 
1 63  VAL n 
1 64  ALA n 
1 65  CYS n 
1 66  LYS n 
1 67  ASN n 
1 68  GLY n 
1 69  GLN n 
1 70  THR n 
1 71  ASN n 
1 72  CYS n 
1 73  TYR n 
1 74  GLN n 
1 75  SER n 
1 76  TYR n 
1 77  SER n 
1 78  THR n 
1 79  MET n 
1 80  SER n 
1 81  ILE n 
1 82  THR n 
1 83  ASP n 
1 84  CYS n 
1 85  ARG n 
1 86  GLU n 
1 87  THR n 
1 88  GLY n 
1 89  SER n 
1 90  SER n 
1 91  LYS n 
1 92  TYR n 
1 93  PRO n 
1 94  ASN n 
1 95  CYS n 
1 96  ALA n 
1 97  TYR n 
1 98  LYS n 
1 99  THR n 
1 100 THR n 
1 101 GLN n 
1 102 ALA n 
1 103 ASN n 
1 104 LYS n 
1 105 HIS n 
1 106 ALA n 
1 107 ILE n 
1 108 VAL n 
1 109 ALA n 
1 110 CYS n 
1 111 GLU n 
1 112 GLY n 
1 113 ASN n 
1 114 PRO n 
1 115 TYR n 
1 116 VAL n 
1 117 PRO n 
1 118 VAL n 
1 119 HIS n 
1 120 PHE n 
1 121 ASP n 
1 122 ALA n 
1 123 SER n 
1 124 VAL n 
# 
_entity_src_gen.entity_id                          1 
_entity_src_gen.pdbx_src_id                        1 
_entity_src_gen.pdbx_alt_source_flag               sample 
_entity_src_gen.pdbx_seq_type                      ? 
_entity_src_gen.pdbx_beg_seq_num                   ? 
_entity_src_gen.pdbx_end_seq_num                   ? 
_entity_src_gen.gene_src_common_name               bovine 
_entity_src_gen.gene_src_genus                     ? 
_entity_src_gen.pdbx_gene_src_gene                 'RNASE1, RNS1' 
_entity_src_gen.gene_src_species                   ? 
_entity_src_gen.gene_src_strain                    ? 
_entity_src_gen.gene_src_tissue                    ? 
_entity_src_gen.gene_src_tissue_fraction           ? 
_entity_src_gen.gene_src_details                   ? 
_entity_src_gen.pdbx_gene_src_fragment             ? 
_entity_src_gen.pdbx_gene_src_scientific_name      'Bos taurus' 
_entity_src_gen.pdbx_gene_src_ncbi_taxonomy_id     9913 
_entity_src_gen.pdbx_gene_src_variant              ? 
_entity_src_gen.pdbx_gene_src_cell_line            ? 
_entity_src_gen.pdbx_gene_src_atcc                 ? 
_entity_src_gen.pdbx_gene_src_organ                ? 
_entity_src_gen.pdbx_gene_src_organelle            ? 
_entity_src_gen.pdbx_gene_src_cell                 ? 
_entity_src_gen.pdbx_gene_src_cellular_location    ? 
_entity_src_gen.host_org_common_name               ? 
_entity_src_gen.pdbx_host_org_scientific_name      'Escherichia coli BL21(DE3)' 
_entity_src_gen.pdbx_host_org_ncbi_taxonomy_id     469008 
_entity_src_gen.host_org_genus                     ? 
_entity_src_gen.pdbx_host_org_gene                 ? 
_entity_src_gen.pdbx_host_org_organ                ? 
_entity_src_gen.host_org_species                   ? 
_entity_src_gen.pdbx_host_org_tissue               ? 
_entity_src_gen.pdbx_host_org_tissue_fraction      ? 
_entity_src_gen.pdbx_host_org_strain               'BL21(DE3)' 
_entity_src_gen.pdbx_host_org_variant              ? 
_entity_src_gen.pdbx_host_org_cell_line            ? 
_entity_src_gen.pdbx_host_org_atcc                 ? 
_entity_src_gen.pdbx_host_org_culture_collection   ? 
_entity_src_gen.pdbx_host_org_cell                 ? 
_entity_src_gen.pdbx_host_org_organelle            ? 
_entity_src_gen.pdbx_host_org_cellular_location    ? 
_entity_src_gen.pdbx_host_org_vector_type          plasmid 
_entity_src_gen.pdbx_host_org_vector               ? 
_entity_src_gen.host_org_details                   ? 
_entity_src_gen.expression_system_id               ? 
_entity_src_gen.plasmid_name                       pBXR 
_entity_src_gen.plasmid_details                    ? 
_entity_src_gen.pdbx_description                   ? 
# 
loop_
_chem_comp.id 
_chem_comp.type 
_chem_comp.mon_nstd_flag 
_chem_comp.name 
_chem_comp.pdbx_synonyms 
_chem_comp.formula 
_chem_comp.formula_weight 
ALA 'L-peptide linking' y ALANINE         ? 'C3 H7 N O2'     89.093  
ARG 'L-peptide linking' y ARGININE        ? 'C6 H15 N4 O2 1' 175.209 
ASN 'L-peptide linking' y ASPARAGINE      ? 'C4 H8 N2 O3'    132.118 
ASP 'L-peptide linking' y 'ASPARTIC ACID' ? 'C4 H7 N O4'     133.103 
CL  non-polymer         . 'CHLORIDE ION'  ? 'Cl -1'          35.453  
CYS 'L-peptide linking' y CYSTEINE        ? 'C3 H7 N O2 S'   121.158 
GLN 'L-peptide linking' y GLUTAMINE       ? 'C5 H10 N2 O3'   146.144 
GLU 'L-peptide linking' y 'GLUTAMIC ACID' ? 'C5 H9 N O4'     147.129 
GLY 'peptide linking'   y GLYCINE         ? 'C2 H5 N O2'     75.067  
HIS 'L-peptide linking' y HISTIDINE       ? 'C6 H10 N3 O2 1' 156.162 
HOH non-polymer         . WATER           ? 'H2 O'           18.015  
ILE 'L-peptide linking' y ISOLEUCINE      ? 'C6 H13 N O2'    131.173 
LEU 'L-peptide linking' y LEUCINE         ? 'C6 H13 N O2'    131.173 
LYS 'L-peptide linking' y LYSINE          ? 'C6 H15 N2 O2 1' 147.195 
MET 'L-peptide linking' y METHIONINE      ? 'C5 H11 N O2 S'  149.211 
PHE 'L-peptide linking' y PHENYLALANINE   ? 'C9 H11 N O2'    165.189 
PRO 'L-peptide linking' y PROLINE         ? 'C5 H9 N O2'     115.130 
SER 'L-peptide linking' y SERINE          ? 'C3 H7 N O3'     105.093 
SO4 non-polymer         . 'SULFATE ION'   ? 'O4 S -2'        96.063  
THR 'L-peptide linking' y THREONINE       ? 'C4 H9 N O3'     119.119 
TYR 'L-peptide linking' y TYROSINE        ? 'C9 H11 N O3'    181.189 
VAL 'L-peptide linking' y VALINE          ? 'C5 H11 N O2'    117.146 
# 
loop_
_pdbx_poly_seq_scheme.asym_id 
_pdbx_poly_seq_scheme.entity_id 
_pdbx_poly_seq_scheme.seq_id 
_pdbx_poly_seq_scheme.mon_id 
_pdbx_poly_seq_scheme.ndb_seq_num 
_pdbx_poly_seq_scheme.pdb_seq_num 
_pdbx_poly_seq_scheme.auth_seq_num 
_pdbx_poly_seq_scheme.pdb_mon_id 
_pdbx_poly_seq_scheme.auth_mon_id 
_pdbx_poly_seq_scheme.pdb_strand_id 
_pdbx_poly_seq_scheme.pdb_ins_code 
_pdbx_poly_seq_scheme.hetero 
A 1 1   LYS 1   1   1   LYS LYS A . n 
A 1 2   GLU 2   2   2   GLU GLU A . n 
A 1 3   THR 3   3   3   THR THR A . n 
A 1 4   ALA 4   4   4   ALA ALA A . n 
A 1 5   ALA 5   5   5   ALA ALA A . n 
A 1 6   ALA 6   6   6   ALA ALA A . n 
A 1 7   LYS 7   7   7   LYS LYS A . n 
A 1 8   PHE 8   8   8   PHE PHE A . n 
A 1 9   GLU 9   9   9   GLU GLU A . n 
A 1 10  ARG 10  10  10  ARG ARG A . n 
A 1 11  GLN 11  11  11  GLN GLN A . n 
A 1 12  HIS 12  12  12  HIS HIS A . n 
A 1 13  MET 13  13  13  MET MET A . n 
A 1 14  ASP 14  14  14  ASP ASP A . n 
A 1 15  SER 15  15  15  SER SER A . n 
A 1 16  SER 16  16  16  SER SER A . n 
A 1 17  THR 17  17  17  THR THR A . n 
A 1 18  SER 18  18  18  SER SER A . n 
A 1 19  ALA 19  19  19  ALA ALA A . n 
A 1 20  ALA 20  20  20  ALA ALA A . n 
A 1 21  SER 21  21  21  SER SER A . n 
A 1 22  SER 22  22  22  SER SER A . n 
A 1 23  SER 23  23  23  SER SER A . n 
A 1 24  ASN 24  24  24  ASN ASN A . n 
A 1 25  TYR 25  25  25  TYR TYR A . n 
A 1 26  CYS 26  26  26  CYS CYS A . n 
A 1 27  ASN 27  27  27  ASN ASN A . n 
A 1 28  GLN 28  28  28  GLN GLN A . n 
A 1 29  MET 29  29  29  MET MET A . n 
A 1 30  MET 30  30  30  MET MET A . n 
A 1 31  LYS 31  31  31  LYS LYS A . n 
A 1 32  SER 32  32  32  SER SER A . n 
A 1 33  ARG 33  33  33  ARG ARG A . n 
A 1 34  ASN 34  34  34  ASN ASN A . n 
A 1 35  LEU 35  35  35  LEU LEU A . n 
A 1 36  THR 36  36  36  THR THR A . n 
A 1 37  LYS 37  37  37  LYS LYS A . n 
A 1 38  ASP 38  38  38  ASP ASP A . n 
A 1 39  ARG 39  39  39  ARG ARG A . n 
A 1 40  CYS 40  40  40  CYS CYS A . n 
A 1 41  LYS 41  41  41  LYS LYS A . n 
A 1 42  PRO 42  42  42  PRO PRO A . n 
A 1 43  VAL 43  43  43  VAL VAL A . n 
A 1 44  ASN 44  44  44  ASN ASN A . n 
A 1 45  THR 45  45  45  THR THR A . n 
A 1 46  PHE 46  46  46  PHE PHE A . n 
A 1 47  VAL 47  47  47  VAL VAL A . n 
A 1 48  HIS 48  48  48  HIS HIS A . n 
A 1 49  GLU 49  49  49  GLU GLU A . n 
A 1 50  SER 50  50  50  SER SER A . n 
A 1 51  LEU 51  51  51  LEU LEU A . n 
A 1 52  ALA 52  52  52  ALA ALA A . n 
A 1 53  ASP 53  53  53  ASP ASP A . n 
A 1 54  VAL 54  54  54  VAL VAL A . n 
A 1 55  GLN 55  55  55  GLN GLN A . n 
A 1 56  ALA 56  56  56  ALA ALA A . n 
A 1 57  VAL 57  57  57  VAL VAL A . n 
A 1 58  CYS 58  58  58  CYS CYS A . n 
A 1 59  SER 59  59  59  SER SER A . n 
A 1 60  GLN 60  60  60  GLN GLN A . n 
A 1 61  LYS 61  61  61  LYS LYS A . n 
A 1 62  ASN 62  62  62  ASN ASN A . n 
A 1 63  VAL 63  63  63  VAL VAL A . n 
A 1 64  ALA 64  64  64  ALA ALA A . n 
A 1 65  CYS 65  65  65  CYS CYS A . n 
A 1 66  LYS 66  66  66  LYS LYS A . n 
A 1 67  ASN 67  67  67  ASN ASN A . n 
A 1 68  GLY 68  68  68  GLY GLY A . n 
A 1 69  GLN 69  69  69  GLN GLN A . n 
A 1 70  THR 70  70  70  THR THR A . n 
A 1 71  ASN 71  71  71  ASN ASN A . n 
A 1 72  CYS 72  72  72  CYS CYS A . n 
A 1 73  TYR 73  73  73  TYR TYR A . n 
A 1 74  GLN 74  74  74  GLN GLN A . n 
A 1 75  SER 75  75  75  SER SER A . n 
A 1 76  TYR 76  76  76  TYR TYR A . n 
A 1 77  SER 77  77  77  SER SER A . n 
A 1 78  THR 78  78  78  THR THR A . n 
A 1 79  MET 79  79  79  MET MET A . n 
A 1 80  SER 80  80  80  SER SER A . n 
A 1 81  ILE 81  81  81  ILE ILE A . n 
A 1 82  THR 82  82  82  THR THR A . n 
A 1 83  ASP 83  83  83  ASP ASP A . n 
A 1 84  CYS 84  84  84  CYS CYS A . n 
A 1 85  ARG 85  85  85  ARG ARG A . n 
A 1 86  GLU 86  86  86  GLU GLU A . n 
A 1 87  THR 87  87  87  THR THR A . n 
A 1 88  GLY 88  88  88  GLY GLY A . n 
A 1 89  SER 89  89  89  SER SER A . n 
A 1 90  SER 90  90  90  SER SER A . n 
A 1 91  LYS 91  91  91  LYS LYS A . n 
A 1 92  TYR 92  92  92  TYR TYR A . n 
A 1 93  PRO 93  93  93  PRO PRO A . n 
A 1 94  ASN 94  94  94  ASN ASN A . n 
A 1 95  CYS 95  95  95  CYS CYS A . n 
A 1 96  ALA 96  96  96  ALA ALA A . n 
A 1 97  TYR 97  97  97  TYR TYR A . n 
A 1 98  LYS 98  98  98  LYS LYS A . n 
A 1 99  THR 99  99  99  THR THR A . n 
A 1 100 THR 100 100 100 THR THR A . n 
A 1 101 GLN 101 101 101 GLN GLN A . n 
A 1 102 ALA 102 102 102 ALA ALA A . n 
A 1 103 ASN 103 103 103 ASN ASN A . n 
A 1 104 LYS 104 104 104 LYS LYS A . n 
A 1 105 HIS 105 105 105 HIS HIS A . n 
A 1 106 ALA 106 106 106 ALA ALA A . n 
A 1 107 ILE 107 107 107 ILE ILE A . n 
A 1 108 VAL 108 108 108 VAL VAL A . n 
A 1 109 ALA 109 109 109 ALA ALA A . n 
A 1 110 CYS 110 110 110 CYS CYS A . n 
A 1 111 GLU 111 111 111 GLU GLU A . n 
A 1 112 GLY 112 112 112 GLY GLY A . n 
A 1 113 ASN 113 113 113 ASN ASN A . n 
A 1 114 PRO 114 114 114 PRO PRO A . n 
A 1 115 TYR 115 115 115 TYR TYR A . n 
A 1 116 VAL 116 116 116 VAL VAL A . n 
A 1 117 PRO 117 117 117 PRO PRO A . n 
A 1 118 VAL 118 118 118 VAL VAL A . n 
A 1 119 HIS 119 119 119 HIS HIS A . n 
A 1 120 PHE 120 120 120 PHE PHE A . n 
A 1 121 ASP 121 121 121 ASP ASP A . n 
A 1 122 ALA 122 122 122 ALA ALA A . n 
A 1 123 SER 123 123 123 SER SER A . n 
A 1 124 VAL 124 124 124 VAL VAL A . n 
# 
loop_
_pdbx_nonpoly_scheme.asym_id 
_pdbx_nonpoly_scheme.entity_id 
_pdbx_nonpoly_scheme.mon_id 
_pdbx_nonpoly_scheme.ndb_seq_num 
_pdbx_nonpoly_scheme.pdb_seq_num 
_pdbx_nonpoly_scheme.auth_seq_num 
_pdbx_nonpoly_scheme.pdb_mon_id 
_pdbx_nonpoly_scheme.auth_mon_id 
_pdbx_nonpoly_scheme.pdb_strand_id 
_pdbx_nonpoly_scheme.pdb_ins_code 
B 2 CL  1   125  1    CL  CL  A . 
C 2 CL  1   126  2    CL  CL  A . 
D 2 CL  1   127  3    CL  CL  A . 
E 2 CL  1   128  4    CL  CL  A . 
F 2 CL  1   129  5    CL  CL  A . 
G 3 SO4 1   4770 4770 SO4 SO4 A . 
H 4 HOH 1   1001 1    HOH HOH A . 
H 4 HOH 2   1002 2    HOH HOH A . 
H 4 HOH 3   1003 3    HOH HOH A . 
H 4 HOH 4   1004 4    HOH HOH A . 
H 4 HOH 5   1005 5    HOH HOH A . 
H 4 HOH 6   1006 6    HOH HOH A . 
H 4 HOH 7   1007 7    HOH HOH A . 
H 4 HOH 8   1008 8    HOH HOH A . 
H 4 HOH 9   1009 9    HOH HOH A . 
H 4 HOH 10  1010 10   HOH HOH A . 
H 4 HOH 11  1011 11   HOH HOH A . 
H 4 HOH 12  1012 12   HOH HOH A . 
H 4 HOH 13  1013 13   HOH HOH A . 
H 4 HOH 14  1015 15   HOH HOH A . 
H 4 HOH 15  1016 16   HOH HOH A . 
H 4 HOH 16  1017 17   HOH HOH A . 
H 4 HOH 17  1018 18   HOH HOH A . 
H 4 HOH 18  1019 19   HOH HOH A . 
H 4 HOH 19  1020 20   HOH HOH A . 
H 4 HOH 20  1021 21   HOH HOH A . 
H 4 HOH 21  1022 22   HOH HOH A . 
H 4 HOH 22  1023 23   HOH HOH A . 
H 4 HOH 23  1024 24   HOH HOH A . 
H 4 HOH 24  1025 25   HOH HOH A . 
H 4 HOH 25  1026 26   HOH HOH A . 
H 4 HOH 26  1027 27   HOH HOH A . 
H 4 HOH 27  1028 28   HOH HOH A . 
H 4 HOH 28  1029 29   HOH HOH A . 
H 4 HOH 29  1030 30   HOH HOH A . 
H 4 HOH 30  1031 31   HOH HOH A . 
H 4 HOH 31  1032 32   HOH HOH A . 
H 4 HOH 32  1033 33   HOH HOH A . 
H 4 HOH 33  1034 34   HOH HOH A . 
H 4 HOH 34  1035 35   HOH HOH A . 
H 4 HOH 35  1036 36   HOH HOH A . 
H 4 HOH 36  1037 37   HOH HOH A . 
H 4 HOH 37  1038 38   HOH HOH A . 
H 4 HOH 38  1039 39   HOH HOH A . 
H 4 HOH 39  1040 40   HOH HOH A . 
H 4 HOH 40  1041 41   HOH HOH A . 
H 4 HOH 41  1042 42   HOH HOH A . 
H 4 HOH 42  1043 43   HOH HOH A . 
H 4 HOH 43  1044 44   HOH HOH A . 
H 4 HOH 44  1045 45   HOH HOH A . 
H 4 HOH 45  1046 46   HOH HOH A . 
H 4 HOH 46  1047 47   HOH HOH A . 
H 4 HOH 47  1048 48   HOH HOH A . 
H 4 HOH 48  1049 49   HOH HOH A . 
H 4 HOH 49  1050 50   HOH HOH A . 
H 4 HOH 50  1051 51   HOH HOH A . 
H 4 HOH 51  1052 52   HOH HOH A . 
H 4 HOH 52  1053 53   HOH HOH A . 
H 4 HOH 53  1054 54   HOH HOH A . 
H 4 HOH 54  1055 55   HOH HOH A . 
H 4 HOH 55  1056 56   HOH HOH A . 
H 4 HOH 56  1057 57   HOH HOH A . 
H 4 HOH 57  1058 58   HOH HOH A . 
H 4 HOH 58  1059 59   HOH HOH A . 
H 4 HOH 59  1060 60   HOH HOH A . 
H 4 HOH 60  1061 61   HOH HOH A . 
H 4 HOH 61  1062 62   HOH HOH A . 
H 4 HOH 62  1063 63   HOH HOH A . 
H 4 HOH 63  1064 64   HOH HOH A . 
H 4 HOH 64  1065 65   HOH HOH A . 
H 4 HOH 65  1066 66   HOH HOH A . 
H 4 HOH 66  1067 67   HOH HOH A . 
H 4 HOH 67  1068 68   HOH HOH A . 
H 4 HOH 68  1069 69   HOH HOH A . 
H 4 HOH 69  1070 70   HOH HOH A . 
H 4 HOH 70  1071 71   HOH HOH A . 
H 4 HOH 71  1072 72   HOH HOH A . 
H 4 HOH 72  1073 73   HOH HOH A . 
H 4 HOH 73  1074 74   HOH HOH A . 
H 4 HOH 74  1075 75   HOH HOH A . 
H 4 HOH 75  1076 76   HOH HOH A . 
H 4 HOH 76  1077 77   HOH HOH A . 
H 4 HOH 77  1078 78   HOH HOH A . 
H 4 HOH 78  1079 79   HOH HOH A . 
H 4 HOH 79  1080 80   HOH HOH A . 
H 4 HOH 80  1081 81   HOH HOH A . 
H 4 HOH 81  1082 82   HOH HOH A . 
H 4 HOH 82  1083 83   HOH HOH A . 
H 4 HOH 83  1084 84   HOH HOH A . 
H 4 HOH 84  1085 85   HOH HOH A . 
H 4 HOH 85  1086 86   HOH HOH A . 
H 4 HOH 86  1087 87   HOH HOH A . 
H 4 HOH 87  1088 88   HOH HOH A . 
H 4 HOH 88  1089 89   HOH HOH A . 
H 4 HOH 89  1090 90   HOH HOH A . 
H 4 HOH 90  1091 91   HOH HOH A . 
H 4 HOH 91  1092 92   HOH HOH A . 
H 4 HOH 92  1093 93   HOH HOH A . 
H 4 HOH 93  1094 94   HOH HOH A . 
H 4 HOH 94  1095 95   HOH HOH A . 
H 4 HOH 95  1096 96   HOH HOH A . 
H 4 HOH 96  1097 97   HOH HOH A . 
H 4 HOH 97  1098 98   HOH HOH A . 
H 4 HOH 98  1099 99   HOH HOH A . 
H 4 HOH 99  1100 100  HOH HOH A . 
H 4 HOH 100 1101 101  HOH HOH A . 
H 4 HOH 101 1102 102  HOH HOH A . 
H 4 HOH 102 1103 103  HOH HOH A . 
H 4 HOH 103 1104 104  HOH HOH A . 
H 4 HOH 104 1105 105  HOH HOH A . 
H 4 HOH 105 1106 106  HOH HOH A . 
H 4 HOH 106 1107 107  HOH HOH A . 
H 4 HOH 107 1108 108  HOH HOH A . 
H 4 HOH 108 1109 109  HOH HOH A . 
H 4 HOH 109 1110 110  HOH HOH A . 
H 4 HOH 110 1111 111  HOH HOH A . 
H 4 HOH 111 1112 112  HOH HOH A . 
H 4 HOH 112 1113 113  HOH HOH A . 
H 4 HOH 113 1114 114  HOH HOH A . 
H 4 HOH 114 1115 115  HOH HOH A . 
H 4 HOH 115 1116 116  HOH HOH A . 
H 4 HOH 116 1117 117  HOH HOH A . 
H 4 HOH 117 1118 118  HOH HOH A . 
H 4 HOH 118 1119 119  HOH HOH A . 
H 4 HOH 119 1120 120  HOH HOH A . 
H 4 HOH 120 1121 121  HOH HOH A . 
H 4 HOH 121 1122 122  HOH HOH A . 
H 4 HOH 122 1123 123  HOH HOH A . 
H 4 HOH 123 1124 124  HOH HOH A . 
H 4 HOH 124 1125 125  HOH HOH A . 
H 4 HOH 125 1126 126  HOH HOH A . 
H 4 HOH 126 1127 127  HOH HOH A . 
H 4 HOH 127 1128 128  HOH HOH A . 
H 4 HOH 128 1129 129  HOH HOH A . 
H 4 HOH 129 1130 130  HOH HOH A . 
H 4 HOH 130 1131 131  HOH HOH A . 
H 4 HOH 131 1132 132  HOH HOH A . 
H 4 HOH 132 1133 133  HOH HOH A . 
H 4 HOH 133 1134 134  HOH HOH A . 
H 4 HOH 134 1135 135  HOH HOH A . 
H 4 HOH 135 1136 136  HOH HOH A . 
H 4 HOH 136 1137 137  HOH HOH A . 
H 4 HOH 137 1138 138  HOH HOH A . 
H 4 HOH 138 1139 139  HOH HOH A . 
H 4 HOH 139 1140 140  HOH HOH A . 
H 4 HOH 140 1141 141  HOH HOH A . 
H 4 HOH 141 1142 142  HOH HOH A . 
H 4 HOH 142 1143 143  HOH HOH A . 
H 4 HOH 143 1144 144  HOH HOH A . 
H 4 HOH 144 1145 145  HOH HOH A . 
H 4 HOH 145 1146 146  HOH HOH A . 
H 4 HOH 146 1147 147  HOH HOH A . 
H 4 HOH 147 1148 148  HOH HOH A . 
H 4 HOH 148 1149 149  HOH HOH A . 
H 4 HOH 149 1150 150  HOH HOH A . 
H 4 HOH 150 1151 151  HOH HOH A . 
H 4 HOH 151 1152 152  HOH HOH A . 
H 4 HOH 152 1153 153  HOH HOH A . 
H 4 HOH 153 1154 154  HOH HOH A . 
H 4 HOH 154 1155 155  HOH HOH A . 
H 4 HOH 155 1156 156  HOH HOH A . 
H 4 HOH 156 1157 157  HOH HOH A . 
H 4 HOH 157 1158 158  HOH HOH A . 
H 4 HOH 158 1159 159  HOH HOH A . 
H 4 HOH 159 1160 160  HOH HOH A . 
H 4 HOH 160 1161 161  HOH HOH A . 
H 4 HOH 161 1162 162  HOH HOH A . 
H 4 HOH 162 1163 163  HOH HOH A . 
H 4 HOH 163 1164 164  HOH HOH A . 
H 4 HOH 164 1165 165  HOH HOH A . 
H 4 HOH 165 1166 166  HOH HOH A . 
H 4 HOH 166 1167 167  HOH HOH A . 
H 4 HOH 167 1168 168  HOH HOH A . 
H 4 HOH 168 1169 169  HOH HOH A . 
H 4 HOH 169 1170 170  HOH HOH A . 
H 4 HOH 170 1171 171  HOH HOH A . 
H 4 HOH 171 1172 172  HOH HOH A . 
H 4 HOH 172 1173 173  HOH HOH A . 
H 4 HOH 173 1174 174  HOH HOH A . 
H 4 HOH 174 1175 175  HOH HOH A . 
H 4 HOH 175 1176 176  HOH HOH A . 
H 4 HOH 176 1177 177  HOH HOH A . 
H 4 HOH 177 1178 178  HOH HOH A . 
H 4 HOH 178 1179 179  HOH HOH A . 
H 4 HOH 179 1180 180  HOH HOH A . 
H 4 HOH 180 1181 181  HOH HOH A . 
H 4 HOH 181 1182 182  HOH HOH A . 
H 4 HOH 182 1183 183  HOH HOH A . 
H 4 HOH 183 1184 184  HOH HOH A . 
H 4 HOH 184 1185 185  HOH HOH A . 
H 4 HOH 185 1186 186  HOH HOH A . 
H 4 HOH 186 1187 187  HOH HOH A . 
H 4 HOH 187 1188 188  HOH HOH A . 
H 4 HOH 188 1189 189  HOH HOH A . 
H 4 HOH 189 1190 190  HOH HOH A . 
H 4 HOH 190 1191 191  HOH HOH A . 
H 4 HOH 191 1192 192  HOH HOH A . 
H 4 HOH 192 1193 193  HOH HOH A . 
H 4 HOH 193 1194 194  HOH HOH A . 
H 4 HOH 194 1195 195  HOH HOH A . 
H 4 HOH 195 1196 196  HOH HOH A . 
H 4 HOH 196 1197 197  HOH HOH A . 
H 4 HOH 197 1198 198  HOH HOH A . 
H 4 HOH 198 1199 199  HOH HOH A . 
H 4 HOH 199 1200 200  HOH HOH A . 
H 4 HOH 200 1201 201  HOH HOH A . 
H 4 HOH 201 1202 202  HOH HOH A . 
H 4 HOH 202 1203 203  HOH HOH A . 
H 4 HOH 203 1204 204  HOH HOH A . 
H 4 HOH 204 1205 205  HOH HOH A . 
H 4 HOH 205 1206 206  HOH HOH A . 
H 4 HOH 206 1207 207  HOH HOH A . 
H 4 HOH 207 1208 208  HOH HOH A . 
H 4 HOH 208 1209 209  HOH HOH A . 
H 4 HOH 209 1210 210  HOH HOH A . 
H 4 HOH 210 1211 211  HOH HOH A . 
H 4 HOH 211 1212 212  HOH HOH A . 
H 4 HOH 212 1213 213  HOH HOH A . 
H 4 HOH 213 1214 214  HOH HOH A . 
H 4 HOH 214 1215 215  HOH HOH A . 
H 4 HOH 215 1216 216  HOH HOH A . 
H 4 HOH 216 1217 217  HOH HOH A . 
H 4 HOH 217 1218 218  HOH HOH A . 
H 4 HOH 218 1219 219  HOH HOH A . 
H 4 HOH 219 1220 220  HOH HOH A . 
H 4 HOH 220 1221 221  HOH HOH A . 
H 4 HOH 221 1222 222  HOH HOH A . 
H 4 HOH 222 1223 223  HOH HOH A . 
H 4 HOH 223 1224 224  HOH HOH A . 
H 4 HOH 224 1225 225  HOH HOH A . 
H 4 HOH 225 1226 226  HOH HOH A . 
H 4 HOH 226 1227 227  HOH HOH A . 
H 4 HOH 227 1228 228  HOH HOH A . 
H 4 HOH 228 1229 229  HOH HOH A . 
H 4 HOH 229 1230 230  HOH HOH A . 
H 4 HOH 230 1231 231  HOH HOH A . 
H 4 HOH 231 1232 232  HOH HOH A . 
H 4 HOH 232 1233 233  HOH HOH A . 
H 4 HOH 233 1234 234  HOH HOH A . 
H 4 HOH 234 1235 235  HOH HOH A . 
H 4 HOH 235 1236 236  HOH HOH A . 
H 4 HOH 236 1237 237  HOH HOH A . 
H 4 HOH 237 1238 238  HOH HOH A . 
H 4 HOH 238 1239 239  HOH HOH A . 
H 4 HOH 239 1240 240  HOH HOH A . 
# 
loop_
_software.name 
_software.version 
_software.date 
_software.type 
_software.contact_author 
_software.contact_author_email 
_software.classification 
_software.location 
_software.language 
_software.citation_id 
_software.pdbx_ordinal 
DENZO       .     ?               package 'Zbyszek Otwinowski' hkl@hkl-xray.com      'data reduction'  http://www.hkl-xray.com/ ? 
? 1 
SCALEPACK   .     ?               package 'Zbyszek Otwinowski' hkl@hkl-xray.com      'data scaling'    http://www.hkl-xray.com/ ? 
? 2 
CNS         1.1   ?               package 'Axel T. Brunger'    axel.brunger@yale.edu refinement        http://cns-online.org/ 
Fortran_77 ? 3 
PDB_EXTRACT 3.006 'June 11, 2008' package PDB                  help@deposit.rcsb.org 'data extraction' 
http://sw-tools.pdb.org/apps/PDB_EXTRACT/ C++        ? 4 
HKL-2000    .     ?               ?       ?                    ?                     'data collection' ? ?          ? 5 
CNS         .     ?               ?       ?                    ?                     phasing           ? ?          ? 6 
# 
_cell.length_a           64.331 
_cell.length_b           64.331 
_cell.length_c           63.922 
_cell.angle_alpha        90.000 
_cell.angle_beta         90.000 
_cell.angle_gamma        120.000 
_cell.entry_id           3DIB 
_cell.pdbx_unique_axis   ? 
_cell.Z_PDB              6 
_cell.length_a_esd       ? 
_cell.length_b_esd       ? 
_cell.length_c_esd       ? 
_cell.angle_alpha_esd    ? 
_cell.angle_beta_esd     ? 
_cell.angle_gamma_esd    ? 
# 
_symmetry.space_group_name_H-M             'P 32 2 1' 
_symmetry.entry_id                         3DIB 
_symmetry.pdbx_full_space_group_name_H-M   ? 
_symmetry.Int_Tables_number                154 
_symmetry.cell_setting                     ? 
_symmetry.space_group_name_Hall            ? 
# 
_exptl.crystals_number   1 
_exptl.entry_id          3DIB 
_exptl.method            'X-RAY DIFFRACTION' 
# 
_exptl_crystal.id                    1 
_exptl_crystal.pdbx_mosaicity        ? 
_exptl_crystal.pdbx_mosaicity_esd    ? 
_exptl_crystal.density_Matthews      2.79 
_exptl_crystal.density_diffrn        ? 
_exptl_crystal.density_meas          ? 
_exptl_crystal.density_meas_temp     ? 
_exptl_crystal.density_percent_sol   55.98 
_exptl_crystal.size_max              ? 
_exptl_crystal.size_mid              ? 
_exptl_crystal.size_min              ? 
_exptl_crystal.size_rad              ? 
_exptl_crystal.description           ? 
_exptl_crystal.F_000                 ? 
_exptl_crystal.preparation           ? 
# 
_exptl_crystal_grow.crystal_id      1 
_exptl_crystal_grow.method          'VAPOR DIFFUSION, HANGING DROP' 
_exptl_crystal_grow.pH              6.0 
_exptl_crystal_grow.temp            298 
_exptl_crystal_grow.pdbx_details    
'ammonium sulfate, sodium chloride, sodium acetate, pH 6.0, vapor diffusion, hanging drop, temperature 298K' 
_exptl_crystal_grow.temp_details    ? 
_exptl_crystal_grow.pdbx_pH_range   . 
# 
_diffrn.id                     1 
_diffrn.ambient_temp           273 
_diffrn.ambient_temp_details   ? 
_diffrn.crystal_id             1 
# 
_diffrn_detector.diffrn_id              1 
_diffrn_detector.detector               CCD 
_diffrn_detector.type                   'Nonius Kappa CCD' 
_diffrn_detector.pdbx_collection_date   2005-08-25 
_diffrn_detector.details                ? 
# 
_diffrn_radiation.diffrn_id                        1 
_diffrn_radiation.pdbx_diffrn_protocol             'SINGLE WAVELENGTH' 
_diffrn_radiation.monochromator                    GRAPHITE 
_diffrn_radiation.wavelength_id                    1 
_diffrn_radiation.pdbx_monochromatic_or_laue_m_l   M 
_diffrn_radiation.pdbx_scattering_type             x-ray 
# 
_diffrn_radiation_wavelength.id           1 
_diffrn_radiation_wavelength.wavelength   0.7107 
_diffrn_radiation_wavelength.wt           1.0 
# 
_diffrn_source.diffrn_id                   1 
_diffrn_source.source                      'SEALED TUBE' 
_diffrn_source.type                        'ENRAF-NONIUS FR590' 
_diffrn_source.pdbx_wavelength_list        0.7107 
_diffrn_source.pdbx_wavelength             ? 
_diffrn_source.pdbx_synchrotron_site       ? 
_diffrn_source.pdbx_synchrotron_beamline   ? 
# 
_reflns.entry_id                     3DIB 
_reflns.observed_criterion_sigma_F   ? 
_reflns.observed_criterion_sigma_I   ? 
_reflns.d_resolution_high            1.4 
_reflns.d_resolution_low             10.0 
_reflns.number_all                   ? 
_reflns.number_obs                   34686 
_reflns.percent_possible_obs         ? 
_reflns.pdbx_Rmerge_I_obs            ? 
_reflns.pdbx_Rsym_value              ? 
_reflns.pdbx_netI_over_sigmaI        ? 
_reflns.pdbx_redundancy              ? 
_reflns.R_free_details               ? 
_reflns.limit_h_max                  ? 
_reflns.limit_h_min                  ? 
_reflns.limit_k_max                  ? 
_reflns.limit_k_min                  ? 
_reflns.limit_l_max                  ? 
_reflns.limit_l_min                  ? 
_reflns.observed_criterion_F_max     ? 
_reflns.observed_criterion_F_min     ? 
_reflns.pdbx_chi_squared             ? 
_reflns.pdbx_scaling_rejects         ? 
_reflns.B_iso_Wilson_estimate        7.9 
_reflns.pdbx_ordinal                 1 
_reflns.pdbx_diffrn_id               1 
# 
_refine.entry_id                                 3DIB 
_refine.ls_number_reflns_obs                     29801 
_refine.ls_number_reflns_all                     ? 
_refine.pdbx_ls_sigma_I                          ? 
_refine.pdbx_ls_sigma_F                          0.0 
_refine.pdbx_data_cutoff_high_absF               154426.12 
_refine.pdbx_data_cutoff_low_absF                0.000000 
_refine.pdbx_data_cutoff_high_rms_absF           ? 
_refine.ls_d_res_low                             10.0 
_refine.ls_d_res_high                            1.40 
_refine.ls_percent_reflns_obs                    97.9 
_refine.ls_R_factor_obs                          0.185 
_refine.ls_R_factor_all                          ? 
_refine.ls_R_factor_R_work                       0.185 
_refine.ls_R_factor_R_free                       0.218 
_refine.ls_R_factor_R_free_error                 0.005 
_refine.ls_R_factor_R_free_error_details         ? 
_refine.ls_percent_reflns_R_free                 10.2 
_refine.ls_number_reflns_R_free                  3028 
_refine.ls_number_parameters                     ? 
_refine.ls_number_restraints                     ? 
_refine.occupancy_min                            ? 
_refine.occupancy_max                            ? 
_refine.correlation_coeff_Fo_to_Fc               ? 
_refine.correlation_coeff_Fo_to_Fc_free          ? 
_refine.B_iso_mean                               12.6 
_refine.aniso_B[1][1]                            0.26 
_refine.aniso_B[2][2]                            0.26 
_refine.aniso_B[3][3]                            -0.53 
_refine.aniso_B[1][2]                            0.68 
_refine.aniso_B[1][3]                            0.00 
_refine.aniso_B[2][3]                            0.00 
_refine.solvent_model_details                    'FLAT MODEL' 
_refine.solvent_model_param_ksol                 0.467979 
_refine.solvent_model_param_bsol                 39.3828 
_refine.pdbx_solvent_vdw_probe_radii             ? 
_refine.pdbx_solvent_ion_probe_radii             ? 
_refine.pdbx_solvent_shrinkage_radii             ? 
_refine.pdbx_ls_cross_valid_method               THROUGHOUT 
_refine.details                                  ? 
_refine.pdbx_starting_model                      'PDB ENTRY 1FS3' 
_refine.pdbx_method_to_determine_struct          'MOLECULAR REPLACEMENT' 
_refine.pdbx_isotropic_thermal_model             RESTRAINED 
_refine.pdbx_stereochemistry_target_values       ? 
_refine.pdbx_stereochem_target_val_spec_case     ? 
_refine.pdbx_R_Free_selection_details            RANDOM 
_refine.pdbx_overall_ESU_R                       ? 
_refine.pdbx_overall_ESU_R_Free                  ? 
_refine.overall_SU_ML                            ? 
_refine.pdbx_overall_phase_error                 ? 
_refine.overall_SU_B                             ? 
_refine.ls_redundancy_reflns_obs                 ? 
_refine.B_iso_min                                ? 
_refine.B_iso_max                                ? 
_refine.overall_SU_R_Cruickshank_DPI             ? 
_refine.overall_SU_R_free                        ? 
_refine.ls_wR_factor_R_free                      ? 
_refine.ls_wR_factor_R_work                      ? 
_refine.overall_FOM_free_R_set                   ? 
_refine.overall_FOM_work_R_set                   ? 
_refine.pdbx_refine_id                           'X-RAY DIFFRACTION' 
_refine.pdbx_diffrn_id                           1 
_refine.pdbx_TLS_residual_ADP_flag               ? 
_refine.pdbx_overall_SU_R_free_Cruickshank_DPI   ? 
_refine.pdbx_overall_SU_R_Blow_DPI               ? 
_refine.pdbx_overall_SU_R_free_Blow_DPI          ? 
# 
_refine_analyze.entry_id                        3DIB 
_refine_analyze.Luzzati_coordinate_error_obs    0.20 
_refine_analyze.Luzzati_sigma_a_obs             0.13 
_refine_analyze.Luzzati_d_res_low_obs           5.00 
_refine_analyze.Luzzati_coordinate_error_free   0.22 
_refine_analyze.Luzzati_sigma_a_free            0.16 
_refine_analyze.Luzzati_d_res_low_free          ? 
_refine_analyze.number_disordered_residues      ? 
_refine_analyze.occupancy_sum_hydrogen          ? 
_refine_analyze.occupancy_sum_non_hydrogen      ? 
_refine_analyze.pdbx_Luzzati_d_res_high_obs     ? 
_refine_analyze.pdbx_refine_id                  'X-RAY DIFFRACTION' 
# 
_refine_hist.pdbx_refine_id                   'X-RAY DIFFRACTION' 
_refine_hist.cycle_id                         LAST 
_refine_hist.pdbx_number_atoms_protein        948 
_refine_hist.pdbx_number_atoms_nucleic_acid   0 
_refine_hist.pdbx_number_atoms_ligand         10 
_refine_hist.number_atoms_solvent             239 
_refine_hist.number_atoms_total               1197 
_refine_hist.d_res_high                       1.40 
_refine_hist.d_res_low                        10.0 
# 
loop_
_refine_ls_restr.type 
_refine_ls_restr.dev_ideal 
_refine_ls_restr.dev_ideal_target 
_refine_ls_restr.weight 
_refine_ls_restr.number 
_refine_ls_restr.pdbx_refine_id 
_refine_ls_restr.pdbx_restraint_function 
c_bond_d                0.016 ?    ? ? 'X-RAY DIFFRACTION' ? 
c_bond_d_na             ?     ?    ? ? 'X-RAY DIFFRACTION' ? 
c_bond_d_prot           ?     ?    ? ? 'X-RAY DIFFRACTION' ? 
c_angle_d               ?     ?    ? ? 'X-RAY DIFFRACTION' ? 
c_angle_d_na            ?     ?    ? ? 'X-RAY DIFFRACTION' ? 
c_angle_d_prot          ?     ?    ? ? 'X-RAY DIFFRACTION' ? 
c_angle_deg             1.9   ?    ? ? 'X-RAY DIFFRACTION' ? 
c_angle_deg_na          ?     ?    ? ? 'X-RAY DIFFRACTION' ? 
c_angle_deg_prot        ?     ?    ? ? 'X-RAY DIFFRACTION' ? 
c_dihedral_angle_d      25.7  ?    ? ? 'X-RAY DIFFRACTION' ? 
c_dihedral_angle_d_na   ?     ?    ? ? 'X-RAY DIFFRACTION' ? 
c_dihedral_angle_d_prot ?     ?    ? ? 'X-RAY DIFFRACTION' ? 
c_improper_angle_d      1.28  ?    ? ? 'X-RAY DIFFRACTION' ? 
c_improper_angle_d_na   ?     ?    ? ? 'X-RAY DIFFRACTION' ? 
c_improper_angle_d_prot ?     ?    ? ? 'X-RAY DIFFRACTION' ? 
c_mcbond_it             2.93  1.50 ? ? 'X-RAY DIFFRACTION' ? 
c_mcangle_it            3.72  2.00 ? ? 'X-RAY DIFFRACTION' ? 
c_scbond_it             4.59  2.00 ? ? 'X-RAY DIFFRACTION' ? 
c_scangle_it            6.05  2.50 ? ? 'X-RAY DIFFRACTION' ? 
# 
_refine_ls_shell.pdbx_total_number_of_bins_used   6 
_refine_ls_shell.d_res_high                       1.40 
_refine_ls_shell.d_res_low                        1.49 
_refine_ls_shell.number_reflns_R_work             4356 
_refine_ls_shell.R_factor_R_work                  0.290 
_refine_ls_shell.percent_reflns_obs               97.2 
_refine_ls_shell.R_factor_R_free                  0.310 
_refine_ls_shell.R_factor_R_free_error            0.014 
_refine_ls_shell.percent_reflns_R_free            10.5 
_refine_ls_shell.number_reflns_R_free             510 
_refine_ls_shell.number_reflns_all                ? 
_refine_ls_shell.R_factor_all                     ? 
_refine_ls_shell.redundancy_reflns_obs            ? 
_refine_ls_shell.number_reflns_obs                ? 
_refine_ls_shell.pdbx_refine_id                   'X-RAY DIFFRACTION' 
# 
loop_
_pdbx_xplor_file.serial_no 
_pdbx_xplor_file.param_file 
_pdbx_xplor_file.topol_file 
_pdbx_xplor_file.pdbx_refine_id 
1 protein_rep.param protein.top 'X-RAY DIFFRACTION' 
2 dna-rna_rep.param dna-rna.top 'X-RAY DIFFRACTION' 
3 water_rep.param   water.top   'X-RAY DIFFRACTION' 
4 ion.param         ion.top     'X-RAY DIFFRACTION' 
# 
_struct.entry_id                  3DIB 
_struct.title                     'Crystal structure of bovine pancreatic ribonuclease A variant (I106A)' 
_struct.pdbx_model_details        ? 
_struct.pdbx_CASP_flag            ? 
_struct.pdbx_model_type_details   ? 
# 
_struct_keywords.entry_id        3DIB 
_struct_keywords.text            
'ribonuclease, RNase A, hydrolase, Bovine pancreas, Endonuclease, Glycation, Glycoprotein, Nuclease, Secreted' 
_struct_keywords.pdbx_keywords   HYDROLASE 
# 
loop_
_struct_asym.id 
_struct_asym.pdbx_blank_PDB_chainid_flag 
_struct_asym.pdbx_modified 
_struct_asym.entity_id 
_struct_asym.details 
A N N 1 ? 
B N N 2 ? 
C N N 2 ? 
D N N 2 ? 
E N N 2 ? 
F N N 2 ? 
G N N 3 ? 
H N N 4 ? 
# 
_struct_ref.id                         1 
_struct_ref.db_name                    UNP 
_struct_ref.db_code                    RNAS1_BOVIN 
_struct_ref.pdbx_db_accession          P61823 
_struct_ref.entity_id                  1 
_struct_ref.pdbx_seq_one_letter_code   
;KETAAAKFERQHMDSSTSAASSSNYCNQMMKSRNLTKDRCKPVNTFVHESLADVQAVCSQKNVACKNGQTNCYQSYSTMS
ITDCRETGSSKYPNCAYKTTQANKHIIVACEGNPYVPVHFDASV
;
_struct_ref.pdbx_align_begin           27 
_struct_ref.pdbx_db_isoform            ? 
# 
_struct_ref_seq.align_id                      1 
_struct_ref_seq.ref_id                        1 
_struct_ref_seq.pdbx_PDB_id_code              3DIB 
_struct_ref_seq.pdbx_strand_id                A 
_struct_ref_seq.seq_align_beg                 1 
_struct_ref_seq.pdbx_seq_align_beg_ins_code   ? 
_struct_ref_seq.seq_align_end                 124 
_struct_ref_seq.pdbx_seq_align_end_ins_code   ? 
_struct_ref_seq.pdbx_db_accession             P61823 
_struct_ref_seq.db_align_beg                  27 
_struct_ref_seq.pdbx_db_align_beg_ins_code    ? 
_struct_ref_seq.db_align_end                  150 
_struct_ref_seq.pdbx_db_align_end_ins_code    ? 
_struct_ref_seq.pdbx_auth_seq_align_beg       1 
_struct_ref_seq.pdbx_auth_seq_align_end       124 
# 
_struct_ref_seq_dif.align_id                     1 
_struct_ref_seq_dif.pdbx_pdb_id_code             3DIB 
_struct_ref_seq_dif.mon_id                       ALA 
_struct_ref_seq_dif.pdbx_pdb_strand_id           A 
_struct_ref_seq_dif.seq_num                      106 
_struct_ref_seq_dif.pdbx_pdb_ins_code            ? 
_struct_ref_seq_dif.pdbx_seq_db_name             UNP 
_struct_ref_seq_dif.pdbx_seq_db_accession_code   P61823 
_struct_ref_seq_dif.db_mon_id                    ILE 
_struct_ref_seq_dif.pdbx_seq_db_seq_num          132 
_struct_ref_seq_dif.details                      'engineered mutation' 
_struct_ref_seq_dif.pdbx_auth_seq_num            106 
_struct_ref_seq_dif.pdbx_ordinal                 1 
# 
loop_
_pdbx_struct_assembly.id 
_pdbx_struct_assembly.details 
_pdbx_struct_assembly.method_details 
_pdbx_struct_assembly.oligomeric_details 
_pdbx_struct_assembly.oligomeric_count 
1 author_and_software_defined_assembly PQS  monomeric 1 
2 software_defined_assembly            PISA dimeric   2 
# 
loop_
_pdbx_struct_assembly_prop.biol_id 
_pdbx_struct_assembly_prop.type 
_pdbx_struct_assembly_prop.value 
_pdbx_struct_assembly_prop.details 
2 'ABSA (A^2)' 3650  ? 
2 MORE         -116  ? 
2 'SSA (A^2)'  11760 ? 
# 
loop_
_pdbx_struct_assembly_gen.assembly_id 
_pdbx_struct_assembly_gen.oper_expression 
_pdbx_struct_assembly_gen.asym_id_list 
1 1   A,B,C,D,E,F,G,H 
2 1,2 A,B,C,D,E,F,G,H 
# 
loop_
_pdbx_struct_oper_list.id 
_pdbx_struct_oper_list.type 
_pdbx_struct_oper_list.name 
_pdbx_struct_oper_list.symmetry_operation 
_pdbx_struct_oper_list.matrix[1][1] 
_pdbx_struct_oper_list.matrix[1][2] 
_pdbx_struct_oper_list.matrix[1][3] 
_pdbx_struct_oper_list.vector[1] 
_pdbx_struct_oper_list.matrix[2][1] 
_pdbx_struct_oper_list.matrix[2][2] 
_pdbx_struct_oper_list.matrix[2][3] 
_pdbx_struct_oper_list.vector[2] 
_pdbx_struct_oper_list.matrix[3][1] 
_pdbx_struct_oper_list.matrix[3][2] 
_pdbx_struct_oper_list.matrix[3][3] 
_pdbx_struct_oper_list.vector[3] 
1 'identity operation'         1_555 x,y,z    1.0000000000  0.0000000000 0.0000000000 0.0000000000   0.0000000000 1.0000000000  0.0000000000 0.0000000000 0.0000000000 0.0000000000 1.0000000000 0.0000000000 
2 'crystal symmetry operation' 4_556 y,x,-z+1 -0.6541593144 0.3962613309 0.6442457210 -19.3496253837 0.3962613309 -0.5459671204 0.7381712952 6.3621072104 0.6442457210 0.7381712952 0.2001264349 6.4739749162 
# 
_struct_biol.id        1 
_struct_biol.details   ? 
# 
loop_
_struct_conf.conf_type_id 
_struct_conf.id 
_struct_conf.pdbx_PDB_helix_id 
_struct_conf.beg_label_comp_id 
_struct_conf.beg_label_asym_id 
_struct_conf.beg_label_seq_id 
_struct_conf.pdbx_beg_PDB_ins_code 
_struct_conf.end_label_comp_id 
_struct_conf.end_label_asym_id 
_struct_conf.end_label_seq_id 
_struct_conf.pdbx_end_PDB_ins_code 
_struct_conf.beg_auth_comp_id 
_struct_conf.beg_auth_asym_id 
_struct_conf.beg_auth_seq_id 
_struct_conf.end_auth_comp_id 
_struct_conf.end_auth_asym_id 
_struct_conf.end_auth_seq_id 
_struct_conf.pdbx_PDB_helix_class 
_struct_conf.details 
_struct_conf.pdbx_PDB_helix_length 
HELX_P HELX_P1 1 THR A 3  ? MET A 13 ? THR A 3  MET A 13 1 ? 11 
HELX_P HELX_P2 2 ASN A 24 ? ARG A 33 ? ASN A 24 ARG A 33 1 ? 10 
HELX_P HELX_P3 3 SER A 50 ? ALA A 56 ? SER A 50 ALA A 56 1 ? 7  
HELX_P HELX_P4 4 VAL A 57 ? GLN A 60 ? VAL A 57 GLN A 60 5 ? 4  
# 
_struct_conf_type.id          HELX_P 
_struct_conf_type.criteria    ? 
_struct_conf_type.reference   ? 
# 
loop_
_struct_conn.id 
_struct_conn.conn_type_id 
_struct_conn.pdbx_leaving_atom_flag 
_struct_conn.pdbx_PDB_id 
_struct_conn.ptnr1_label_asym_id 
_struct_conn.ptnr1_label_comp_id 
_struct_conn.ptnr1_label_seq_id 
_struct_conn.ptnr1_label_atom_id 
_struct_conn.pdbx_ptnr1_label_alt_id 
_struct_conn.pdbx_ptnr1_PDB_ins_code 
_struct_conn.pdbx_ptnr1_standard_comp_id 
_struct_conn.ptnr1_symmetry 
_struct_conn.ptnr2_label_asym_id 
_struct_conn.ptnr2_label_comp_id 
_struct_conn.ptnr2_label_seq_id 
_struct_conn.ptnr2_label_atom_id 
_struct_conn.pdbx_ptnr2_label_alt_id 
_struct_conn.pdbx_ptnr2_PDB_ins_code 
_struct_conn.ptnr1_auth_asym_id 
_struct_conn.ptnr1_auth_comp_id 
_struct_conn.ptnr1_auth_seq_id 
_struct_conn.ptnr2_auth_asym_id 
_struct_conn.ptnr2_auth_comp_id 
_struct_conn.ptnr2_auth_seq_id 
_struct_conn.ptnr2_symmetry 
_struct_conn.pdbx_ptnr3_label_atom_id 
_struct_conn.pdbx_ptnr3_label_seq_id 
_struct_conn.pdbx_ptnr3_label_comp_id 
_struct_conn.pdbx_ptnr3_label_asym_id 
_struct_conn.pdbx_ptnr3_label_alt_id 
_struct_conn.pdbx_ptnr3_PDB_ins_code 
_struct_conn.details 
_struct_conn.pdbx_dist_value 
_struct_conn.pdbx_value_order 
_struct_conn.pdbx_role 
disulf1 disulf ? ? A CYS 26 SG ? ? ? 1_555 A CYS 84  SG ? ? A CYS 26 A CYS 84  1_555 ? ? ? ? ? ? ? 2.030 ? ? 
disulf2 disulf ? ? A CYS 40 SG ? ? ? 1_555 A CYS 95  SG ? ? A CYS 40 A CYS 95  1_555 ? ? ? ? ? ? ? 2.025 ? ? 
disulf3 disulf ? ? A CYS 58 SG ? ? ? 1_555 A CYS 110 SG ? ? A CYS 58 A CYS 110 1_555 ? ? ? ? ? ? ? 2.017 ? ? 
disulf4 disulf ? ? A CYS 65 SG ? ? ? 1_555 A CYS 72  SG ? ? A CYS 65 A CYS 72  1_555 ? ? ? ? ? ? ? 2.006 ? ? 
# 
_struct_conn_type.id          disulf 
_struct_conn_type.criteria    ? 
_struct_conn_type.reference   ? 
# 
loop_
_pdbx_modification_feature.ordinal 
_pdbx_modification_feature.label_comp_id 
_pdbx_modification_feature.label_asym_id 
_pdbx_modification_feature.label_seq_id 
_pdbx_modification_feature.label_alt_id 
_pdbx_modification_feature.modified_residue_label_comp_id 
_pdbx_modification_feature.modified_residue_label_asym_id 
_pdbx_modification_feature.modified_residue_label_seq_id 
_pdbx_modification_feature.modified_residue_label_alt_id 
_pdbx_modification_feature.auth_comp_id 
_pdbx_modification_feature.auth_asym_id 
_pdbx_modification_feature.auth_seq_id 
_pdbx_modification_feature.PDB_ins_code 
_pdbx_modification_feature.symmetry 
_pdbx_modification_feature.modified_residue_auth_comp_id 
_pdbx_modification_feature.modified_residue_auth_asym_id 
_pdbx_modification_feature.modified_residue_auth_seq_id 
_pdbx_modification_feature.modified_residue_PDB_ins_code 
_pdbx_modification_feature.modified_residue_symmetry 
_pdbx_modification_feature.comp_id_linking_atom 
_pdbx_modification_feature.modified_residue_id_linking_atom 
_pdbx_modification_feature.modified_residue_id 
_pdbx_modification_feature.ref_pcm_id 
_pdbx_modification_feature.ref_comp_id 
_pdbx_modification_feature.type 
_pdbx_modification_feature.category 
1 CYS A 26 ? CYS A 84  ? CYS A 26 ? 1_555 CYS A 84  ? 1_555 SG SG . . . None 'Disulfide bridge' 
2 CYS A 40 ? CYS A 95  ? CYS A 40 ? 1_555 CYS A 95  ? 1_555 SG SG . . . None 'Disulfide bridge' 
3 CYS A 58 ? CYS A 110 ? CYS A 58 ? 1_555 CYS A 110 ? 1_555 SG SG . . . None 'Disulfide bridge' 
4 CYS A 65 ? CYS A 72  ? CYS A 65 ? 1_555 CYS A 72  ? 1_555 SG SG . . . None 'Disulfide bridge' 
# 
loop_
_struct_mon_prot_cis.pdbx_id 
_struct_mon_prot_cis.label_comp_id 
_struct_mon_prot_cis.label_seq_id 
_struct_mon_prot_cis.label_asym_id 
_struct_mon_prot_cis.label_alt_id 
_struct_mon_prot_cis.pdbx_PDB_ins_code 
_struct_mon_prot_cis.auth_comp_id 
_struct_mon_prot_cis.auth_seq_id 
_struct_mon_prot_cis.auth_asym_id 
_struct_mon_prot_cis.pdbx_label_comp_id_2 
_struct_mon_prot_cis.pdbx_label_seq_id_2 
_struct_mon_prot_cis.pdbx_label_asym_id_2 
_struct_mon_prot_cis.pdbx_PDB_ins_code_2 
_struct_mon_prot_cis.pdbx_auth_comp_id_2 
_struct_mon_prot_cis.pdbx_auth_seq_id_2 
_struct_mon_prot_cis.pdbx_auth_asym_id_2 
_struct_mon_prot_cis.pdbx_PDB_model_num 
_struct_mon_prot_cis.pdbx_omega_angle 
1 TYR 92  A . ? TYR 92  A PRO 93  A ? PRO 93  A 1 0.24 
2 ASN 113 A . ? ASN 113 A PRO 114 A ? PRO 114 A 1 1.05 
# 
loop_
_struct_sheet.id 
_struct_sheet.type 
_struct_sheet.number_strands 
_struct_sheet.details 
A ? 5 ? 
B ? 4 ? 
# 
loop_
_struct_sheet_order.sheet_id 
_struct_sheet_order.range_id_1 
_struct_sheet_order.range_id_2 
_struct_sheet_order.offset 
_struct_sheet_order.sense 
A 1 2 ? anti-parallel 
A 2 3 ? anti-parallel 
A 3 4 ? anti-parallel 
A 4 5 ? anti-parallel 
B 1 2 ? anti-parallel 
B 2 3 ? anti-parallel 
B 3 4 ? anti-parallel 
# 
loop_
_struct_sheet_range.sheet_id 
_struct_sheet_range.id 
_struct_sheet_range.beg_label_comp_id 
_struct_sheet_range.beg_label_asym_id 
_struct_sheet_range.beg_label_seq_id 
_struct_sheet_range.pdbx_beg_PDB_ins_code 
_struct_sheet_range.end_label_comp_id 
_struct_sheet_range.end_label_asym_id 
_struct_sheet_range.end_label_seq_id 
_struct_sheet_range.pdbx_end_PDB_ins_code 
_struct_sheet_range.beg_auth_comp_id 
_struct_sheet_range.beg_auth_asym_id 
_struct_sheet_range.beg_auth_seq_id 
_struct_sheet_range.end_auth_comp_id 
_struct_sheet_range.end_auth_asym_id 
_struct_sheet_range.end_auth_seq_id 
A 1 VAL A 43  ? VAL A 47  ? VAL A 43  VAL A 47  
A 2 MET A 79  ? GLU A 86  ? MET A 79  GLU A 86  
A 3 TYR A 97  ? GLU A 111 ? TYR A 97  GLU A 111 
A 4 CYS A 72  ? GLN A 74  ? CYS A 72  GLN A 74  
A 5 LYS A 61  ? VAL A 63  ? LYS A 61  VAL A 63  
B 1 VAL A 43  ? VAL A 47  ? VAL A 43  VAL A 47  
B 2 MET A 79  ? GLU A 86  ? MET A 79  GLU A 86  
B 3 TYR A 97  ? GLU A 111 ? TYR A 97  GLU A 111 
B 4 VAL A 116 ? VAL A 124 ? VAL A 116 VAL A 124 
# 
loop_
_pdbx_struct_sheet_hbond.sheet_id 
_pdbx_struct_sheet_hbond.range_id_1 
_pdbx_struct_sheet_hbond.range_id_2 
_pdbx_struct_sheet_hbond.range_1_label_atom_id 
_pdbx_struct_sheet_hbond.range_1_label_comp_id 
_pdbx_struct_sheet_hbond.range_1_label_asym_id 
_pdbx_struct_sheet_hbond.range_1_label_seq_id 
_pdbx_struct_sheet_hbond.range_1_PDB_ins_code 
_pdbx_struct_sheet_hbond.range_1_auth_atom_id 
_pdbx_struct_sheet_hbond.range_1_auth_comp_id 
_pdbx_struct_sheet_hbond.range_1_auth_asym_id 
_pdbx_struct_sheet_hbond.range_1_auth_seq_id 
_pdbx_struct_sheet_hbond.range_2_label_atom_id 
_pdbx_struct_sheet_hbond.range_2_label_comp_id 
_pdbx_struct_sheet_hbond.range_2_label_asym_id 
_pdbx_struct_sheet_hbond.range_2_label_seq_id 
_pdbx_struct_sheet_hbond.range_2_PDB_ins_code 
_pdbx_struct_sheet_hbond.range_2_auth_atom_id 
_pdbx_struct_sheet_hbond.range_2_auth_comp_id 
_pdbx_struct_sheet_hbond.range_2_auth_asym_id 
_pdbx_struct_sheet_hbond.range_2_auth_seq_id 
A 1 2 N PHE A 46  ? N PHE A 46  O THR A 82  ? O THR A 82  
A 2 3 N ARG A 85  ? N ARG A 85  O LYS A 98  ? O LYS A 98  
A 3 4 O VAL A 108 ? O VAL A 108 N TYR A 73  ? N TYR A 73  
A 4 5 O GLN A 74  ? O GLN A 74  N LYS A 61  ? N LYS A 61  
B 1 2 N PHE A 46  ? N PHE A 46  O THR A 82  ? O THR A 82  
B 2 3 N ARG A 85  ? N ARG A 85  O LYS A 98  ? O LYS A 98  
B 3 4 N HIS A 105 ? N HIS A 105 O VAL A 124 ? O VAL A 124 
# 
loop_
_struct_site.id 
_struct_site.pdbx_evidence_code 
_struct_site.pdbx_auth_asym_id 
_struct_site.pdbx_auth_comp_id 
_struct_site.pdbx_auth_seq_id 
_struct_site.pdbx_auth_ins_code 
_struct_site.pdbx_num_residues 
_struct_site.details 
AC1 Software A CL  125  ? 4  'BINDING SITE FOR RESIDUE CL A 125'   
AC2 Software A CL  126  ? 3  'BINDING SITE FOR RESIDUE CL A 126'   
AC3 Software A CL  128  ? 3  'BINDING SITE FOR RESIDUE CL A 128'   
AC4 Software A CL  129  ? 5  'BINDING SITE FOR RESIDUE CL A 129'   
AC5 Software A SO4 4770 ? 11 'BINDING SITE FOR RESIDUE SO4 A 4770' 
# 
loop_
_struct_site_gen.id 
_struct_site_gen.site_id 
_struct_site_gen.pdbx_num_res 
_struct_site_gen.label_comp_id 
_struct_site_gen.label_asym_id 
_struct_site_gen.label_seq_id 
_struct_site_gen.pdbx_auth_ins_code 
_struct_site_gen.auth_comp_id 
_struct_site_gen.auth_asym_id 
_struct_site_gen.auth_seq_id 
_struct_site_gen.label_atom_id 
_struct_site_gen.label_alt_id 
_struct_site_gen.symmetry 
_struct_site_gen.details 
1  AC1 4  GLN A 74  ? GLN A 74   . ? 2_654 ? 
2  AC1 4  LYS A 98  ? LYS A 98   . ? 6_655 ? 
3  AC1 4  HIS A 105 ? HIS A 105  . ? 2_654 ? 
4  AC1 4  HOH H .   ? HOH A 1128 . ? 1_555 ? 
5  AC2 3  ARG A 10  ? ARG A 10   . ? 1_555 ? 
6  AC2 3  ASN A 34  ? ASN A 34   . ? 1_555 ? 
7  AC2 3  THR A 78  ? THR A 78   . ? 2_654 ? 
8  AC3 3  HIS A 12  ? HIS A 12   . ? 1_555 ? 
9  AC3 3  ASN A 44  ? ASN A 44   . ? 1_555 ? 
10 AC3 3  THR A 45  ? THR A 45   . ? 1_555 ? 
11 AC4 5  HIS A 12  ? HIS A 12   . ? 1_555 ? 
12 AC4 5  HIS A 119 ? HIS A 119  . ? 1_555 ? 
13 AC4 5  PHE A 120 ? PHE A 120  . ? 1_555 ? 
14 AC4 5  HOH H .   ? HOH A 1095 . ? 1_555 ? 
15 AC4 5  HOH H .   ? HOH A 1159 . ? 1_555 ? 
16 AC5 11 THR A 3   ? THR A 3    . ? 1_555 ? 
17 AC5 11 ALA A 4   ? ALA A 4    . ? 1_555 ? 
18 AC5 11 SER A 22  ? SER A 22   . ? 6_655 ? 
19 AC5 11 SER A 23  ? SER A 23   . ? 6_655 ? 
20 AC5 11 HOH H .   ? HOH A 1038 . ? 1_555 ? 
21 AC5 11 HOH H .   ? HOH A 1077 . ? 1_555 ? 
22 AC5 11 HOH H .   ? HOH A 1081 . ? 1_555 ? 
23 AC5 11 HOH H .   ? HOH A 1153 . ? 1_555 ? 
24 AC5 11 HOH H .   ? HOH A 1206 . ? 1_555 ? 
25 AC5 11 HOH H .   ? HOH A 1231 . ? 1_555 ? 
26 AC5 11 HOH H .   ? HOH A 1238 . ? 1_555 ? 
# 
_pdbx_entry_details.entry_id                   3DIB 
_pdbx_entry_details.compound_details           ? 
_pdbx_entry_details.source_details             ? 
_pdbx_entry_details.nonpolymer_details         ? 
_pdbx_entry_details.sequence_details           ? 
_pdbx_entry_details.has_ligand_of_interest     ? 
_pdbx_entry_details.has_protein_modification   Y 
# 
loop_
_pdbx_validate_close_contact.id 
_pdbx_validate_close_contact.PDB_model_num 
_pdbx_validate_close_contact.auth_atom_id_1 
_pdbx_validate_close_contact.auth_asym_id_1 
_pdbx_validate_close_contact.auth_comp_id_1 
_pdbx_validate_close_contact.auth_seq_id_1 
_pdbx_validate_close_contact.PDB_ins_code_1 
_pdbx_validate_close_contact.label_alt_id_1 
_pdbx_validate_close_contact.auth_atom_id_2 
_pdbx_validate_close_contact.auth_asym_id_2 
_pdbx_validate_close_contact.auth_comp_id_2 
_pdbx_validate_close_contact.auth_seq_id_2 
_pdbx_validate_close_contact.PDB_ins_code_2 
_pdbx_validate_close_contact.label_alt_id_2 
_pdbx_validate_close_contact.dist 
1 1 O   A SER 50   ? ? O A HOH 1004 ? ? 1.54 
2 1 N   A VAL 54   ? ? O A HOH 1004 ? ? 1.96 
3 1 O   A HOH 1070 ? ? O A HOH 1232 ? ? 2.07 
4 1 NH2 A ARG 85   ? ? O A HOH 1217 ? ? 2.11 
5 1 O   A HOH 1061 ? ? O A HOH 1132 ? ? 2.11 
6 1 O   A HOH 1113 ? ? O A HOH 1205 ? ? 2.19 
# 
_pdbx_validate_symm_contact.id                1 
_pdbx_validate_symm_contact.PDB_model_num     1 
_pdbx_validate_symm_contact.auth_atom_id_1    O 
_pdbx_validate_symm_contact.auth_asym_id_1    A 
_pdbx_validate_symm_contact.auth_comp_id_1    HOH 
_pdbx_validate_symm_contact.auth_seq_id_1     1220 
_pdbx_validate_symm_contact.PDB_ins_code_1    ? 
_pdbx_validate_symm_contact.label_alt_id_1    ? 
_pdbx_validate_symm_contact.site_symmetry_1   1_555 
_pdbx_validate_symm_contact.auth_atom_id_2    O 
_pdbx_validate_symm_contact.auth_asym_id_2    A 
_pdbx_validate_symm_contact.auth_comp_id_2    HOH 
_pdbx_validate_symm_contact.auth_seq_id_2     1220 
_pdbx_validate_symm_contact.PDB_ins_code_2    ? 
_pdbx_validate_symm_contact.label_alt_id_2    ? 
_pdbx_validate_symm_contact.site_symmetry_2   4_556 
_pdbx_validate_symm_contact.dist              2.02 
# 
loop_
_pdbx_validate_torsion.id 
_pdbx_validate_torsion.PDB_model_num 
_pdbx_validate_torsion.auth_comp_id 
_pdbx_validate_torsion.auth_asym_id 
_pdbx_validate_torsion.auth_seq_id 
_pdbx_validate_torsion.PDB_ins_code 
_pdbx_validate_torsion.label_alt_id 
_pdbx_validate_torsion.phi 
_pdbx_validate_torsion.psi 
1 1 SER A 21 ? ? -41.61  -93.67  
2 1 GLN A 60 ? ? -98.38  -134.27 
3 1 ASN A 94 ? ? -117.19 74.81   
# 
_pdbx_struct_special_symmetry.id              1 
_pdbx_struct_special_symmetry.PDB_model_num   1 
_pdbx_struct_special_symmetry.auth_asym_id    A 
_pdbx_struct_special_symmetry.auth_comp_id    HOH 
_pdbx_struct_special_symmetry.auth_seq_id     1230 
_pdbx_struct_special_symmetry.PDB_ins_code    ? 
_pdbx_struct_special_symmetry.label_asym_id   H 
_pdbx_struct_special_symmetry.label_comp_id   HOH 
_pdbx_struct_special_symmetry.label_seq_id    . 
# 
loop_
_chem_comp_atom.comp_id 
_chem_comp_atom.atom_id 
_chem_comp_atom.type_symbol 
_chem_comp_atom.pdbx_aromatic_flag 
_chem_comp_atom.pdbx_stereo_config 
_chem_comp_atom.pdbx_ordinal 
ALA N    N  N N 1   
ALA CA   C  N S 2   
ALA C    C  N N 3   
ALA O    O  N N 4   
ALA CB   C  N N 5   
ALA OXT  O  N N 6   
ALA H    H  N N 7   
ALA H2   H  N N 8   
ALA HA   H  N N 9   
ALA HB1  H  N N 10  
ALA HB2  H  N N 11  
ALA HB3  H  N N 12  
ALA HXT  H  N N 13  
ARG N    N  N N 14  
ARG CA   C  N S 15  
ARG C    C  N N 16  
ARG O    O  N N 17  
ARG CB   C  N N 18  
ARG CG   C  N N 19  
ARG CD   C  N N 20  
ARG NE   N  N N 21  
ARG CZ   C  N N 22  
ARG NH1  N  N N 23  
ARG NH2  N  N N 24  
ARG OXT  O  N N 25  
ARG H    H  N N 26  
ARG H2   H  N N 27  
ARG HA   H  N N 28  
ARG HB2  H  N N 29  
ARG HB3  H  N N 30  
ARG HG2  H  N N 31  
ARG HG3  H  N N 32  
ARG HD2  H  N N 33  
ARG HD3  H  N N 34  
ARG HE   H  N N 35  
ARG HH11 H  N N 36  
ARG HH12 H  N N 37  
ARG HH21 H  N N 38  
ARG HH22 H  N N 39  
ARG HXT  H  N N 40  
ASN N    N  N N 41  
ASN CA   C  N S 42  
ASN C    C  N N 43  
ASN O    O  N N 44  
ASN CB   C  N N 45  
ASN CG   C  N N 46  
ASN OD1  O  N N 47  
ASN ND2  N  N N 48  
ASN OXT  O  N N 49  
ASN H    H  N N 50  
ASN H2   H  N N 51  
ASN HA   H  N N 52  
ASN HB2  H  N N 53  
ASN HB3  H  N N 54  
ASN HD21 H  N N 55  
ASN HD22 H  N N 56  
ASN HXT  H  N N 57  
ASP N    N  N N 58  
ASP CA   C  N S 59  
ASP C    C  N N 60  
ASP O    O  N N 61  
ASP CB   C  N N 62  
ASP CG   C  N N 63  
ASP OD1  O  N N 64  
ASP OD2  O  N N 65  
ASP OXT  O  N N 66  
ASP H    H  N N 67  
ASP H2   H  N N 68  
ASP HA   H  N N 69  
ASP HB2  H  N N 70  
ASP HB3  H  N N 71  
ASP HD2  H  N N 72  
ASP HXT  H  N N 73  
CL  CL   CL N N 74  
CYS N    N  N N 75  
CYS CA   C  N R 76  
CYS C    C  N N 77  
CYS O    O  N N 78  
CYS CB   C  N N 79  
CYS SG   S  N N 80  
CYS OXT  O  N N 81  
CYS H    H  N N 82  
CYS H2   H  N N 83  
CYS HA   H  N N 84  
CYS HB2  H  N N 85  
CYS HB3  H  N N 86  
CYS HG   H  N N 87  
CYS HXT  H  N N 88  
GLN N    N  N N 89  
GLN CA   C  N S 90  
GLN C    C  N N 91  
GLN O    O  N N 92  
GLN CB   C  N N 93  
GLN CG   C  N N 94  
GLN CD   C  N N 95  
GLN OE1  O  N N 96  
GLN NE2  N  N N 97  
GLN OXT  O  N N 98  
GLN H    H  N N 99  
GLN H2   H  N N 100 
GLN HA   H  N N 101 
GLN HB2  H  N N 102 
GLN HB3  H  N N 103 
GLN HG2  H  N N 104 
GLN HG3  H  N N 105 
GLN HE21 H  N N 106 
GLN HE22 H  N N 107 
GLN HXT  H  N N 108 
GLU N    N  N N 109 
GLU CA   C  N S 110 
GLU C    C  N N 111 
GLU O    O  N N 112 
GLU CB   C  N N 113 
GLU CG   C  N N 114 
GLU CD   C  N N 115 
GLU OE1  O  N N 116 
GLU OE2  O  N N 117 
GLU OXT  O  N N 118 
GLU H    H  N N 119 
GLU H2   H  N N 120 
GLU HA   H  N N 121 
GLU HB2  H  N N 122 
GLU HB3  H  N N 123 
GLU HG2  H  N N 124 
GLU HG3  H  N N 125 
GLU HE2  H  N N 126 
GLU HXT  H  N N 127 
GLY N    N  N N 128 
GLY CA   C  N N 129 
GLY C    C  N N 130 
GLY O    O  N N 131 
GLY OXT  O  N N 132 
GLY H    H  N N 133 
GLY H2   H  N N 134 
GLY HA2  H  N N 135 
GLY HA3  H  N N 136 
GLY HXT  H  N N 137 
HIS N    N  N N 138 
HIS CA   C  N S 139 
HIS C    C  N N 140 
HIS O    O  N N 141 
HIS CB   C  N N 142 
HIS CG   C  Y N 143 
HIS ND1  N  Y N 144 
HIS CD2  C  Y N 145 
HIS CE1  C  Y N 146 
HIS NE2  N  Y N 147 
HIS OXT  O  N N 148 
HIS H    H  N N 149 
HIS H2   H  N N 150 
HIS HA   H  N N 151 
HIS HB2  H  N N 152 
HIS HB3  H  N N 153 
HIS HD1  H  N N 154 
HIS HD2  H  N N 155 
HIS HE1  H  N N 156 
HIS HE2  H  N N 157 
HIS HXT  H  N N 158 
HOH O    O  N N 159 
HOH H1   H  N N 160 
HOH H2   H  N N 161 
ILE N    N  N N 162 
ILE CA   C  N S 163 
ILE C    C  N N 164 
ILE O    O  N N 165 
ILE CB   C  N S 166 
ILE CG1  C  N N 167 
ILE CG2  C  N N 168 
ILE CD1  C  N N 169 
ILE OXT  O  N N 170 
ILE H    H  N N 171 
ILE H2   H  N N 172 
ILE HA   H  N N 173 
ILE HB   H  N N 174 
ILE HG12 H  N N 175 
ILE HG13 H  N N 176 
ILE HG21 H  N N 177 
ILE HG22 H  N N 178 
ILE HG23 H  N N 179 
ILE HD11 H  N N 180 
ILE HD12 H  N N 181 
ILE HD13 H  N N 182 
ILE HXT  H  N N 183 
LEU N    N  N N 184 
LEU CA   C  N S 185 
LEU C    C  N N 186 
LEU O    O  N N 187 
LEU CB   C  N N 188 
LEU CG   C  N N 189 
LEU CD1  C  N N 190 
LEU CD2  C  N N 191 
LEU OXT  O  N N 192 
LEU H    H  N N 193 
LEU H2   H  N N 194 
LEU HA   H  N N 195 
LEU HB2  H  N N 196 
LEU HB3  H  N N 197 
LEU HG   H  N N 198 
LEU HD11 H  N N 199 
LEU HD12 H  N N 200 
LEU HD13 H  N N 201 
LEU HD21 H  N N 202 
LEU HD22 H  N N 203 
LEU HD23 H  N N 204 
LEU HXT  H  N N 205 
LYS N    N  N N 206 
LYS CA   C  N S 207 
LYS C    C  N N 208 
LYS O    O  N N 209 
LYS CB   C  N N 210 
LYS CG   C  N N 211 
LYS CD   C  N N 212 
LYS CE   C  N N 213 
LYS NZ   N  N N 214 
LYS OXT  O  N N 215 
LYS H    H  N N 216 
LYS H2   H  N N 217 
LYS HA   H  N N 218 
LYS HB2  H  N N 219 
LYS HB3  H  N N 220 
LYS HG2  H  N N 221 
LYS HG3  H  N N 222 
LYS HD2  H  N N 223 
LYS HD3  H  N N 224 
LYS HE2  H  N N 225 
LYS HE3  H  N N 226 
LYS HZ1  H  N N 227 
LYS HZ2  H  N N 228 
LYS HZ3  H  N N 229 
LYS HXT  H  N N 230 
MET N    N  N N 231 
MET CA   C  N S 232 
MET C    C  N N 233 
MET O    O  N N 234 
MET CB   C  N N 235 
MET CG   C  N N 236 
MET SD   S  N N 237 
MET CE   C  N N 238 
MET OXT  O  N N 239 
MET H    H  N N 240 
MET H2   H  N N 241 
MET HA   H  N N 242 
MET HB2  H  N N 243 
MET HB3  H  N N 244 
MET HG2  H  N N 245 
MET HG3  H  N N 246 
MET HE1  H  N N 247 
MET HE2  H  N N 248 
MET HE3  H  N N 249 
MET HXT  H  N N 250 
PHE N    N  N N 251 
PHE CA   C  N S 252 
PHE C    C  N N 253 
PHE O    O  N N 254 
PHE CB   C  N N 255 
PHE CG   C  Y N 256 
PHE CD1  C  Y N 257 
PHE CD2  C  Y N 258 
PHE CE1  C  Y N 259 
PHE CE2  C  Y N 260 
PHE CZ   C  Y N 261 
PHE OXT  O  N N 262 
PHE H    H  N N 263 
PHE H2   H  N N 264 
PHE HA   H  N N 265 
PHE HB2  H  N N 266 
PHE HB3  H  N N 267 
PHE HD1  H  N N 268 
PHE HD2  H  N N 269 
PHE HE1  H  N N 270 
PHE HE2  H  N N 271 
PHE HZ   H  N N 272 
PHE HXT  H  N N 273 
PRO N    N  N N 274 
PRO CA   C  N S 275 
PRO C    C  N N 276 
PRO O    O  N N 277 
PRO CB   C  N N 278 
PRO CG   C  N N 279 
PRO CD   C  N N 280 
PRO OXT  O  N N 281 
PRO H    H  N N 282 
PRO HA   H  N N 283 
PRO HB2  H  N N 284 
PRO HB3  H  N N 285 
PRO HG2  H  N N 286 
PRO HG3  H  N N 287 
PRO HD2  H  N N 288 
PRO HD3  H  N N 289 
PRO HXT  H  N N 290 
SER N    N  N N 291 
SER CA   C  N S 292 
SER C    C  N N 293 
SER O    O  N N 294 
SER CB   C  N N 295 
SER OG   O  N N 296 
SER OXT  O  N N 297 
SER H    H  N N 298 
SER H2   H  N N 299 
SER HA   H  N N 300 
SER HB2  H  N N 301 
SER HB3  H  N N 302 
SER HG   H  N N 303 
SER HXT  H  N N 304 
SO4 S    S  N N 305 
SO4 O1   O  N N 306 
SO4 O2   O  N N 307 
SO4 O3   O  N N 308 
SO4 O4   O  N N 309 
THR N    N  N N 310 
THR CA   C  N S 311 
THR C    C  N N 312 
THR O    O  N N 313 
THR CB   C  N R 314 
THR OG1  O  N N 315 
THR CG2  C  N N 316 
THR OXT  O  N N 317 
THR H    H  N N 318 
THR H2   H  N N 319 
THR HA   H  N N 320 
THR HB   H  N N 321 
THR HG1  H  N N 322 
THR HG21 H  N N 323 
THR HG22 H  N N 324 
THR HG23 H  N N 325 
THR HXT  H  N N 326 
TYR N    N  N N 327 
TYR CA   C  N S 328 
TYR C    C  N N 329 
TYR O    O  N N 330 
TYR CB   C  N N 331 
TYR CG   C  Y N 332 
TYR CD1  C  Y N 333 
TYR CD2  C  Y N 334 
TYR CE1  C  Y N 335 
TYR CE2  C  Y N 336 
TYR CZ   C  Y N 337 
TYR OH   O  N N 338 
TYR OXT  O  N N 339 
TYR H    H  N N 340 
TYR H2   H  N N 341 
TYR HA   H  N N 342 
TYR HB2  H  N N 343 
TYR HB3  H  N N 344 
TYR HD1  H  N N 345 
TYR HD2  H  N N 346 
TYR HE1  H  N N 347 
TYR HE2  H  N N 348 
TYR HH   H  N N 349 
TYR HXT  H  N N 350 
VAL N    N  N N 351 
VAL CA   C  N S 352 
VAL C    C  N N 353 
VAL O    O  N N 354 
VAL CB   C  N N 355 
VAL CG1  C  N N 356 
VAL CG2  C  N N 357 
VAL OXT  O  N N 358 
VAL H    H  N N 359 
VAL H2   H  N N 360 
VAL HA   H  N N 361 
VAL HB   H  N N 362 
VAL HG11 H  N N 363 
VAL HG12 H  N N 364 
VAL HG13 H  N N 365 
VAL HG21 H  N N 366 
VAL HG22 H  N N 367 
VAL HG23 H  N N 368 
VAL HXT  H  N N 369 
# 
loop_
_chem_comp_bond.comp_id 
_chem_comp_bond.atom_id_1 
_chem_comp_bond.atom_id_2 
_chem_comp_bond.value_order 
_chem_comp_bond.pdbx_aromatic_flag 
_chem_comp_bond.pdbx_stereo_config 
_chem_comp_bond.pdbx_ordinal 
ALA N   CA   sing N N 1   
ALA N   H    sing N N 2   
ALA N   H2   sing N N 3   
ALA CA  C    sing N N 4   
ALA CA  CB   sing N N 5   
ALA CA  HA   sing N N 6   
ALA C   O    doub N N 7   
ALA C   OXT  sing N N 8   
ALA CB  HB1  sing N N 9   
ALA CB  HB2  sing N N 10  
ALA CB  HB3  sing N N 11  
ALA OXT HXT  sing N N 12  
ARG N   CA   sing N N 13  
ARG N   H    sing N N 14  
ARG N   H2   sing N N 15  
ARG CA  C    sing N N 16  
ARG CA  CB   sing N N 17  
ARG CA  HA   sing N N 18  
ARG C   O    doub N N 19  
ARG C   OXT  sing N N 20  
ARG CB  CG   sing N N 21  
ARG CB  HB2  sing N N 22  
ARG CB  HB3  sing N N 23  
ARG CG  CD   sing N N 24  
ARG CG  HG2  sing N N 25  
ARG CG  HG3  sing N N 26  
ARG CD  NE   sing N N 27  
ARG CD  HD2  sing N N 28  
ARG CD  HD3  sing N N 29  
ARG NE  CZ   sing N N 30  
ARG NE  HE   sing N N 31  
ARG CZ  NH1  sing N N 32  
ARG CZ  NH2  doub N N 33  
ARG NH1 HH11 sing N N 34  
ARG NH1 HH12 sing N N 35  
ARG NH2 HH21 sing N N 36  
ARG NH2 HH22 sing N N 37  
ARG OXT HXT  sing N N 38  
ASN N   CA   sing N N 39  
ASN N   H    sing N N 40  
ASN N   H2   sing N N 41  
ASN CA  C    sing N N 42  
ASN CA  CB   sing N N 43  
ASN CA  HA   sing N N 44  
ASN C   O    doub N N 45  
ASN C   OXT  sing N N 46  
ASN CB  CG   sing N N 47  
ASN CB  HB2  sing N N 48  
ASN CB  HB3  sing N N 49  
ASN CG  OD1  doub N N 50  
ASN CG  ND2  sing N N 51  
ASN ND2 HD21 sing N N 52  
ASN ND2 HD22 sing N N 53  
ASN OXT HXT  sing N N 54  
ASP N   CA   sing N N 55  
ASP N   H    sing N N 56  
ASP N   H2   sing N N 57  
ASP CA  C    sing N N 58  
ASP CA  CB   sing N N 59  
ASP CA  HA   sing N N 60  
ASP C   O    doub N N 61  
ASP C   OXT  sing N N 62  
ASP CB  CG   sing N N 63  
ASP CB  HB2  sing N N 64  
ASP CB  HB3  sing N N 65  
ASP CG  OD1  doub N N 66  
ASP CG  OD2  sing N N 67  
ASP OD2 HD2  sing N N 68  
ASP OXT HXT  sing N N 69  
CYS N   CA   sing N N 70  
CYS N   H    sing N N 71  
CYS N   H2   sing N N 72  
CYS CA  C    sing N N 73  
CYS CA  CB   sing N N 74  
CYS CA  HA   sing N N 75  
CYS C   O    doub N N 76  
CYS C   OXT  sing N N 77  
CYS CB  SG   sing N N 78  
CYS CB  HB2  sing N N 79  
CYS CB  HB3  sing N N 80  
CYS SG  HG   sing N N 81  
CYS OXT HXT  sing N N 82  
GLN N   CA   sing N N 83  
GLN N   H    sing N N 84  
GLN N   H2   sing N N 85  
GLN CA  C    sing N N 86  
GLN CA  CB   sing N N 87  
GLN CA  HA   sing N N 88  
GLN C   O    doub N N 89  
GLN C   OXT  sing N N 90  
GLN CB  CG   sing N N 91  
GLN CB  HB2  sing N N 92  
GLN CB  HB3  sing N N 93  
GLN CG  CD   sing N N 94  
GLN CG  HG2  sing N N 95  
GLN CG  HG3  sing N N 96  
GLN CD  OE1  doub N N 97  
GLN CD  NE2  sing N N 98  
GLN NE2 HE21 sing N N 99  
GLN NE2 HE22 sing N N 100 
GLN OXT HXT  sing N N 101 
GLU N   CA   sing N N 102 
GLU N   H    sing N N 103 
GLU N   H2   sing N N 104 
GLU CA  C    sing N N 105 
GLU CA  CB   sing N N 106 
GLU CA  HA   sing N N 107 
GLU C   O    doub N N 108 
GLU C   OXT  sing N N 109 
GLU CB  CG   sing N N 110 
GLU CB  HB2  sing N N 111 
GLU CB  HB3  sing N N 112 
GLU CG  CD   sing N N 113 
GLU CG  HG2  sing N N 114 
GLU CG  HG3  sing N N 115 
GLU CD  OE1  doub N N 116 
GLU CD  OE2  sing N N 117 
GLU OE2 HE2  sing N N 118 
GLU OXT HXT  sing N N 119 
GLY N   CA   sing N N 120 
GLY N   H    sing N N 121 
GLY N   H2   sing N N 122 
GLY CA  C    sing N N 123 
GLY CA  HA2  sing N N 124 
GLY CA  HA3  sing N N 125 
GLY C   O    doub N N 126 
GLY C   OXT  sing N N 127 
GLY OXT HXT  sing N N 128 
HIS N   CA   sing N N 129 
HIS N   H    sing N N 130 
HIS N   H2   sing N N 131 
HIS CA  C    sing N N 132 
HIS CA  CB   sing N N 133 
HIS CA  HA   sing N N 134 
HIS C   O    doub N N 135 
HIS C   OXT  sing N N 136 
HIS CB  CG   sing N N 137 
HIS CB  HB2  sing N N 138 
HIS CB  HB3  sing N N 139 
HIS CG  ND1  sing Y N 140 
HIS CG  CD2  doub Y N 141 
HIS ND1 CE1  doub Y N 142 
HIS ND1 HD1  sing N N 143 
HIS CD2 NE2  sing Y N 144 
HIS CD2 HD2  sing N N 145 
HIS CE1 NE2  sing Y N 146 
HIS CE1 HE1  sing N N 147 
HIS NE2 HE2  sing N N 148 
HIS OXT HXT  sing N N 149 
HOH O   H1   sing N N 150 
HOH O   H2   sing N N 151 
ILE N   CA   sing N N 152 
ILE N   H    sing N N 153 
ILE N   H2   sing N N 154 
ILE CA  C    sing N N 155 
ILE CA  CB   sing N N 156 
ILE CA  HA   sing N N 157 
ILE C   O    doub N N 158 
ILE C   OXT  sing N N 159 
ILE CB  CG1  sing N N 160 
ILE CB  CG2  sing N N 161 
ILE CB  HB   sing N N 162 
ILE CG1 CD1  sing N N 163 
ILE CG1 HG12 sing N N 164 
ILE CG1 HG13 sing N N 165 
ILE CG2 HG21 sing N N 166 
ILE CG2 HG22 sing N N 167 
ILE CG2 HG23 sing N N 168 
ILE CD1 HD11 sing N N 169 
ILE CD1 HD12 sing N N 170 
ILE CD1 HD13 sing N N 171 
ILE OXT HXT  sing N N 172 
LEU N   CA   sing N N 173 
LEU N   H    sing N N 174 
LEU N   H2   sing N N 175 
LEU CA  C    sing N N 176 
LEU CA  CB   sing N N 177 
LEU CA  HA   sing N N 178 
LEU C   O    doub N N 179 
LEU C   OXT  sing N N 180 
LEU CB  CG   sing N N 181 
LEU CB  HB2  sing N N 182 
LEU CB  HB3  sing N N 183 
LEU CG  CD1  sing N N 184 
LEU CG  CD2  sing N N 185 
LEU CG  HG   sing N N 186 
LEU CD1 HD11 sing N N 187 
LEU CD1 HD12 sing N N 188 
LEU CD1 HD13 sing N N 189 
LEU CD2 HD21 sing N N 190 
LEU CD2 HD22 sing N N 191 
LEU CD2 HD23 sing N N 192 
LEU OXT HXT  sing N N 193 
LYS N   CA   sing N N 194 
LYS N   H    sing N N 195 
LYS N   H2   sing N N 196 
LYS CA  C    sing N N 197 
LYS CA  CB   sing N N 198 
LYS CA  HA   sing N N 199 
LYS C   O    doub N N 200 
LYS C   OXT  sing N N 201 
LYS CB  CG   sing N N 202 
LYS CB  HB2  sing N N 203 
LYS CB  HB3  sing N N 204 
LYS CG  CD   sing N N 205 
LYS CG  HG2  sing N N 206 
LYS CG  HG3  sing N N 207 
LYS CD  CE   sing N N 208 
LYS CD  HD2  sing N N 209 
LYS CD  HD3  sing N N 210 
LYS CE  NZ   sing N N 211 
LYS CE  HE2  sing N N 212 
LYS CE  HE3  sing N N 213 
LYS NZ  HZ1  sing N N 214 
LYS NZ  HZ2  sing N N 215 
LYS NZ  HZ3  sing N N 216 
LYS OXT HXT  sing N N 217 
MET N   CA   sing N N 218 
MET N   H    sing N N 219 
MET N   H2   sing N N 220 
MET CA  C    sing N N 221 
MET CA  CB   sing N N 222 
MET CA  HA   sing N N 223 
MET C   O    doub N N 224 
MET C   OXT  sing N N 225 
MET CB  CG   sing N N 226 
MET CB  HB2  sing N N 227 
MET CB  HB3  sing N N 228 
MET CG  SD   sing N N 229 
MET CG  HG2  sing N N 230 
MET CG  HG3  sing N N 231 
MET SD  CE   sing N N 232 
MET CE  HE1  sing N N 233 
MET CE  HE2  sing N N 234 
MET CE  HE3  sing N N 235 
MET OXT HXT  sing N N 236 
PHE N   CA   sing N N 237 
PHE N   H    sing N N 238 
PHE N   H2   sing N N 239 
PHE CA  C    sing N N 240 
PHE CA  CB   sing N N 241 
PHE CA  HA   sing N N 242 
PHE C   O    doub N N 243 
PHE C   OXT  sing N N 244 
PHE CB  CG   sing N N 245 
PHE CB  HB2  sing N N 246 
PHE CB  HB3  sing N N 247 
PHE CG  CD1  doub Y N 248 
PHE CG  CD2  sing Y N 249 
PHE CD1 CE1  sing Y N 250 
PHE CD1 HD1  sing N N 251 
PHE CD2 CE2  doub Y N 252 
PHE CD2 HD2  sing N N 253 
PHE CE1 CZ   doub Y N 254 
PHE CE1 HE1  sing N N 255 
PHE CE2 CZ   sing Y N 256 
PHE CE2 HE2  sing N N 257 
PHE CZ  HZ   sing N N 258 
PHE OXT HXT  sing N N 259 
PRO N   CA   sing N N 260 
PRO N   CD   sing N N 261 
PRO N   H    sing N N 262 
PRO CA  C    sing N N 263 
PRO CA  CB   sing N N 264 
PRO CA  HA   sing N N 265 
PRO C   O    doub N N 266 
PRO C   OXT  sing N N 267 
PRO CB  CG   sing N N 268 
PRO CB  HB2  sing N N 269 
PRO CB  HB3  sing N N 270 
PRO CG  CD   sing N N 271 
PRO CG  HG2  sing N N 272 
PRO CG  HG3  sing N N 273 
PRO CD  HD2  sing N N 274 
PRO CD  HD3  sing N N 275 
PRO OXT HXT  sing N N 276 
SER N   CA   sing N N 277 
SER N   H    sing N N 278 
SER N   H2   sing N N 279 
SER CA  C    sing N N 280 
SER CA  CB   sing N N 281 
SER CA  HA   sing N N 282 
SER C   O    doub N N 283 
SER C   OXT  sing N N 284 
SER CB  OG   sing N N 285 
SER CB  HB2  sing N N 286 
SER CB  HB3  sing N N 287 
SER OG  HG   sing N N 288 
SER OXT HXT  sing N N 289 
SO4 S   O1   doub N N 290 
SO4 S   O2   doub N N 291 
SO4 S   O3   sing N N 292 
SO4 S   O4   sing N N 293 
THR N   CA   sing N N 294 
THR N   H    sing N N 295 
THR N   H2   sing N N 296 
THR CA  C    sing N N 297 
THR CA  CB   sing N N 298 
THR CA  HA   sing N N 299 
THR C   O    doub N N 300 
THR C   OXT  sing N N 301 
THR CB  OG1  sing N N 302 
THR CB  CG2  sing N N 303 
THR CB  HB   sing N N 304 
THR OG1 HG1  sing N N 305 
THR CG2 HG21 sing N N 306 
THR CG2 HG22 sing N N 307 
THR CG2 HG23 sing N N 308 
THR OXT HXT  sing N N 309 
TYR N   CA   sing N N 310 
TYR N   H    sing N N 311 
TYR N   H2   sing N N 312 
TYR CA  C    sing N N 313 
TYR CA  CB   sing N N 314 
TYR CA  HA   sing N N 315 
TYR C   O    doub N N 316 
TYR C   OXT  sing N N 317 
TYR CB  CG   sing N N 318 
TYR CB  HB2  sing N N 319 
TYR CB  HB3  sing N N 320 
TYR CG  CD1  doub Y N 321 
TYR CG  CD2  sing Y N 322 
TYR CD1 CE1  sing Y N 323 
TYR CD1 HD1  sing N N 324 
TYR CD2 CE2  doub Y N 325 
TYR CD2 HD2  sing N N 326 
TYR CE1 CZ   doub Y N 327 
TYR CE1 HE1  sing N N 328 
TYR CE2 CZ   sing Y N 329 
TYR CE2 HE2  sing N N 330 
TYR CZ  OH   sing N N 331 
TYR OH  HH   sing N N 332 
TYR OXT HXT  sing N N 333 
VAL N   CA   sing N N 334 
VAL N   H    sing N N 335 
VAL N   H2   sing N N 336 
VAL CA  C    sing N N 337 
VAL CA  CB   sing N N 338 
VAL CA  HA   sing N N 339 
VAL C   O    doub N N 340 
VAL C   OXT  sing N N 341 
VAL CB  CG1  sing N N 342 
VAL CB  CG2  sing N N 343 
VAL CB  HB   sing N N 344 
VAL CG1 HG11 sing N N 345 
VAL CG1 HG12 sing N N 346 
VAL CG1 HG13 sing N N 347 
VAL CG2 HG21 sing N N 348 
VAL CG2 HG22 sing N N 349 
VAL CG2 HG23 sing N N 350 
VAL OXT HXT  sing N N 351 
# 
_pdbx_initial_refinement_model.id               1 
_pdbx_initial_refinement_model.entity_id_list   ? 
_pdbx_initial_refinement_model.type             'experimental model' 
_pdbx_initial_refinement_model.source_name      PDB 
_pdbx_initial_refinement_model.accession_code   1FS3 
_pdbx_initial_refinement_model.details          'PDB ENTRY 1FS3' 
# 
_atom_sites.entry_id                    3DIB 
_atom_sites.fract_transf_matrix[1][1]   0.00067012 
_atom_sites.fract_transf_matrix[1][2]   -0.00540214 
_atom_sites.fract_transf_matrix[1][3]   -0.01710454 
_atom_sites.fract_transf_matrix[2][1]   -0.01359794 
_atom_sites.fract_transf_matrix[2][2]   -0.00941069 
_atom_sites.fract_transf_matrix[2][3]   -0.00697865 
_atom_sites.fract_transf_matrix[3][1]   -0.00691130 
_atom_sites.fract_transf_matrix[3][2]   0.01330292 
_atom_sites.fract_transf_matrix[3][3]   -0.00447224 
_atom_sites.fract_transf_vector[1]      0.490322 
_atom_sites.fract_transf_vector[2]      0.332234 
_atom_sites.fract_transf_vector[3]      0.405292 
# 
loop_
_atom_type.symbol 
C  
CL 
N  
O  
S  
# 
loop_
_atom_site.group_PDB 
_atom_site.id 
_atom_site.type_symbol 
_atom_site.label_atom_id 
_atom_site.label_alt_id 
_atom_site.label_comp_id 
_atom_site.label_asym_id 
_atom_site.label_entity_id 
_atom_site.label_seq_id 
_atom_site.pdbx_PDB_ins_code 
_atom_site.Cartn_x 
_atom_site.Cartn_y 
_atom_site.Cartn_z 
_atom_site.occupancy 
_atom_site.B_iso_or_equiv 
_atom_site.pdbx_formal_charge 
_atom_site.auth_seq_id 
_atom_site.auth_comp_id 
_atom_site.auth_asym_id 
_atom_site.auth_atom_id 
_atom_site.pdbx_PDB_model_num 
ATOM   1    N  N   . LYS A 1 1   ? 18.827  6.045   7.168   1.00 15.60 ? 1    LYS A N   1 
ATOM   2    C  CA  . LYS A 1 1   ? 17.466  5.578   7.500   1.00 23.41 ? 1    LYS A CA  1 
ATOM   3    C  C   . LYS A 1 1   ? 16.902  5.051   6.178   1.00 21.73 ? 1    LYS A C   1 
ATOM   4    O  O   . LYS A 1 1   ? 17.558  4.310   5.416   1.00 22.93 ? 1    LYS A O   1 
ATOM   5    C  CB  . LYS A 1 1   ? 16.672  6.787   8.009   1.00 27.75 ? 1    LYS A CB  1 
ATOM   6    C  CG  . LYS A 1 1   ? 15.648  6.485   9.100   1.00 29.82 ? 1    LYS A CG  1 
ATOM   7    C  CD  . LYS A 1 1   ? 14.419  5.798   8.550   1.00 35.07 ? 1    LYS A CD  1 
ATOM   8    C  CE  . LYS A 1 1   ? 14.223  4.343   9.028   1.00 32.16 ? 1    LYS A CE  1 
ATOM   9    N  NZ  . LYS A 1 1   ? 15.121  3.302   8.442   1.00 30.88 ? 1    LYS A NZ  1 
ATOM   10   N  N   . GLU A 1 2   ? 15.656  5.406   5.945   1.00 8.84  ? 2    GLU A N   1 
ATOM   11   C  CA  . GLU A 1 2   ? 14.984  5.078   4.699   1.00 4.76  ? 2    GLU A CA  1 
ATOM   12   C  C   . GLU A 1 2   ? 14.257  6.348   4.308   1.00 4.57  ? 2    GLU A C   1 
ATOM   13   O  O   . GLU A 1 2   ? 13.675  7.027   5.160   1.00 7.28  ? 2    GLU A O   1 
ATOM   14   C  CB  . GLU A 1 2   ? 13.976  3.947   4.940   1.00 5.59  ? 2    GLU A CB  1 
ATOM   15   C  CG  . GLU A 1 2   ? 13.271  3.431   3.687   1.00 6.14  ? 2    GLU A CG  1 
ATOM   16   C  CD  . GLU A 1 2   ? 12.347  2.267   3.998   1.00 5.46  ? 2    GLU A CD  1 
ATOM   17   O  OE1 . GLU A 1 2   ? 11.751  2.268   5.124   1.00 7.11  ? 2    GLU A OE1 1 
ATOM   18   O  OE2 . GLU A 1 2   ? 12.228  1.391   3.126   1.00 7.25  ? 2    GLU A OE2 1 
ATOM   19   N  N   . THR A 1 3   ? 14.346  6.723   3.050   1.00 4.32  ? 3    THR A N   1 
ATOM   20   C  CA  . THR A 1 3   ? 13.610  7.905   2.611   1.00 4.64  ? 3    THR A CA  1 
ATOM   21   C  C   . THR A 1 3   ? 12.116  7.616   2.567   1.00 6.09  ? 3    THR A C   1 
ATOM   22   O  O   . THR A 1 3   ? 11.671  6.466   2.525   1.00 4.76  ? 3    THR A O   1 
ATOM   23   C  CB  . THR A 1 3   ? 14.003  8.357   1.184   1.00 3.84  ? 3    THR A CB  1 
ATOM   24   O  OG1 . THR A 1 3   ? 13.594  7.358   0.255   1.00 6.34  ? 3    THR A OG1 1 
ATOM   25   C  CG2 . THR A 1 3   ? 15.522  8.489   1.011   1.00 5.75  ? 3    THR A CG2 1 
ATOM   26   N  N   . ALA A 1 4   ? 11.321  8.682   2.524   1.00 6.74  ? 4    ALA A N   1 
ATOM   27   C  CA  . ALA A 1 4   ? 9.890   8.510   2.515   1.00 4.28  ? 4    ALA A CA  1 
ATOM   28   C  C   . ALA A 1 4   ? 9.473   7.801   1.242   1.00 5.07  ? 4    ALA A C   1 
ATOM   29   O  O   . ALA A 1 4   ? 8.611   6.935   1.290   1.00 5.45  ? 4    ALA A O   1 
ATOM   30   C  CB  . ALA A 1 4   ? 9.171   9.873   2.604   1.00 4.01  ? 4    ALA A CB  1 
ATOM   31   N  N   . ALA A 1 5   ? 10.042  8.174   0.112   1.00 3.72  ? 5    ALA A N   1 
ATOM   32   C  CA  . ALA A 1 5   ? 9.638   7.530   -1.142  1.00 2.50  ? 5    ALA A CA  1 
ATOM   33   C  C   . ALA A 1 5   ? 10.005  6.048   -1.159  1.00 3.37  ? 5    ALA A C   1 
ATOM   34   O  O   . ALA A 1 5   ? 9.218   5.208   -1.662  1.00 3.31  ? 5    ALA A O   1 
ATOM   35   C  CB  . ALA A 1 5   ? 10.295  8.250   -2.328  1.00 3.74  ? 5    ALA A CB  1 
ATOM   36   N  N   . ALA A 1 6   ? 11.178  5.720   -0.631  1.00 2.86  ? 6    ALA A N   1 
ATOM   37   C  CA  . ALA A 1 6   ? 11.626  4.318   -0.628  1.00 3.29  ? 6    ALA A CA  1 
ATOM   38   C  C   . ALA A 1 6   ? 10.757  3.503   0.342   1.00 3.28  ? 6    ALA A C   1 
ATOM   39   O  O   . ALA A 1 6   ? 10.454  2.317   0.066   1.00 5.33  ? 6    ALA A O   1 
ATOM   40   C  CB  . ALA A 1 6   ? 13.132  4.229   -0.226  1.00 2.98  ? 6    ALA A CB  1 
ATOM   41   N  N   . LYS A 1 7   ? 10.348  4.121   1.460   1.00 3.01  ? 7    LYS A N   1 
ATOM   42   C  CA  . LYS A 1 7   ? 9.481   3.398   2.409   1.00 5.38  ? 7    LYS A CA  1 
ATOM   43   C  C   . LYS A 1 7   ? 8.106   3.121   1.763   1.00 2.95  ? 7    LYS A C   1 
ATOM   44   O  O   . LYS A 1 7   ? 7.530   2.035   1.932   1.00 4.37  ? 7    LYS A O   1 
ATOM   45   C  CB  . LYS A 1 7   ? 9.329   4.210   3.680   1.00 5.52  ? 7    LYS A CB  1 
ATOM   46   C  CG  . LYS A 1 7   ? 8.445   3.568   4.709   1.00 5.79  ? 7    LYS A CG  1 
ATOM   47   C  CD  . LYS A 1 7   ? 8.455   4.368   6.000   1.00 10.22 ? 7    LYS A CD  1 
ATOM   48   C  CE  . LYS A 1 7   ? 7.471   3.739   6.967   1.00 19.11 ? 7    LYS A CE  1 
ATOM   49   N  NZ  . LYS A 1 7   ? 7.607   4.301   8.350   1.00 27.45 ? 7    LYS A NZ  1 
ATOM   50   N  N   . PHE A 1 8   ? 7.599   4.063   0.975   1.00 2.65  ? 8    PHE A N   1 
ATOM   51   C  CA  . PHE A 1 8   ? 6.326   3.841   0.293   1.00 3.34  ? 8    PHE A CA  1 
ATOM   52   C  C   . PHE A 1 8   ? 6.488   2.707   -0.691  1.00 3.94  ? 8    PHE A C   1 
ATOM   53   O  O   . PHE A 1 8   ? 5.628   1.837   -0.771  1.00 2.87  ? 8    PHE A O   1 
ATOM   54   C  CB  . PHE A 1 8   ? 5.872   5.113   -0.453  1.00 2.66  ? 8    PHE A CB  1 
ATOM   55   C  CG  . PHE A 1 8   ? 4.614   4.879   -1.302  1.00 1.88  ? 8    PHE A CG  1 
ATOM   56   C  CD1 . PHE A 1 8   ? 4.724   4.299   -2.566  1.00 3.73  ? 8    PHE A CD1 1 
ATOM   57   C  CD2 . PHE A 1 8   ? 3.341   5.135   -0.777  1.00 3.31  ? 8    PHE A CD2 1 
ATOM   58   C  CE1 . PHE A 1 8   ? 3.563   4.010   -3.317  1.00 2.71  ? 8    PHE A CE1 1 
ATOM   59   C  CE2 . PHE A 1 8   ? 2.204   4.864   -1.519  1.00 3.59  ? 8    PHE A CE2 1 
ATOM   60   C  CZ  . PHE A 1 8   ? 2.310   4.292   -2.748  1.00 3.41  ? 8    PHE A CZ  1 
ATOM   61   N  N   . GLU A 1 9   ? 7.596   2.644   -1.429  1.00 3.55  ? 9    GLU A N   1 
ATOM   62   C  CA  . GLU A 1 9   ? 7.805   1.538   -2.355  1.00 3.40  ? 9    GLU A CA  1 
ATOM   63   C  C   . GLU A 1 9   ? 7.815   0.176   -1.666  1.00 3.59  ? 9    GLU A C   1 
ATOM   64   O  O   . GLU A 1 9   ? 7.130   -0.755  -2.077  1.00 3.72  ? 9    GLU A O   1 
ATOM   65   C  CB  . GLU A 1 9   ? 9.130   1.729   -3.128  1.00 2.28  ? 9    GLU A CB  1 
ATOM   66   C  CG  . GLU A 1 9   ? 9.119   2.930   -4.105  1.00 2.75  ? 9    GLU A CG  1 
ATOM   67   C  CD  . GLU A 1 9   ? 10.507  3.457   -4.485  1.00 4.96  ? 9    GLU A CD  1 
ATOM   68   O  OE1 . GLU A 1 9   ? 11.521  2.992   -3.901  1.00 5.55  ? 9    GLU A OE1 1 
ATOM   69   O  OE2 . GLU A 1 9   ? 10.567  4.358   -5.340  1.00 5.24  ? 9    GLU A OE2 1 
ATOM   70   N  N   . ARG A 1 10  ? 8.592   0.069   -0.605  1.00 3.68  ? 10   ARG A N   1 
ATOM   71   C  CA  . ARG A 1 10  ? 8.703   -1.177  0.117   1.00 3.56  ? 10   ARG A CA  1 
ATOM   72   C  C   . ARG A 1 10  ? 7.377   -1.589  0.767   1.00 4.26  ? 10   ARG A C   1 
ATOM   73   O  O   . ARG A 1 10  ? 7.018   -2.790  0.744   1.00 5.06  ? 10   ARG A O   1 
ATOM   74   C  CB  . ARG A 1 10  ? 9.779   -1.023  1.185   1.00 3.68  ? 10   ARG A CB  1 
ATOM   75   C  CG  . ARG A 1 10  ? 9.899   -2.257  2.133   1.00 4.20  ? 10   ARG A CG  1 
ATOM   76   C  CD  . ARG A 1 10  ? 11.071  -2.073  3.108   1.00 3.80  ? 10   ARG A CD  1 
ATOM   77   N  NE  . ARG A 1 10  ? 10.867  -0.922  4.002   1.00 4.23  ? 10   ARG A NE  1 
ATOM   78   C  CZ  . ARG A 1 10  ? 10.142  -0.963  5.132   1.00 8.97  ? 10   ARG A CZ  1 
ATOM   79   N  NH1 . ARG A 1 10  ? 9.535   -2.091  5.557   1.00 7.82  ? 10   ARG A NH1 1 
ATOM   80   N  NH2 . ARG A 1 10  ? 10.022  0.138   5.867   1.00 7.29  ? 10   ARG A NH2 1 
ATOM   81   N  N   . GLN A 1 11  ? 6.646   -0.626  1.312   1.00 3.46  ? 11   GLN A N   1 
ATOM   82   C  CA  . GLN A 1 11  ? 5.402   -0.998  2.001   1.00 4.18  ? 11   GLN A CA  1 
ATOM   83   C  C   . GLN A 1 11  ? 4.236   -1.217  1.067   1.00 4.92  ? 11   GLN A C   1 
ATOM   84   O  O   . GLN A 1 11  ? 3.403   -2.074  1.350   1.00 5.64  ? 11   GLN A O   1 
ATOM   85   C  CB  . GLN A 1 11  ? 4.982   0.097   3.011   1.00 5.42  ? 11   GLN A CB  1 
ATOM   86   C  CG  . GLN A 1 11  ? 5.947   0.240   4.149   1.00 6.10  ? 11   GLN A CG  1 
ATOM   87   C  CD  . GLN A 1 11  ? 5.423   1.122   5.229   1.00 8.31  ? 11   GLN A CD  1 
ATOM   88   O  OE1 . GLN A 1 11  ? 4.861   2.185   4.977   1.00 9.06  ? 11   GLN A OE1 1 
ATOM   89   N  NE2 . GLN A 1 11  ? 5.632   0.703   6.488   1.00 15.14 ? 11   GLN A NE2 1 
ATOM   90   N  N   . HIS A 1 12  ? 4.200   -0.542  -0.082  1.00 3.29  ? 12   HIS A N   1 
ATOM   91   C  CA  . HIS A 1 12  ? 2.987   -0.564  -0.874  1.00 3.80  ? 12   HIS A CA  1 
ATOM   92   C  C   . HIS A 1 12  ? 3.044   -1.013  -2.283  1.00 6.42  ? 12   HIS A C   1 
ATOM   93   O  O   . HIS A 1 12  ? 1.994   -1.130  -2.908  1.00 5.93  ? 12   HIS A O   1 
ATOM   94   C  CB  . HIS A 1 12  ? 2.375   0.851   -0.796  1.00 2.97  ? 12   HIS A CB  1 
ATOM   95   C  CG  . HIS A 1 12  ? 2.068   1.274   0.598   1.00 4.20  ? 12   HIS A CG  1 
ATOM   96   N  ND1 . HIS A 1 12  ? 1.213   0.553   1.392   1.00 5.06  ? 12   HIS A ND1 1 
ATOM   97   C  CD2 . HIS A 1 12  ? 2.523   2.296   1.347   1.00 4.91  ? 12   HIS A CD2 1 
ATOM   98   C  CE1 . HIS A 1 12  ? 1.142   1.129   2.583   1.00 6.99  ? 12   HIS A CE1 1 
ATOM   99   N  NE2 . HIS A 1 12  ? 1.921   2.189   2.582   1.00 5.64  ? 12   HIS A NE2 1 
ATOM   100  N  N   . MET A 1 13  ? 4.218   -1.276  -2.838  1.00 4.41  ? 13   MET A N   1 
ATOM   101  C  CA  . MET A 1 13  ? 4.254   -1.686  -4.214  1.00 3.11  ? 13   MET A CA  1 
ATOM   102  C  C   . MET A 1 13  ? 4.464   -3.183  -4.448  1.00 4.57  ? 13   MET A C   1 
ATOM   103  O  O   . MET A 1 13  ? 5.392   -3.739  -3.832  1.00 5.77  ? 13   MET A O   1 
ATOM   104  C  CB  . MET A 1 13  ? 5.419   -0.981  -4.954  1.00 4.78  ? 13   MET A CB  1 
ATOM   105  C  CG  . MET A 1 13  ? 5.263   0.520   -5.128  1.00 3.39  ? 13   MET A CG  1 
ATOM   106  S  SD  . MET A 1 13  ? 3.819   0.994   -6.121  1.00 4.56  ? 13   MET A SD  1 
ATOM   107  C  CE  . MET A 1 13  ? 3.969   -0.115  -7.546  1.00 6.14  ? 13   MET A CE  1 
ATOM   108  N  N   . ASP A 1 14  ? 3.647   -3.819  -5.281  1.00 4.44  ? 14   ASP A N   1 
ATOM   109  C  CA  . ASP A 1 14  ? 3.931   -5.198  -5.704  1.00 4.73  ? 14   ASP A CA  1 
ATOM   110  C  C   . ASP A 1 14  ? 3.638   -5.328  -7.168  1.00 8.44  ? 14   ASP A C   1 
ATOM   111  O  O   . ASP A 1 14  ? 2.560   -5.799  -7.581  1.00 10.31 ? 14   ASP A O   1 
ATOM   112  C  CB  . ASP A 1 14  ? 3.141   -6.255  -4.949  1.00 7.87  ? 14   ASP A CB  1 
ATOM   113  C  CG  . ASP A 1 14  ? 3.506   -7.649  -5.408  1.00 17.25 ? 14   ASP A CG  1 
ATOM   114  O  OD1 . ASP A 1 14  ? 4.494   -7.774  -6.192  1.00 11.58 ? 14   ASP A OD1 1 
ATOM   115  O  OD2 . ASP A 1 14  ? 2.811   -8.611  -4.987  1.00 11.81 ? 14   ASP A OD2 1 
ATOM   116  N  N   . SER A 1 15  ? 4.574   -4.906  -7.999  1.00 5.18  ? 15   SER A N   1 
ATOM   117  C  CA  . SER A 1 15  ? 4.434   -4.941  -9.444  1.00 7.43  ? 15   SER A CA  1 
ATOM   118  C  C   . SER A 1 15  ? 4.753   -6.293  -10.050 1.00 13.00 ? 15   SER A C   1 
ATOM   119  O  O   . SER A 1 15  ? 4.784   -6.402  -11.288 1.00 16.54 ? 15   SER A O   1 
ATOM   120  C  CB  . SER A 1 15  ? 5.407   -3.961  -10.094 1.00 9.50  ? 15   SER A CB  1 
ATOM   121  O  OG  . SER A 1 15  ? 5.328   -2.661  -9.505  1.00 6.18  ? 15   SER A OG  1 
ATOM   122  N  N   . SER A 1 16  ? 4.989   -7.306  -9.221  1.00 7.27  ? 16   SER A N   1 
ATOM   123  C  CA  . SER A 1 16  ? 5.398   -8.610  -9.754  1.00 10.33 ? 16   SER A CA  1 
ATOM   124  C  C   . SER A 1 16  ? 4.291   -9.595  -9.971  1.00 12.09 ? 16   SER A C   1 
ATOM   125  O  O   . SER A 1 16  ? 4.501   -10.638 -10.605 1.00 13.88 ? 16   SER A O   1 
ATOM   126  C  CB  . SER A 1 16  ? 6.452   -9.241  -8.826  1.00 11.91 ? 16   SER A CB  1 
ATOM   127  O  OG  . SER A 1 16  ? 5.837   -9.779  -7.657  1.00 26.66 ? 16   SER A OG  1 
ATOM   128  N  N   . THR A 1 17  ? 3.121   -9.288  -9.429  1.00 13.19 ? 17   THR A N   1 
ATOM   129  C  CA  . THR A 1 17  ? 1.967   -10.172 -9.586  1.00 14.91 ? 17   THR A CA  1 
ATOM   130  C  C   . THR A 1 17  ? 0.784   -9.297  -9.950  1.00 11.69 ? 17   THR A C   1 
ATOM   131  O  O   . THR A 1 17  ? 0.720   -8.115  -9.587  1.00 12.33 ? 17   THR A O   1 
ATOM   132  C  CB  . THR A 1 17  ? 1.674   -10.964 -8.286  1.00 14.10 ? 17   THR A CB  1 
ATOM   133  O  OG1 . THR A 1 17  ? 1.316   -10.064 -7.214  1.00 14.93 ? 17   THR A OG1 1 
ATOM   134  C  CG2 . THR A 1 17  ? 2.891   -11.729 -7.876  1.00 18.88 ? 17   THR A CG2 1 
ATOM   135  N  N   . SER A 1 18  ? -0.150  -9.860  -10.699 1.00 15.52 ? 18   SER A N   1 
ATOM   136  C  CA  . SER A 1 18  ? -1.307  -9.088  -11.114 1.00 13.14 ? 18   SER A CA  1 
ATOM   137  C  C   . SER A 1 18  ? -2.321  -8.937  -9.990  1.00 12.33 ? 18   SER A C   1 
ATOM   138  O  O   . SER A 1 18  ? -3.122  -8.023  -10.019 1.00 11.91 ? 18   SER A O   1 
ATOM   139  C  CB  . SER A 1 18  ? -2.009  -9.790  -12.293 1.00 13.84 ? 18   SER A CB  1 
ATOM   140  O  OG  . SER A 1 18  ? -2.394  -11.098 -11.902 1.00 26.51 ? 18   SER A OG  1 
ATOM   141  N  N   . ALA A 1 19  ? -2.264  -9.830  -9.016  1.00 12.01 ? 19   ALA A N   1 
ATOM   142  C  CA  . ALA A 1 19  ? -3.255  -9.833  -7.970  1.00 10.22 ? 19   ALA A CA  1 
ATOM   143  C  C   . ALA A 1 19  ? -2.804  -10.816 -6.917  1.00 11.48 ? 19   ALA A C   1 
ATOM   144  O  O   . ALA A 1 19  ? -2.041  -11.742 -7.230  1.00 17.53 ? 19   ALA A O   1 
ATOM   145  C  CB  . ALA A 1 19  ? -4.592  -10.287 -8.576  1.00 17.06 ? 19   ALA A CB  1 
ATOM   146  N  N   . ALA A 1 20  ? -3.282  -10.614 -5.692  1.00 12.07 ? 20   ALA A N   1 
ATOM   147  C  CA  . ALA A 1 20  ? -2.952  -11.445 -4.579  1.00 18.86 ? 20   ALA A CA  1 
ATOM   148  C  C   . ALA A 1 20  ? -2.991  -12.887 -4.886  1.00 30.94 ? 20   ALA A C   1 
ATOM   149  O  O   . ALA A 1 20  ? -3.974  -13.420 -5.390  1.00 28.85 ? 20   ALA A O   1 
ATOM   150  C  CB  . ALA A 1 20  ? -3.862  -11.175 -3.396  1.00 8.50  ? 20   ALA A CB  1 
ATOM   151  N  N   . SER A 1 21  ? -1.879  -13.501 -4.519  1.00 28.29 ? 21   SER A N   1 
ATOM   152  C  CA  . SER A 1 21  ? -1.650  -14.899 -4.650  1.00 33.54 ? 21   SER A CA  1 
ATOM   153  C  C   . SER A 1 21  ? -2.933  -15.687 -4.252  1.00 35.04 ? 21   SER A C   1 
ATOM   154  O  O   . SER A 1 21  ? -3.868  -15.895 -5.036  1.00 37.61 ? 21   SER A O   1 
ATOM   155  C  CB  . SER A 1 21  ? -0.435  -15.232 -3.752  1.00 32.15 ? 21   SER A CB  1 
ATOM   156  O  OG  . SER A 1 21  ? -0.389  -16.568 -3.308  1.00 40.77 ? 21   SER A OG  1 
ATOM   157  N  N   . SER A 1 22  ? -2.981  -16.078 -3.005  1.00 29.55 ? 22   SER A N   1 
ATOM   158  C  CA  . SER A 1 22  ? -4.068  -16.860 -2.489  1.00 21.49 ? 22   SER A CA  1 
ATOM   159  C  C   . SER A 1 22  ? -4.305  -16.192 -1.165  1.00 13.29 ? 22   SER A C   1 
ATOM   160  O  O   . SER A 1 22  ? -3.838  -15.084 -0.917  1.00 9.93  ? 22   SER A O   1 
ATOM   161  C  CB  . SER A 1 22  ? -3.480  -18.208 -2.233  1.00 26.41 ? 22   SER A CB  1 
ATOM   162  O  OG  . SER A 1 22  ? -2.344  -17.940 -1.426  1.00 20.55 ? 22   SER A OG  1 
ATOM   163  N  N   . SER A 1 23  ? -4.991  -16.889 -0.273  1.00 8.97  ? 23   SER A N   1 
ATOM   164  C  CA  . SER A 1 23  ? -5.193  -16.361 1.070   1.00 8.20  ? 23   SER A CA  1 
ATOM   165  C  C   . SER A 1 23  ? -3.879  -16.118 1.830   1.00 6.42  ? 23   SER A C   1 
ATOM   166  O  O   . SER A 1 23  ? -3.863  -15.344 2.778   1.00 8.27  ? 23   SER A O   1 
ATOM   167  C  CB  . SER A 1 23  ? -6.056  -17.361 1.868   1.00 10.03 ? 23   SER A CB  1 
ATOM   168  O  OG  . SER A 1 23  ? -5.410  -18.632 1.970   1.00 9.00  ? 23   SER A OG  1 
ATOM   169  N  N   . ASN A 1 24  ? -2.787  -16.800 1.434   1.00 4.23  ? 24   ASN A N   1 
ATOM   170  C  CA  . ASN A 1 24  ? -1.516  -16.654 2.135   1.00 4.03  ? 24   ASN A CA  1 
ATOM   171  C  C   . ASN A 1 24  ? -0.640  -15.495 1.621   1.00 5.21  ? 24   ASN A C   1 
ATOM   172  O  O   . ASN A 1 24  ? 0.441   -15.243 2.174   1.00 6.29  ? 24   ASN A O   1 
ATOM   173  C  CB  . ASN A 1 24  ? -0.734  -17.972 2.006   1.00 10.50 ? 24   ASN A CB  1 
ATOM   174  C  CG  . ASN A 1 24  ? -1.451  -19.128 2.668   1.00 20.00 ? 24   ASN A CG  1 
ATOM   175  O  OD1 . ASN A 1 24  ? -1.664  -20.178 2.062   1.00 32.64 ? 24   ASN A OD1 1 
ATOM   176  N  ND2 . ASN A 1 24  ? -1.844  -18.927 3.913   1.00 11.25 ? 24   ASN A ND2 1 
ATOM   177  N  N   . TYR A 1 25  ? -1.130  -14.791 0.600   1.00 5.00  ? 25   TYR A N   1 
ATOM   178  C  CA  . TYR A 1 25  ? -0.374  -13.690 -0.007  1.00 4.65  ? 25   TYR A CA  1 
ATOM   179  C  C   . TYR A 1 25  ? 0.082   -12.713 1.055   1.00 5.47  ? 25   TYR A C   1 
ATOM   180  O  O   . TYR A 1 25  ? 1.266   -12.338 1.141   1.00 4.46  ? 25   TYR A O   1 
ATOM   181  C  CB  . TYR A 1 25  ? -1.250  -12.948 -1.017  1.00 5.08  ? 25   TYR A CB  1 
ATOM   182  C  CG  . TYR A 1 25  ? -0.627  -11.667 -1.566  1.00 6.39  ? 25   TYR A CG  1 
ATOM   183  C  CD1 . TYR A 1 25  ? 0.230   -11.709 -2.686  1.00 6.64  ? 25   TYR A CD1 1 
ATOM   184  C  CD2 . TYR A 1 25  ? -0.872  -10.431 -0.968  1.00 3.85  ? 25   TYR A CD2 1 
ATOM   185  C  CE1 . TYR A 1 25  ? 0.806   -10.552 -3.191  1.00 5.83  ? 25   TYR A CE1 1 
ATOM   186  C  CE2 . TYR A 1 25  ? -0.279  -9.267  -1.453  1.00 4.39  ? 25   TYR A CE2 1 
ATOM   187  C  CZ  . TYR A 1 25  ? 0.547   -9.346  -2.550  1.00 7.55  ? 25   TYR A CZ  1 
ATOM   188  O  OH  . TYR A 1 25  ? 1.170   -8.193  -2.989  1.00 9.69  ? 25   TYR A OH  1 
ATOM   189  N  N   . CYS A 1 26  ? -0.826  -12.261 1.904   1.00 3.80  ? 26   CYS A N   1 
ATOM   190  C  CA  . CYS A 1 26  ? -0.444  -11.271 2.907   1.00 5.79  ? 26   CYS A CA  1 
ATOM   191  C  C   . CYS A 1 26  ? 0.562   -11.766 3.934   1.00 4.32  ? 26   CYS A C   1 
ATOM   192  O  O   . CYS A 1 26  ? 1.533   -11.039 4.245   1.00 5.69  ? 26   CYS A O   1 
ATOM   193  C  CB  . CYS A 1 26  ? -1.678  -10.730 3.609   1.00 3.33  ? 26   CYS A CB  1 
ATOM   194  S  SG  . CYS A 1 26  ? -2.653  -9.611  2.548   1.00 4.10  ? 26   CYS A SG  1 
ATOM   195  N  N   . ASN A 1 27  ? 0.391   -12.970 4.483   1.00 6.29  ? 27   ASN A N   1 
ATOM   196  C  CA  . ASN A 1 27  ? 1.394   -13.463 5.425   1.00 4.51  ? 27   ASN A CA  1 
ATOM   197  C  C   . ASN A 1 27  ? 2.794   -13.427 4.782   1.00 5.75  ? 27   ASN A C   1 
ATOM   198  O  O   . ASN A 1 27  ? 3.757   -13.022 5.436   1.00 6.74  ? 27   ASN A O   1 
ATOM   199  C  CB  . ASN A 1 27  ? 1.074   -14.890 5.807   1.00 6.91  ? 27   ASN A CB  1 
ATOM   200  C  CG  . ASN A 1 27  ? -0.092  -14.985 6.729   1.00 7.49  ? 27   ASN A CG  1 
ATOM   201  O  OD1 . ASN A 1 27  ? -0.497  -14.024 7.339   1.00 6.67  ? 27   ASN A OD1 1 
ATOM   202  N  ND2 . ASN A 1 27  ? -0.603  -16.201 6.866   1.00 11.99 ? 27   ASN A ND2 1 
ATOM   203  N  N   . GLN A 1 28  ? 2.884   -13.828 3.529   1.00 5.43  ? 28   GLN A N   1 
ATOM   204  C  CA  . GLN A 1 28  ? 4.178   -13.894 2.866   1.00 6.49  ? 28   GLN A CA  1 
ATOM   205  C  C   . GLN A 1 28  ? 4.752   -12.513 2.601   1.00 7.86  ? 28   GLN A C   1 
ATOM   206  O  O   . GLN A 1 28  ? 5.927   -12.274 2.860   1.00 6.77  ? 28   GLN A O   1 
ATOM   207  C  CB  . GLN A 1 28  ? 4.025   -14.651 1.555   1.00 8.54  ? 28   GLN A CB  1 
ATOM   208  C  CG  . GLN A 1 28  ? 3.708   -16.135 1.791   1.00 15.73 ? 28   GLN A CG  1 
ATOM   209  C  CD  . GLN A 1 28  ? 3.254   -16.846 0.536   1.00 32.31 ? 28   GLN A CD  1 
ATOM   210  O  OE1 . GLN A 1 28  ? 2.790   -17.997 0.590   1.00 35.72 ? 28   GLN A OE1 1 
ATOM   211  N  NE2 . GLN A 1 28  ? 3.376   -16.172 -0.607  1.00 25.56 ? 28   GLN A NE2 1 
ATOM   212  N  N   . MET A 1 29  ? 3.941   -11.609 2.065   1.00 7.52  ? 29   MET A N   1 
ATOM   213  C  CA  . MET A 1 29  ? 4.415   -10.252 1.727   1.00 5.62  ? 29   MET A CA  1 
ATOM   214  C  C   . MET A 1 29  ? 4.676   -9.379  2.949   1.00 8.24  ? 29   MET A C   1 
ATOM   215  O  O   . MET A 1 29  ? 5.622   -8.581  2.972   1.00 6.97  ? 29   MET A O   1 
ATOM   216  C  CB  . MET A 1 29  ? 3.393   -9.575  0.814   1.00 6.98  ? 29   MET A CB  1 
ATOM   217  C  CG  . MET A 1 29  ? 3.347   -10.184 -0.548  1.00 9.68  ? 29   MET A CG  1 
ATOM   218  S  SD  . MET A 1 29  ? 4.875   -9.818  -1.513  1.00 11.57 ? 29   MET A SD  1 
ATOM   219  C  CE  . MET A 1 29  ? 4.732   -8.089  -1.825  1.00 12.62 ? 29   MET A CE  1 
ATOM   220  N  N   . MET A 1 30  ? 3.856   -9.502  3.987   1.00 5.99  ? 30   MET A N   1 
ATOM   221  C  CA  . MET A 1 30  ? 4.090   -8.714  5.171   1.00 6.66  ? 30   MET A CA  1 
ATOM   222  C  C   . MET A 1 30  ? 5.448   -9.116  5.764   1.00 7.67  ? 30   MET A C   1 
ATOM   223  O  O   . MET A 1 30  ? 6.182   -8.283  6.297   1.00 7.02  ? 30   MET A O   1 
ATOM   224  C  CB  . MET A 1 30  ? 2.971   -8.935  6.198   1.00 4.89  ? 30   MET A CB  1 
ATOM   225  C  CG  . MET A 1 30  ? 1.620   -8.343  5.729   1.00 5.72  ? 30   MET A CG  1 
ATOM   226  S  SD  . MET A 1 30  ? 1.644   -6.575  5.369   1.00 5.73  ? 30   MET A SD  1 
ATOM   227  C  CE  . MET A 1 30  ? 1.759   -5.939  7.050   1.00 7.13  ? 30   MET A CE  1 
ATOM   228  N  N   . LYS A 1 31  ? 5.780   -10.404 5.682   1.00 7.33  ? 31   LYS A N   1 
ATOM   229  C  CA  . LYS A 1 31  ? 7.066   -10.835 6.182   1.00 7.17  ? 31   LYS A CA  1 
ATOM   230  C  C   . LYS A 1 31  ? 8.234   -10.436 5.285   1.00 7.46  ? 31   LYS A C   1 
ATOM   231  O  O   . LYS A 1 31  ? 9.221   -9.898  5.801   1.00 11.35 ? 31   LYS A O   1 
ATOM   232  C  CB  . LYS A 1 31  ? 7.078   -12.360 6.362   1.00 7.56  ? 31   LYS A CB  1 
ATOM   233  C  CG  . LYS A 1 31  ? 8.374   -12.908 6.954   1.00 18.90 ? 31   LYS A CG  1 
ATOM   234  C  CD  . LYS A 1 31  ? 8.384   -14.437 6.806   1.00 26.49 ? 31   LYS A CD  1 
ATOM   235  C  CE  . LYS A 1 31  ? 9.587   -15.040 7.491   1.00 34.93 ? 31   LYS A CE  1 
ATOM   236  N  NZ  . LYS A 1 31  ? 9.631   -16.523 7.290   1.00 41.79 ? 31   LYS A NZ  1 
ATOM   237  N  N   . SER A 1 32  ? 8.143   -10.667 3.972   1.00 6.85  ? 32   SER A N   1 
ATOM   238  C  CA  . SER A 1 32  ? 9.233   -10.358 3.080   1.00 10.22 ? 32   SER A CA  1 
ATOM   239  C  C   . SER A 1 32  ? 9.497   -8.872  2.950   1.00 11.05 ? 32   SER A C   1 
ATOM   240  O  O   . SER A 1 32  ? 10.633  -8.517  2.698   1.00 11.02 ? 32   SER A O   1 
ATOM   241  C  CB  . SER A 1 32  ? 9.037   -11.001 1.724   1.00 17.68 ? 32   SER A CB  1 
ATOM   242  O  OG  . SER A 1 32  ? 7.912   -10.481 1.092   1.00 12.04 ? 32   SER A OG  1 
ATOM   243  N  N   . ARG A 1 33  ? 8.490   -8.009  3.115   1.00 5.63  ? 33   ARG A N   1 
ATOM   244  C  CA  . ARG A 1 33  ? 8.739   -6.541  3.063   1.00 4.08  ? 33   ARG A CA  1 
ATOM   245  C  C   . ARG A 1 33  ? 9.144   -5.982  4.411   1.00 5.94  ? 33   ARG A C   1 
ATOM   246  O  O   . ARG A 1 33  ? 9.199   -4.779  4.626   1.00 6.20  ? 33   ARG A O   1 
ATOM   247  C  CB  . ARG A 1 33  ? 7.507   -5.808  2.473   1.00 3.43  ? 33   ARG A CB  1 
ATOM   248  C  CG  . ARG A 1 33  ? 7.234   -6.195  1.028   1.00 5.91  ? 33   ARG A CG  1 
ATOM   249  C  CD  . ARG A 1 33  ? 8.449   -5.895  0.102   1.00 3.31  ? 33   ARG A CD  1 
ATOM   250  N  NE  . ARG A 1 33  ? 8.164   -6.222  -1.263  1.00 5.49  ? 33   ARG A NE  1 
ATOM   251  C  CZ  . ARG A 1 33  ? 7.557   -5.396  -2.115  1.00 5.42  ? 33   ARG A CZ  1 
ATOM   252  N  NH1 . ARG A 1 33  ? 7.177   -4.181  -1.699  1.00 5.46  ? 33   ARG A NH1 1 
ATOM   253  N  NH2 . ARG A 1 33  ? 7.360   -5.780  -3.374  1.00 7.86  ? 33   ARG A NH2 1 
ATOM   254  N  N   . ASN A 1 34  ? 9.399   -6.881  5.368   1.00 6.78  ? 34   ASN A N   1 
ATOM   255  C  CA  . ASN A 1 34  ? 9.860   -6.527  6.703   1.00 6.09  ? 34   ASN A CA  1 
ATOM   256  C  C   . ASN A 1 34  ? 8.912   -5.679  7.526   1.00 9.96  ? 34   ASN A C   1 
ATOM   257  O  O   . ASN A 1 34  ? 9.319   -4.753  8.243   1.00 12.71 ? 34   ASN A O   1 
ATOM   258  C  CB  . ASN A 1 34  ? 11.252  -5.874  6.590   1.00 12.26 ? 34   ASN A CB  1 
ATOM   259  C  CG  . ASN A 1 34  ? 12.294  -6.886  6.128   1.00 15.87 ? 34   ASN A CG  1 
ATOM   260  O  OD1 . ASN A 1 34  ? 12.095  -8.115  6.262   1.00 15.02 ? 34   ASN A OD1 1 
ATOM   261  N  ND2 . ASN A 1 34  ? 13.380  -6.405  5.575   1.00 14.25 ? 34   ASN A ND2 1 
ATOM   262  N  N   . LEU A 1 35  ? 7.619   -6.016  7.407   1.00 8.68  ? 35   LEU A N   1 
ATOM   263  C  CA  . LEU A 1 35  ? 6.591   -5.311  8.143   1.00 8.52  ? 35   LEU A CA  1 
ATOM   264  C  C   . LEU A 1 35  ? 6.176   -6.096  9.393   1.00 12.70 ? 35   LEU A C   1 
ATOM   265  O  O   . LEU A 1 35  ? 5.183   -5.750  10.051  1.00 10.31 ? 35   LEU A O   1 
ATOM   266  C  CB  . LEU A 1 35  ? 5.360   -5.088  7.236   1.00 6.72  ? 35   LEU A CB  1 
ATOM   267  C  CG  . LEU A 1 35  ? 5.765   -4.412  5.914   1.00 5.61  ? 35   LEU A CG  1 
ATOM   268  C  CD1 . LEU A 1 35  ? 4.545   -4.237  5.017   1.00 11.40 ? 35   LEU A CD1 1 
ATOM   269  C  CD2 . LEU A 1 35  ? 6.407   -3.041  6.201   1.00 8.97  ? 35   LEU A CD2 1 
ATOM   270  N  N   . THR A 1 36  ? 6.914   -7.158  9.709   1.00 11.89 ? 36   THR A N   1 
ATOM   271  C  CA  . THR A 1 36  ? 6.571   -7.957  10.882  1.00 15.68 ? 36   THR A CA  1 
ATOM   272  C  C   . THR A 1 36  ? 7.803   -8.186  11.745  1.00 22.48 ? 36   THR A C   1 
ATOM   273  O  O   . THR A 1 36  ? 7.815   -9.081  12.592  1.00 15.47 ? 36   THR A O   1 
ATOM   274  C  CB  . THR A 1 36  ? 5.981   -9.343  10.525  1.00 11.08 ? 36   THR A CB  1 
ATOM   275  O  OG1 . THR A 1 36  ? 6.941   -10.153 9.849   1.00 14.29 ? 36   THR A OG1 1 
ATOM   276  C  CG2 . THR A 1 36  ? 4.718   -9.193  9.642   1.00 12.15 ? 36   THR A CG2 1 
ATOM   277  N  N   . LYS A 1 37  ? 8.820   -7.355  11.528  1.00 18.39 ? 37   LYS A N   1 
ATOM   278  C  CA  . LYS A 1 37  ? 10.085  -7.457  12.263  1.00 30.55 ? 37   LYS A CA  1 
ATOM   279  C  C   . LYS A 1 37  ? 10.023  -7.460  13.785  1.00 28.43 ? 37   LYS A C   1 
ATOM   280  O  O   . LYS A 1 37  ? 10.452  -8.426  14.435  1.00 29.28 ? 37   LYS A O   1 
ATOM   281  C  CB  . LYS A 1 37  ? 11.036  -6.340  11.831  1.00 32.14 ? 37   LYS A CB  1 
ATOM   282  C  CG  . LYS A 1 37  ? 11.611  -6.495  10.428  1.00 39.51 ? 37   LYS A CG  1 
ATOM   283  C  CD  . LYS A 1 37  ? 12.520  -7.721  10.270  1.00 36.16 ? 37   LYS A CD  1 
ATOM   284  C  CE  . LYS A 1 37  ? 13.413  -7.575  9.029   1.00 43.25 ? 37   LYS A CE  1 
ATOM   285  N  NZ  . LYS A 1 37  ? 14.284  -8.755  8.688   1.00 39.71 ? 37   LYS A NZ  1 
ATOM   286  N  N   . ASP A 1 38  ? 9.530   -6.377  14.367  1.00 26.92 ? 38   ASP A N   1 
ATOM   287  C  CA  . ASP A 1 38  ? 9.467   -6.272  15.824  1.00 31.05 ? 38   ASP A CA  1 
ATOM   288  C  C   . ASP A 1 38  ? 8.051   -6.365  16.346  1.00 32.49 ? 38   ASP A C   1 
ATOM   289  O  O   . ASP A 1 38  ? 7.805   -6.687  17.513  1.00 32.48 ? 38   ASP A O   1 
ATOM   290  C  CB  . ASP A 1 38  ? 10.081  -4.940  16.262  1.00 36.24 ? 38   ASP A CB  1 
ATOM   291  C  CG  . ASP A 1 38  ? 11.474  -4.730  15.695  1.00 42.52 ? 38   ASP A CG  1 
ATOM   292  O  OD1 . ASP A 1 38  ? 12.326  -5.615  15.916  1.00 41.58 ? 38   ASP A OD1 1 
ATOM   293  O  OD2 . ASP A 1 38  ? 11.718  -3.694  15.024  1.00 46.98 ? 38   ASP A OD2 1 
ATOM   294  N  N   . ARG A 1 39  ? 7.110   -6.071  15.460  1.00 28.64 ? 39   ARG A N   1 
ATOM   295  C  CA  . ARG A 1 39  ? 5.704   -6.113  15.787  1.00 26.32 ? 39   ARG A CA  1 
ATOM   296  C  C   . ARG A 1 39  ? 4.954   -6.393  14.485  1.00 15.73 ? 39   ARG A C   1 
ATOM   297  O  O   . ARG A 1 39  ? 5.539   -6.270  13.395  1.00 14.50 ? 39   ARG A O   1 
ATOM   298  C  CB  . ARG A 1 39  ? 5.281   -4.765  16.359  1.00 27.46 ? 39   ARG A CB  1 
ATOM   299  C  CG  . ARG A 1 39  ? 3.801   -4.635  16.541  1.00 40.55 ? 39   ARG A CG  1 
ATOM   300  C  CD  . ARG A 1 39  ? 3.447   -3.404  17.356  1.00 48.37 ? 39   ARG A CD  1 
ATOM   301  N  NE  . ARG A 1 39  ? 2.001   -3.204  17.443  1.00 50.52 ? 39   ARG A NE  1 
ATOM   302  C  CZ  . ARG A 1 39  ? 1.241   -2.781  16.432  1.00 49.96 ? 39   ARG A CZ  1 
ATOM   303  N  NH1 . ARG A 1 39  ? 1.793   -2.518  15.258  1.00 46.75 ? 39   ARG A NH1 1 
ATOM   304  N  NH2 . ARG A 1 39  ? -0.072  -2.598  16.604  1.00 50.48 ? 39   ARG A NH2 1 
ATOM   305  N  N   . CYS A 1 40  ? 3.690   -6.801  14.577  1.00 16.47 ? 40   CYS A N   1 
ATOM   306  C  CA  . CYS A 1 40  ? 2.912   -7.032  13.356  1.00 9.59  ? 40   CYS A CA  1 
ATOM   307  C  C   . CYS A 1 40  ? 2.278   -5.730  12.904  1.00 11.17 ? 40   CYS A C   1 
ATOM   308  O  O   . CYS A 1 40  ? 1.493   -5.151  13.647  1.00 11.15 ? 40   CYS A O   1 
ATOM   309  C  CB  . CYS A 1 40  ? 1.763   -8.021  13.581  1.00 12.53 ? 40   CYS A CB  1 
ATOM   310  S  SG  . CYS A 1 40  ? 2.199   -9.592  14.385  1.00 12.24 ? 40   CYS A SG  1 
ATOM   311  N  N   . LYS A 1 41  ? 2.592   -5.232  11.709  1.00 6.88  ? 41   LYS A N   1 
ATOM   312  C  CA  . LYS A 1 41  ? 1.940   -4.003  11.256  1.00 6.32  ? 41   LYS A CA  1 
ATOM   313  C  C   . LYS A 1 41  ? 0.464   -4.401  11.138  1.00 7.18  ? 41   LYS A C   1 
ATOM   314  O  O   . LYS A 1 41  ? 0.134   -5.369  10.484  1.00 6.85  ? 41   LYS A O   1 
ATOM   315  C  CB  . LYS A 1 41  ? 2.516   -3.533  9.928   1.00 7.08  ? 41   LYS A CB  1 
ATOM   316  C  CG  . LYS A 1 41  ? 1.935   -2.193  9.457   1.00 6.90  ? 41   LYS A CG  1 
ATOM   317  C  CD  . LYS A 1 41  ? 2.675   -1.639  8.219   1.00 7.23  ? 41   LYS A CD  1 
ATOM   318  C  CE  . LYS A 1 41  ? 2.280   -0.202  7.882   1.00 17.04 ? 41   LYS A CE  1 
ATOM   319  N  NZ  . LYS A 1 41  ? 1.234   -0.099  6.831   1.00 16.56 ? 41   LYS A NZ  1 
ATOM   320  N  N   . PRO A 1 42  ? -0.432  -3.613  11.740  1.00 6.18  ? 42   PRO A N   1 
ATOM   321  C  CA  . PRO A 1 42  ? -1.851  -4.003  11.701  1.00 4.94  ? 42   PRO A CA  1 
ATOM   322  C  C   . PRO A 1 42  ? -2.565  -4.058  10.372  1.00 6.70  ? 42   PRO A C   1 
ATOM   323  O  O   . PRO A 1 42  ? -3.331  -5.015  10.104  1.00 6.38  ? 42   PRO A O   1 
ATOM   324  C  CB  . PRO A 1 42  ? -2.524  -3.022  12.671  1.00 8.93  ? 42   PRO A CB  1 
ATOM   325  C  CG  . PRO A 1 42  ? -1.605  -1.883  12.770  1.00 22.71 ? 42   PRO A CG  1 
ATOM   326  C  CD  . PRO A 1 42  ? -0.192  -2.462  12.619  1.00 10.22 ? 42   PRO A CD  1 
ATOM   327  N  N   . VAL A 1 43  ? -2.334  -3.048  9.545   1.00 4.25  ? 43   VAL A N   1 
ATOM   328  C  CA  . VAL A 1 43  ? -3.002  -2.925  8.263   1.00 4.66  ? 43   VAL A CA  1 
ATOM   329  C  C   . VAL A 1 43  ? -1.989  -2.480  7.232   1.00 6.31  ? 43   VAL A C   1 
ATOM   330  O  O   . VAL A 1 43  ? -1.165  -1.620  7.530   1.00 5.52  ? 43   VAL A O   1 
ATOM   331  C  CB  . VAL A 1 43  ? -4.142  -1.852  8.303   1.00 3.80  ? 43   VAL A CB  1 
ATOM   332  C  CG1 . VAL A 1 43  ? -4.728  -1.639  6.933   1.00 8.23  ? 43   VAL A CG1 1 
ATOM   333  C  CG2 . VAL A 1 43  ? -5.245  -2.324  9.310   1.00 5.26  ? 43   VAL A CG2 1 
ATOM   334  N  N   . ASN A 1 44  ? -2.044  -3.053  6.037   1.00 4.58  ? 44   ASN A N   1 
ATOM   335  C  CA  . ASN A 1 44  ? -1.132  -2.594  4.988   1.00 4.71  ? 44   ASN A CA  1 
ATOM   336  C  C   . ASN A 1 44  ? -1.701  -2.966  3.630   1.00 5.04  ? 44   ASN A C   1 
ATOM   337  O  O   . ASN A 1 44  ? -2.130  -4.092  3.419   1.00 5.40  ? 44   ASN A O   1 
ATOM   338  C  CB  . ASN A 1 44  ? 0.236   -3.255  5.118   1.00 3.94  ? 44   ASN A CB  1 
ATOM   339  C  CG  . ASN A 1 44  ? 1.281   -2.592  4.219   1.00 6.42  ? 44   ASN A CG  1 
ATOM   340  O  OD1 . ASN A 1 44  ? 1.632   -1.425  4.426   1.00 6.70  ? 44   ASN A OD1 1 
ATOM   341  N  ND2 . ASN A 1 44  ? 1.757   -3.321  3.233   1.00 6.05  ? 44   ASN A ND2 1 
ATOM   342  N  N   . THR A 1 45  ? -1.627  -2.042  2.685   1.00 7.13  ? 45   THR A N   1 
ATOM   343  C  CA  . THR A 1 45  ? -2.127  -2.229  1.344   1.00 5.19  ? 45   THR A CA  1 
ATOM   344  C  C   . THR A 1 45  ? -1.004  -2.357  0.314   1.00 5.36  ? 45   THR A C   1 
ATOM   345  O  O   . THR A 1 45  ? -0.027  -1.557  0.360   1.00 5.26  ? 45   THR A O   1 
ATOM   346  C  CB  . THR A 1 45  ? -2.961  -1.017  0.938   1.00 7.85  ? 45   THR A CB  1 
ATOM   347  O  OG1 . THR A 1 45  ? -3.951  -0.798  1.944   1.00 14.68 ? 45   THR A OG1 1 
ATOM   348  C  CG2 . THR A 1 45  ? -3.599  -1.211  -0.402  1.00 6.40  ? 45   THR A CG2 1 
ATOM   349  N  N   . PHE A 1 46  ? -1.107  -3.335  -0.586  1.00 3.21  ? 46   PHE A N   1 
ATOM   350  C  CA  . PHE A 1 46  ? -0.130  -3.498  -1.681  1.00 4.68  ? 46   PHE A CA  1 
ATOM   351  C  C   . PHE A 1 46  ? -0.872  -3.222  -2.989  1.00 6.12  ? 46   PHE A C   1 
ATOM   352  O  O   . PHE A 1 46  ? -2.009  -3.672  -3.212  1.00 4.99  ? 46   PHE A O   1 
ATOM   353  C  CB  . PHE A 1 46  ? 0.404   -4.921  -1.714  1.00 3.34  ? 46   PHE A CB  1 
ATOM   354  C  CG  . PHE A 1 46  ? 1.337   -5.242  -0.598  1.00 4.01  ? 46   PHE A CG  1 
ATOM   355  C  CD1 . PHE A 1 46  ? 2.659   -4.772  -0.604  1.00 6.32  ? 46   PHE A CD1 1 
ATOM   356  C  CD2 . PHE A 1 46  ? 0.890   -6.017  0.504   1.00 3.58  ? 46   PHE A CD2 1 
ATOM   357  C  CE1 . PHE A 1 46  ? 3.521   -5.067  0.447   1.00 6.41  ? 46   PHE A CE1 1 
ATOM   358  C  CE2 . PHE A 1 46  ? 1.745   -6.298  1.545   1.00 5.59  ? 46   PHE A CE2 1 
ATOM   359  C  CZ  . PHE A 1 46  ? 3.079   -5.826  1.512   1.00 7.69  ? 46   PHE A CZ  1 
ATOM   360  N  N   . VAL A 1 47  ? -0.231  -2.445  -3.851  1.00 3.79  ? 47   VAL A N   1 
ATOM   361  C  CA  . VAL A 1 47  ? -0.797  -2.100  -5.152  1.00 4.03  ? 47   VAL A CA  1 
ATOM   362  C  C   . VAL A 1 47  ? -0.089  -2.899  -6.251  1.00 4.09  ? 47   VAL A C   1 
ATOM   363  O  O   . VAL A 1 47  ? 1.125   -2.856  -6.383  1.00 4.67  ? 47   VAL A O   1 
ATOM   364  C  CB  . VAL A 1 47  ? -0.624  -0.618  -5.407  1.00 3.70  ? 47   VAL A CB  1 
ATOM   365  C  CG1 . VAL A 1 47  ? -1.273  -0.292  -6.751  1.00 4.30  ? 47   VAL A CG1 1 
ATOM   366  C  CG2 . VAL A 1 47  ? -1.276  0.193   -4.298  1.00 3.95  ? 47   VAL A CG2 1 
ATOM   367  N  N   . HIS A 1 48  ? -0.872  -3.596  -7.057  1.00 4.18  ? 48   HIS A N   1 
ATOM   368  C  CA  . HIS A 1 48  ? -0.337  -4.488  -8.127  1.00 1.93  ? 48   HIS A CA  1 
ATOM   369  C  C   . HIS A 1 48  ? -0.366  -3.778  -9.470  1.00 5.08  ? 48   HIS A C   1 
ATOM   370  O  O   . HIS A 1 48  ? -1.162  -4.130  -10.361 1.00 6.00  ? 48   HIS A O   1 
ATOM   371  C  CB  . HIS A 1 48  ? -1.211  -5.737  -8.273  1.00 4.68  ? 48   HIS A CB  1 
ATOM   372  C  CG  . HIS A 1 48  ? -1.262  -6.582  -7.057  1.00 5.95  ? 48   HIS A CG  1 
ATOM   373  N  ND1 . HIS A 1 48  ? -0.409  -7.658  -6.847  1.00 10.15 ? 48   HIS A ND1 1 
ATOM   374  C  CD2 . HIS A 1 48  ? -2.100  -6.547  -5.984  1.00 8.42  ? 48   HIS A CD2 1 
ATOM   375  C  CE1 . HIS A 1 48  ? -0.707  -8.223  -5.687  1.00 18.05 ? 48   HIS A CE1 1 
ATOM   376  N  NE2 . HIS A 1 48  ? -1.726  -7.559  -5.137  1.00 11.35 ? 48   HIS A NE2 1 
ATOM   377  N  N   . GLU A 1 49  ? 0.455   -2.748  -9.580  1.00 3.66  ? 49   GLU A N   1 
ATOM   378  C  CA  . GLU A 1 49  ? 0.569   -1.996  -10.828 1.00 4.03  ? 49   GLU A CA  1 
ATOM   379  C  C   . GLU A 1 49  ? 2.028   -1.616  -10.922 1.00 4.11  ? 49   GLU A C   1 
ATOM   380  O  O   . GLU A 1 49  ? 2.787   -1.756  -9.953  1.00 4.70  ? 49   GLU A O   1 
ATOM   381  C  CB  . GLU A 1 49  ? -0.275  -0.722  -10.798 1.00 3.94  ? 49   GLU A CB  1 
ATOM   382  C  CG  . GLU A 1 49  ? -1.789  -0.964  -10.607 1.00 2.78  ? 49   GLU A CG  1 
ATOM   383  C  CD  . GLU A 1 49  ? -2.447  -1.740  -11.708 1.00 4.99  ? 49   GLU A CD  1 
ATOM   384  O  OE1 . GLU A 1 49  ? -1.863  -1.929  -12.802 1.00 4.80  ? 49   GLU A OE1 1 
ATOM   385  O  OE2 . GLU A 1 49  ? -3.603  -2.158  -11.494 1.00 5.90  ? 49   GLU A OE2 1 
ATOM   386  N  N   . SER A 1 50  ? 2.436   -1.090  -12.068 1.00 3.74  ? 50   SER A N   1 
ATOM   387  C  CA  . SER A 1 50  ? 3.846   -0.720  -12.208 1.00 3.87  ? 50   SER A CA  1 
ATOM   388  C  C   . SER A 1 50  ? 4.135   0.458   -11.284 1.00 4.58  ? 50   SER A C   1 
ATOM   389  O  O   . SER A 1 50  ? 3.246   1.249   -10.972 1.00 3.23  ? 50   SER A O   1 
ATOM   390  C  CB  . SER A 1 50  ? 4.110   -0.268  -13.653 1.00 5.38  ? 50   SER A CB  1 
ATOM   391  O  OG  . SER A 1 50  ? 3.379   0.908   -14.011 1.00 4.77  ? 50   SER A OG  1 
ATOM   392  N  N   . LEU A 1 51  ? 5.394   0.621   -10.884 1.00 4.49  ? 51   LEU A N   1 
ATOM   393  C  CA  . LEU A 1 51  ? 5.750   1.780   -10.088 1.00 4.01  ? 51   LEU A CA  1 
ATOM   394  C  C   . LEU A 1 51  ? 5.439   3.072   -10.846 1.00 4.12  ? 51   LEU A C   1 
ATOM   395  O  O   . LEU A 1 51  ? 4.965   4.041   -10.255 1.00 3.96  ? 51   LEU A O   1 
ATOM   396  C  CB  . LEU A 1 51  ? 7.240   1.685   -9.757  1.00 4.17  ? 51   LEU A CB  1 
ATOM   397  C  CG  . LEU A 1 51  ? 7.796   2.893   -8.978  1.00 5.38  ? 51   LEU A CG  1 
ATOM   398  C  CD1 . LEU A 1 51  ? 7.082   3.085   -7.638  1.00 5.87  ? 51   LEU A CD1 1 
ATOM   399  C  CD2 . LEU A 1 51  ? 9.292   2.644   -8.736  1.00 9.50  ? 51   LEU A CD2 1 
ATOM   400  N  N   . ALA A 1 52  ? 5.714   3.116   -12.153 1.00 2.69  ? 52   ALA A N   1 
ATOM   401  C  CA  . ALA A 1 52  ? 5.402   4.309   -12.926 1.00 5.07  ? 52   ALA A CA  1 
ATOM   402  C  C   . ALA A 1 52  ? 3.907   4.663   -12.849 1.00 2.52  ? 52   ALA A C   1 
ATOM   403  O  O   . ALA A 1 52  ? 3.568   5.848   -12.683 1.00 5.12  ? 52   ALA A O   1 
ATOM   404  C  CB  . ALA A 1 52  ? 5.795   4.121   -14.409 1.00 7.07  ? 52   ALA A CB  1 
ATOM   405  N  N   . ASP A 1 53  ? 3.011   3.685   -12.964 1.00 4.02  ? 53   ASP A N   1 
ATOM   406  C  CA  . ASP A 1 53  ? 1.560   3.989   -12.907 1.00 3.57  ? 53   ASP A CA  1 
ATOM   407  C  C   . ASP A 1 53  ? 1.174   4.534   -11.527 1.00 5.34  ? 53   ASP A C   1 
ATOM   408  O  O   . ASP A 1 53  ? 0.315   5.412   -11.445 1.00 4.61  ? 53   ASP A O   1 
ATOM   409  C  CB  . ASP A 1 53  ? 0.729   2.727   -13.212 1.00 4.24  ? 53   ASP A CB  1 
ATOM   410  C  CG  . ASP A 1 53  ? 0.672   2.412   -14.694 1.00 5.95  ? 53   ASP A CG  1 
ATOM   411  O  OD1 . ASP A 1 53  ? 1.306   3.119   -15.499 1.00 7.41  ? 53   ASP A OD1 1 
ATOM   412  O  OD2 . ASP A 1 53  ? -0.050  1.446   -15.021 1.00 7.97  ? 53   ASP A OD2 1 
ATOM   413  N  N   . VAL A 1 54  ? 1.771   4.000   -10.438 1.00 2.12  ? 54   VAL A N   1 
ATOM   414  C  CA  . VAL A 1 54  ? 1.432   4.521   -9.095  1.00 2.74  ? 54   VAL A CA  1 
ATOM   415  C  C   . VAL A 1 54  ? 2.034   5.925   -8.917  1.00 3.96  ? 54   VAL A C   1 
ATOM   416  O  O   . VAL A 1 54  ? 1.373   6.817   -8.446  1.00 3.70  ? 54   VAL A O   1 
ATOM   417  C  CB  . VAL A 1 54  ? 1.875   3.535   -8.014  1.00 1.77  ? 54   VAL A CB  1 
ATOM   418  C  CG1 . VAL A 1 54  ? 1.568   4.089   -6.615  1.00 4.16  ? 54   VAL A CG1 1 
ATOM   419  C  CG2 . VAL A 1 54  ? 1.105   2.197   -8.200  1.00 3.10  ? 54   VAL A CG2 1 
ATOM   420  N  N   . GLN A 1 55  ? 3.261   6.146   -9.385  1.00 4.31  ? 55   GLN A N   1 
ATOM   421  C  CA  . GLN A 1 55  ? 3.851   7.469   -9.298  1.00 3.76  ? 55   GLN A CA  1 
ATOM   422  C  C   . GLN A 1 55  ? 3.002   8.472   -10.070 1.00 3.19  ? 55   GLN A C   1 
ATOM   423  O  O   . GLN A 1 55  ? 2.872   9.625   -9.633  1.00 5.19  ? 55   GLN A O   1 
ATOM   424  C  CB  . GLN A 1 55  ? 5.274   7.475   -9.870  1.00 3.91  ? 55   GLN A CB  1 
ATOM   425  C  CG  . GLN A 1 55  ? 6.242   6.682   -8.964  1.00 5.01  ? 55   GLN A CG  1 
ATOM   426  C  CD  . GLN A 1 55  ? 7.604   6.505   -9.605  1.00 6.21  ? 55   GLN A CD  1 
ATOM   427  O  OE1 . GLN A 1 55  ? 7.709   6.440   -10.834 1.00 7.11  ? 55   GLN A OE1 1 
ATOM   428  N  NE2 . GLN A 1 55  ? 8.641   6.377   -8.776  1.00 5.56  ? 55   GLN A NE2 1 
ATOM   429  N  N   . ALA A 1 56  ? 2.460   8.056   -11.221 1.00 2.29  ? 56   ALA A N   1 
ATOM   430  C  CA  . ALA A 1 56  ? 1.651   8.986   -12.016 1.00 3.52  ? 56   ALA A CA  1 
ATOM   431  C  C   . ALA A 1 56  ? 0.394   9.459   -11.292 1.00 4.21  ? 56   ALA A C   1 
ATOM   432  O  O   . ALA A 1 56  ? -0.196  10.496  -11.663 1.00 4.18  ? 56   ALA A O   1 
ATOM   433  C  CB  . ALA A 1 56  ? 1.250   8.356   -13.347 1.00 2.72  ? 56   ALA A CB  1 
ATOM   434  N  N   . VAL A 1 57  ? -0.036  8.734   -10.244 1.00 2.99  ? 57   VAL A N   1 
ATOM   435  C  CA  . VAL A 1 57  ? -1.223  9.189   -9.532  1.00 3.12  ? 57   VAL A CA  1 
ATOM   436  C  C   . VAL A 1 57  ? -0.992  10.583  -8.923  1.00 5.64  ? 57   VAL A C   1 
ATOM   437  O  O   . VAL A 1 57  ? -1.950  11.346  -8.738  1.00 4.59  ? 57   VAL A O   1 
ATOM   438  C  CB  . VAL A 1 57  ? -1.658  8.107   -8.463  1.00 3.03  ? 57   VAL A CB  1 
ATOM   439  C  CG1 . VAL A 1 57  ? -2.847  8.611   -7.603  1.00 4.91  ? 57   VAL A CG1 1 
ATOM   440  C  CG2 . VAL A 1 57  ? -2.064  6.804   -9.171  1.00 5.24  ? 57   VAL A CG2 1 
ATOM   441  N  N   . CYS A 1 58  ? 0.262   10.932  -8.621  1.00 3.03  ? 58   CYS A N   1 
ATOM   442  C  CA  . CYS A 1 58  ? 0.568   12.253  -8.065  1.00 3.75  ? 58   CYS A CA  1 
ATOM   443  C  C   . CYS A 1 58  ? 0.254   13.441  -8.974  1.00 2.47  ? 58   CYS A C   1 
ATOM   444  O  O   . CYS A 1 58  ? 0.373   14.598  -8.528  1.00 5.52  ? 58   CYS A O   1 
ATOM   445  C  CB  . CYS A 1 58  ? 2.025   12.343  -7.672  1.00 2.63  ? 58   CYS A CB  1 
ATOM   446  S  SG  . CYS A 1 58  ? 2.476   11.190  -6.319  1.00 5.95  ? 58   CYS A SG  1 
ATOM   447  N  N   . SER A 1 59  ? -0.101  13.170  -10.218 1.00 4.43  ? 59   SER A N   1 
ATOM   448  C  CA  . SER A 1 59  ? -0.561  14.282  -11.072 1.00 3.00  ? 59   SER A CA  1 
ATOM   449  C  C   . SER A 1 59  ? -1.983  14.022  -11.568 1.00 3.98  ? 59   SER A C   1 
ATOM   450  O  O   . SER A 1 59  ? -2.448  14.647  -12.526 1.00 7.30  ? 59   SER A O   1 
ATOM   451  C  CB  . SER A 1 59  ? 0.399   14.537  -12.235 1.00 9.40  ? 59   SER A CB  1 
ATOM   452  O  OG  . SER A 1 59  ? 0.584   13.372  -12.995 1.00 19.40 ? 59   SER A OG  1 
ATOM   453  N  N   . GLN A 1 60  ? -2.716  13.153  -10.874 1.00 3.93  ? 60   GLN A N   1 
ATOM   454  C  CA  . GLN A 1 60  ? -4.105  12.851  -11.219 1.00 4.75  ? 60   GLN A CA  1 
ATOM   455  C  C   . GLN A 1 60  ? -5.072  13.666  -10.323 1.00 5.18  ? 60   GLN A C   1 
ATOM   456  O  O   . GLN A 1 60  ? -4.835  14.856  -10.154 1.00 5.61  ? 60   GLN A O   1 
ATOM   457  C  CB  . GLN A 1 60  ? -4.327  11.354  -11.160 1.00 3.46  ? 60   GLN A CB  1 
ATOM   458  C  CG  . GLN A 1 60  ? -3.580  10.723  -12.375 1.00 4.76  ? 60   GLN A CG  1 
ATOM   459  C  CD  . GLN A 1 60  ? -3.542  9.211   -12.451 1.00 3.66  ? 60   GLN A CD  1 
ATOM   460  O  OE1 . GLN A 1 60  ? -4.377  8.502   -11.884 1.00 4.74  ? 60   GLN A OE1 1 
ATOM   461  N  NE2 . GLN A 1 60  ? -2.555  8.687   -13.220 1.00 5.82  ? 60   GLN A NE2 1 
ATOM   462  N  N   . LYS A 1 61  ? -6.125  13.062  -9.760  1.00 3.87  ? 61   LYS A N   1 
ATOM   463  C  CA  . LYS A 1 61  ? -7.129  13.924  -9.053  1.00 4.12  ? 61   LYS A CA  1 
ATOM   464  C  C   . LYS A 1 61  ? -6.732  14.337  -7.662  1.00 6.99  ? 61   LYS A C   1 
ATOM   465  O  O   . LYS A 1 61  ? -6.612  13.510  -6.793  1.00 4.56  ? 61   LYS A O   1 
ATOM   466  C  CB  . LYS A 1 61  ? -8.472  13.179  -9.035  1.00 6.11  ? 61   LYS A CB  1 
ATOM   467  C  CG  . LYS A 1 61  ? -9.700  14.054  -8.576  1.00 2.96  ? 61   LYS A CG  1 
ATOM   468  C  CD  . LYS A 1 61  ? -10.062 15.069  -9.666  1.00 4.36  ? 61   LYS A CD  1 
ATOM   469  C  CE  . LYS A 1 61  ? -11.320 15.803  -9.276  1.00 5.33  ? 61   LYS A CE  1 
ATOM   470  N  NZ  . LYS A 1 61  ? -11.843 16.587  -10.424 1.00 6.55  ? 61   LYS A NZ  1 
ATOM   471  N  N   . ASN A 1 62  ? -6.586  15.636  -7.432  1.00 5.23  ? 62   ASN A N   1 
ATOM   472  C  CA  . ASN A 1 62  ? -6.179  16.122  -6.116  1.00 6.06  ? 62   ASN A CA  1 
ATOM   473  C  C   . ASN A 1 62  ? -7.400  16.047  -5.199  1.00 6.50  ? 62   ASN A C   1 
ATOM   474  O  O   . ASN A 1 62  ? -8.450  16.583  -5.535  1.00 8.16  ? 62   ASN A O   1 
ATOM   475  C  CB  . ASN A 1 62  ? -5.669  17.551  -6.258  1.00 6.78  ? 62   ASN A CB  1 
ATOM   476  C  CG  . ASN A 1 62  ? -5.108  18.126  -4.948  1.00 10.50 ? 62   ASN A CG  1 
ATOM   477  O  OD1 . ASN A 1 62  ? -4.504  17.417  -4.096  1.00 11.23 ? 62   ASN A OD1 1 
ATOM   478  N  ND2 . ASN A 1 62  ? -5.244  19.428  -4.808  1.00 13.20 ? 62   ASN A ND2 1 
ATOM   479  N  N   . VAL A 1 63  ? -7.271  15.371  -4.067  1.00 5.52  ? 63   VAL A N   1 
ATOM   480  C  CA  . VAL A 1 63  ? -8.376  15.216  -3.113  1.00 6.04  ? 63   VAL A CA  1 
ATOM   481  C  C   . VAL A 1 63  ? -7.846  15.375  -1.705  1.00 6.45  ? 63   VAL A C   1 
ATOM   482  O  O   . VAL A 1 63  ? -6.637  15.259  -1.469  1.00 8.17  ? 63   VAL A O   1 
ATOM   483  C  CB  . VAL A 1 63  ? -9.043  13.794  -3.144  1.00 7.91  ? 63   VAL A CB  1 
ATOM   484  C  CG1 . VAL A 1 63  ? -9.722  13.554  -4.483  1.00 8.77  ? 63   VAL A CG1 1 
ATOM   485  C  CG2 . VAL A 1 63  ? -8.015  12.684  -2.911  1.00 5.82  ? 63   VAL A CG2 1 
ATOM   486  N  N   . ALA A 1 64  ? -8.724  15.675  -0.755  1.00 7.04  ? 64   ALA A N   1 
ATOM   487  C  CA  . ALA A 1 64  ? -8.236  15.760  0.610   1.00 7.65  ? 64   ALA A CA  1 
ATOM   488  C  C   . ALA A 1 64  ? -7.791  14.387  1.129   1.00 6.19  ? 64   ALA A C   1 
ATOM   489  O  O   . ALA A 1 64  ? -8.324  13.334  0.723   1.00 6.16  ? 64   ALA A O   1 
ATOM   490  C  CB  . ALA A 1 64  ? -9.350  16.298  1.546   1.00 8.30  ? 64   ALA A CB  1 
ATOM   491  N  N   . CYS A 1 65  ? -6.809  14.402  2.025   1.00 7.70  ? 65   CYS A N   1 
ATOM   492  C  CA  . CYS A 1 65  ? -6.420  13.175  2.718   1.00 6.65  ? 65   CYS A CA  1 
ATOM   493  C  C   . CYS A 1 65  ? -7.325  13.095  3.962   1.00 8.83  ? 65   CYS A C   1 
ATOM   494  O  O   . CYS A 1 65  ? -7.876  14.112  4.384   1.00 8.19  ? 65   CYS A O   1 
ATOM   495  C  CB  . CYS A 1 65  ? -5.011  13.291  3.231   1.00 8.35  ? 65   CYS A CB  1 
ATOM   496  S  SG  . CYS A 1 65  ? -3.731  13.709  2.008   1.00 9.73  ? 65   CYS A SG  1 
ATOM   497  N  N   . LYS A 1 66  ? -7.408  11.912  4.574   1.00 8.54  ? 66   LYS A N   1 
ATOM   498  C  CA  . LYS A 1 66  ? -8.274  11.731  5.751   1.00 9.34  ? 66   LYS A CA  1 
ATOM   499  C  C   . LYS A 1 66  ? -7.879  12.663  6.881   1.00 18.84 ? 66   LYS A C   1 
ATOM   500  O  O   . LYS A 1 66  ? -8.751  13.176  7.617   1.00 11.80 ? 66   LYS A O   1 
ATOM   501  C  CB  . LYS A 1 66  ? -8.197  10.291  6.254   1.00 14.68 ? 66   LYS A CB  1 
ATOM   502  C  CG  . LYS A 1 66  ? -9.428  9.446   5.902   1.00 31.59 ? 66   LYS A CG  1 
ATOM   503  C  CD  . LYS A 1 66  ? -9.236  7.935   6.110   1.00 28.93 ? 66   LYS A CD  1 
ATOM   504  C  CE  . LYS A 1 66  ? -10.213 7.142   5.202   1.00 23.90 ? 66   LYS A CE  1 
ATOM   505  N  NZ  . LYS A 1 66  ? -10.247 5.655   5.467   1.00 29.76 ? 66   LYS A NZ  1 
ATOM   506  N  N   . ASN A 1 67  ? -6.572  12.880  7.026   1.00 11.52 ? 67   ASN A N   1 
ATOM   507  C  CA  . ASN A 1 67  ? -6.092  13.762  8.080   1.00 14.55 ? 67   ASN A CA  1 
ATOM   508  C  C   . ASN A 1 67  ? -6.219  15.247  7.780   1.00 15.51 ? 67   ASN A C   1 
ATOM   509  O  O   . ASN A 1 67  ? -5.778  16.064  8.588   1.00 17.09 ? 67   ASN A O   1 
ATOM   510  C  CB  . ASN A 1 67  ? -4.637  13.427  8.474   1.00 15.43 ? 67   ASN A CB  1 
ATOM   511  C  CG  . ASN A 1 67  ? -3.612  13.879  7.436   1.00 14.63 ? 67   ASN A CG  1 
ATOM   512  O  OD1 . ASN A 1 67  ? -3.949  14.430  6.404   1.00 13.42 ? 67   ASN A OD1 1 
ATOM   513  N  ND2 . ASN A 1 67  ? -2.333  13.629  7.727   1.00 21.46 ? 67   ASN A ND2 1 
ATOM   514  N  N   . GLY A 1 68  ? -6.816  15.621  6.648   1.00 11.75 ? 68   GLY A N   1 
ATOM   515  C  CA  . GLY A 1 68  ? -6.980  17.038  6.374   1.00 11.31 ? 68   GLY A CA  1 
ATOM   516  C  C   . GLY A 1 68  ? -5.907  17.688  5.513   1.00 16.41 ? 68   GLY A C   1 
ATOM   517  O  O   . GLY A 1 68  ? -6.097  18.808  5.042   1.00 16.17 ? 68   GLY A O   1 
ATOM   518  N  N   . GLN A 1 69  ? -4.797  16.993  5.282   1.00 15.10 ? 69   GLN A N   1 
ATOM   519  C  CA  . GLN A 1 69  ? -3.754  17.553  4.422   1.00 15.48 ? 69   GLN A CA  1 
ATOM   520  C  C   . GLN A 1 69  ? -4.311  17.548  3.005   1.00 10.20 ? 69   GLN A C   1 
ATOM   521  O  O   . GLN A 1 69  ? -5.237  16.809  2.714   1.00 12.12 ? 69   GLN A O   1 
ATOM   522  C  CB  . GLN A 1 69  ? -2.499  16.708  4.491   1.00 16.14 ? 69   GLN A CB  1 
ATOM   523  C  CG  . GLN A 1 69  ? -1.735  16.893  5.778   1.00 23.30 ? 69   GLN A CG  1 
ATOM   524  C  CD  . GLN A 1 69  ? -0.413  16.164  5.690   1.00 34.36 ? 69   GLN A CD  1 
ATOM   525  O  OE1 . GLN A 1 69  ? -0.222  15.100  6.286   1.00 33.76 ? 69   GLN A OE1 1 
ATOM   526  N  NE2 . GLN A 1 69  ? 0.503   16.717  4.898   1.00 39.82 ? 69   GLN A NE2 1 
ATOM   527  N  N   . THR A 1 70  ? -3.769  18.391  2.137   1.00 10.03 ? 70   THR A N   1 
ATOM   528  C  CA  . THR A 1 70  ? -4.294  18.512  0.771   1.00 16.16 ? 70   THR A CA  1 
ATOM   529  C  C   . THR A 1 70  ? -3.386  18.012  -0.373  1.00 11.82 ? 70   THR A C   1 
ATOM   530  O  O   . THR A 1 70  ? -3.557  18.403  -1.543  1.00 15.18 ? 70   THR A O   1 
ATOM   531  C  CB  . THR A 1 70  ? -4.644  19.973  0.472   1.00 22.53 ? 70   THR A CB  1 
ATOM   532  O  OG1 . THR A 1 70  ? -3.454  20.756  0.568   1.00 17.41 ? 70   THR A OG1 1 
ATOM   533  C  CG2 . THR A 1 70  ? -5.679  20.511  1.472   1.00 23.53 ? 70   THR A CG2 1 
ATOM   534  N  N   . ASN A 1 71  ? -2.404  17.180  -0.020  1.00 9.11  ? 71   ASN A N   1 
ATOM   535  C  CA  . ASN A 1 71  ? -1.493  16.613  -1.001  1.00 7.37  ? 71   ASN A CA  1 
ATOM   536  C  C   . ASN A 1 71  ? -1.856  15.160  -1.349  1.00 9.38  ? 71   ASN A C   1 
ATOM   537  O  O   . ASN A 1 71  ? -0.967  14.372  -1.634  1.00 6.66  ? 71   ASN A O   1 
ATOM   538  C  CB  . ASN A 1 71  ? -0.042  16.694  -0.477  1.00 8.24  ? 71   ASN A CB  1 
ATOM   539  C  CG  . ASN A 1 71  ? 0.184   15.882  0.787   1.00 8.40  ? 71   ASN A CG  1 
ATOM   540  O  OD1 . ASN A 1 71  ? -0.655  15.848  1.687   1.00 10.49 ? 71   ASN A OD1 1 
ATOM   541  N  ND2 . ASN A 1 71  ? 1.375   15.216  0.867   1.00 7.45  ? 71   ASN A ND2 1 
ATOM   542  N  N   . CYS A 1 72  ? -3.139  14.794  -1.282  1.00 6.74  ? 72   CYS A N   1 
ATOM   543  C  CA  . CYS A 1 72  ? -3.546  13.467  -1.686  1.00 3.53  ? 72   CYS A CA  1 
ATOM   544  C  C   . CYS A 1 72  ? -4.094  13.504  -3.098  1.00 5.34  ? 72   CYS A C   1 
ATOM   545  O  O   . CYS A 1 72  ? -4.562  14.545  -3.578  1.00 5.81  ? 72   CYS A O   1 
ATOM   546  C  CB  . CYS A 1 72  ? -4.593  12.827  -0.740  1.00 4.28  ? 72   CYS A CB  1 
ATOM   547  S  SG  . CYS A 1 72  ? -3.782  12.142  0.757   1.00 8.90  ? 72   CYS A SG  1 
ATOM   548  N  N   . TYR A 1 73  ? -3.985  12.356  -3.752  1.00 5.97  ? 73   TYR A N   1 
ATOM   549  C  CA  . TYR A 1 73  ? -4.415  12.203  -5.143  1.00 3.68  ? 73   TYR A CA  1 
ATOM   550  C  C   . TYR A 1 73  ? -5.069  10.858  -5.307  1.00 3.16  ? 73   TYR A C   1 
ATOM   551  O  O   . TYR A 1 73  ? -4.566  9.841   -4.769  1.00 4.40  ? 73   TYR A O   1 
ATOM   552  C  CB  . TYR A 1 73  ? -3.175  12.283  -6.074  1.00 6.76  ? 73   TYR A CB  1 
ATOM   553  C  CG  . TYR A 1 73  ? -2.550  13.651  -6.093  1.00 2.92  ? 73   TYR A CG  1 
ATOM   554  C  CD1 . TYR A 1 73  ? -1.680  14.048  -5.072  1.00 5.71  ? 73   TYR A CD1 1 
ATOM   555  C  CD2 . TYR A 1 73  ? -2.924  14.607  -7.045  1.00 5.05  ? 73   TYR A CD2 1 
ATOM   556  C  CE1 . TYR A 1 73  ? -1.212  15.351  -4.989  1.00 9.72  ? 73   TYR A CE1 1 
ATOM   557  C  CE2 . TYR A 1 73  ? -2.441  15.951  -6.974  1.00 7.50  ? 73   TYR A CE2 1 
ATOM   558  C  CZ  . TYR A 1 73  ? -1.592  16.285  -5.928  1.00 9.44  ? 73   TYR A CZ  1 
ATOM   559  O  OH  . TYR A 1 73  ? -1.129  17.584  -5.840  1.00 15.28 ? 73   TYR A OH  1 
ATOM   560  N  N   . GLN A 1 74  ? -6.178  10.815  -6.050  1.00 3.43  ? 74   GLN A N   1 
ATOM   561  C  CA  . GLN A 1 74  ? -6.916  9.604   -6.283  1.00 4.20  ? 74   GLN A CA  1 
ATOM   562  C  C   . GLN A 1 74  ? -6.718  9.181   -7.733  1.00 4.80  ? 74   GLN A C   1 
ATOM   563  O  O   . GLN A 1 74  ? -6.919  10.001  -8.656  1.00 5.60  ? 74   GLN A O   1 
ATOM   564  C  CB  . GLN A 1 74  ? -8.411  9.867   -5.960  1.00 3.52  ? 74   GLN A CB  1 
ATOM   565  C  CG  . GLN A 1 74  ? -9.300  8.662   -6.222  1.00 5.73  ? 74   GLN A CG  1 
ATOM   566  C  CD  . GLN A 1 74  ? -10.657 8.848   -5.606  1.00 7.59  ? 74   GLN A CD  1 
ATOM   567  O  OE1 . GLN A 1 74  ? -11.676 8.335   -6.148  1.00 10.59 ? 74   GLN A OE1 1 
ATOM   568  N  NE2 . GLN A 1 74  ? -10.714 9.558   -4.482  1.00 4.71  ? 74   GLN A NE2 1 
ATOM   569  N  N   . SER A 1 75  ? -6.300  7.931   -7.921  1.00 2.44  ? 75   SER A N   1 
ATOM   570  C  CA  . SER A 1 75  ? -6.087  7.433   -9.258  1.00 5.01  ? 75   SER A CA  1 
ATOM   571  C  C   . SER A 1 75  ? -7.356  7.552   -10.115 1.00 4.56  ? 75   SER A C   1 
ATOM   572  O  O   . SER A 1 75  ? -8.491  7.256   -9.677  1.00 4.35  ? 75   SER A O   1 
ATOM   573  C  CB  . SER A 1 75  ? -5.601  5.988   -9.196  1.00 3.10  ? 75   SER A CB  1 
ATOM   574  O  OG  . SER A 1 75  ? -6.587  5.105   -8.688  1.00 3.38  ? 75   SER A OG  1 
ATOM   575  N  N   . TYR A 1 76  ? -7.173  8.006   -11.349 1.00 2.96  ? 76   TYR A N   1 
ATOM   576  C  CA  . TYR A 1 76  ? -8.309  8.102   -12.238 1.00 3.75  ? 76   TYR A CA  1 
ATOM   577  C  C   . TYR A 1 76  ? -8.885  6.726   -12.539 1.00 4.72  ? 76   TYR A C   1 
ATOM   578  O  O   . TYR A 1 76  ? -10.105 6.563   -12.702 1.00 4.84  ? 76   TYR A O   1 
ATOM   579  C  CB  . TYR A 1 76  ? -7.967  8.777   -13.571 1.00 2.64  ? 76   TYR A CB  1 
ATOM   580  C  CG  . TYR A 1 76  ? -7.487  10.219  -13.522 1.00 4.18  ? 76   TYR A CG  1 
ATOM   581  C  CD1 . TYR A 1 76  ? -8.102  11.148  -12.680 1.00 4.78  ? 76   TYR A CD1 1 
ATOM   582  C  CD2 . TYR A 1 76  ? -6.513  10.675  -14.420 1.00 4.90  ? 76   TYR A CD2 1 
ATOM   583  C  CE1 . TYR A 1 76  ? -7.771  12.488  -12.722 1.00 5.08  ? 76   TYR A CE1 1 
ATOM   584  C  CE2 . TYR A 1 76  ? -6.185  12.036  -14.474 1.00 3.94  ? 76   TYR A CE2 1 
ATOM   585  C  CZ  . TYR A 1 76  ? -6.817  12.931  -13.637 1.00 4.81  ? 76   TYR A CZ  1 
ATOM   586  O  OH  . TYR A 1 76  ? -6.562  14.285  -13.657 1.00 4.61  ? 76   TYR A OH  1 
ATOM   587  N  N   . SER A 1 77  ? -8.041  5.703   -12.642 1.00 5.07  ? 77   SER A N   1 
ATOM   588  C  CA  . SER A 1 77  ? -8.578  4.377   -12.926 1.00 3.89  ? 77   SER A CA  1 
ATOM   589  C  C   . SER A 1 77  ? -8.489  3.494   -11.719 1.00 4.95  ? 77   SER A C   1 
ATOM   590  O  O   . SER A 1 77  ? -7.742  3.797   -10.768 1.00 6.72  ? 77   SER A O   1 
ATOM   591  C  CB  . SER A 1 77  ? -7.765  3.714   -14.037 1.00 8.97  ? 77   SER A CB  1 
ATOM   592  O  OG  . SER A 1 77  ? -6.483  3.391   -13.576 1.00 21.26 ? 77   SER A OG  1 
ATOM   593  N  N   . THR A 1 78  ? -9.278  2.435   -11.702 1.00 3.13  ? 78   THR A N   1 
ATOM   594  C  CA  . THR A 1 78  ? -9.084  1.463   -10.626 1.00 3.31  ? 78   THR A CA  1 
ATOM   595  C  C   . THR A 1 78  ? -7.779  0.712   -10.868 1.00 6.49  ? 78   THR A C   1 
ATOM   596  O  O   . THR A 1 78  ? -7.288  0.626   -12.006 1.00 6.71  ? 78   THR A O   1 
ATOM   597  C  CB  . THR A 1 78  ? -10.202 0.435   -10.491 1.00 6.06  ? 78   THR A CB  1 
ATOM   598  O  OG1 . THR A 1 78  ? -10.310 -0.323  -11.715 1.00 5.70  ? 78   THR A OG1 1 
ATOM   599  C  CG2 . THR A 1 78  ? -11.506 1.123   -10.159 1.00 8.17  ? 78   THR A CG2 1 
ATOM   600  N  N   . MET A 1 79  ? -7.217  0.186   -9.787  1.00 3.64  ? 79   MET A N   1 
ATOM   601  C  CA  . MET A 1 79  ? -5.991  -0.549  -9.803  1.00 2.77  ? 79   MET A CA  1 
ATOM   602  C  C   . MET A 1 79  ? -6.193  -1.834  -9.009  1.00 5.14  ? 79   MET A C   1 
ATOM   603  O  O   . MET A 1 79  ? -7.087  -1.881  -8.131  1.00 3.51  ? 79   MET A O   1 
ATOM   604  C  CB  . MET A 1 79  ? -4.880  0.259   -9.146  1.00 4.50  ? 79   MET A CB  1 
ATOM   605  C  CG  . MET A 1 79  ? -4.552  1.543   -9.932  1.00 2.37  ? 79   MET A CG  1 
ATOM   606  S  SD  . MET A 1 79  ? -3.198  2.438   -9.127  1.00 5.29  ? 79   MET A SD  1 
ATOM   607  C  CE  . MET A 1 79  ? -2.668  3.487   -10.515 1.00 5.77  ? 79   MET A CE  1 
ATOM   608  N  N   . SER A 1 80  ? -5.433  -2.874  -9.325  1.00 3.70  ? 80   SER A N   1 
ATOM   609  C  CA  . SER A 1 80  ? -5.507  -4.122  -8.560  1.00 4.90  ? 80   SER A CA  1 
ATOM   610  C  C   . SER A 1 80  ? -4.816  -3.857  -7.198  1.00 4.81  ? 80   SER A C   1 
ATOM   611  O  O   . SER A 1 80  ? -3.629  -3.431  -7.147  1.00 5.21  ? 80   SER A O   1 
ATOM   612  C  CB  . SER A 1 80  ? -4.798  -5.210  -9.356  1.00 5.51  ? 80   SER A CB  1 
ATOM   613  O  OG  . SER A 1 80  ? -4.680  -6.352  -8.555  1.00 6.33  ? 80   SER A OG  1 
ATOM   614  N  N   . ILE A 1 81  ? -5.543  -4.061  -6.097  1.00 3.37  ? 81   ILE A N   1 
ATOM   615  C  CA  . ILE A 1 81  ? -4.996  -3.795  -4.777  1.00 3.39  ? 81   ILE A CA  1 
ATOM   616  C  C   . ILE A 1 81  ? -5.303  -4.937  -3.803  1.00 4.25  ? 81   ILE A C   1 
ATOM   617  O  O   . ILE A 1 81  ? -6.344  -5.579  -3.909  1.00 6.68  ? 81   ILE A O   1 
ATOM   618  C  CB  . ILE A 1 81  ? -5.638  -2.479  -4.267  1.00 5.59  ? 81   ILE A CB  1 
ATOM   619  C  CG1 . ILE A 1 81  ? -5.159  -1.322  -5.151  1.00 6.19  ? 81   ILE A CG1 1 
ATOM   620  C  CG2 . ILE A 1 81  ? -5.376  -2.235  -2.792  1.00 16.35 ? 81   ILE A CG2 1 
ATOM   621  C  CD1 . ILE A 1 81  ? -5.766  0.017   -4.852  1.00 19.34 ? 81   ILE A CD1 1 
ATOM   622  N  N   . THR A 1 82  ? -4.371  -5.194  -2.898  1.00 3.65  ? 82   THR A N   1 
ATOM   623  C  CA  . THR A 1 82  ? -4.635  -6.198  -1.877  1.00 3.95  ? 82   THR A CA  1 
ATOM   624  C  C   . THR A 1 82  ? -4.531  -5.523  -0.506  1.00 3.51  ? 82   THR A C   1 
ATOM   625  O  O   . THR A 1 82  ? -3.497  -4.868  -0.181  1.00 5.32  ? 82   THR A O   1 
ATOM   626  C  CB  . THR A 1 82  ? -3.610  -7.325  -1.910  1.00 4.88  ? 82   THR A CB  1 
ATOM   627  O  OG1 . THR A 1 82  ? -3.595  -7.935  -3.220  1.00 6.55  ? 82   THR A OG1 1 
ATOM   628  C  CG2 . THR A 1 82  ? -3.942  -8.372  -0.805  1.00 5.57  ? 82   THR A CG2 1 
ATOM   629  N  N   . ASP A 1 83  ? -5.591  -5.601  0.317   1.00 2.60  ? 83   ASP A N   1 
ATOM   630  C  CA  . ASP A 1 83  ? -5.521  -5.087  1.686   1.00 4.29  ? 83   ASP A CA  1 
ATOM   631  C  C   . ASP A 1 83  ? -5.119  -6.278  2.563   1.00 2.67  ? 83   ASP A C   1 
ATOM   632  O  O   . ASP A 1 83  ? -5.626  -7.393  2.380   1.00 4.58  ? 83   ASP A O   1 
ATOM   633  C  CB  . ASP A 1 83  ? -6.873  -4.519  2.190   1.00 6.31  ? 83   ASP A CB  1 
ATOM   634  C  CG  . ASP A 1 83  ? -6.734  -3.659  3.533   1.00 7.07  ? 83   ASP A CG  1 
ATOM   635  O  OD1 . ASP A 1 83  ? -5.717  -2.926  3.632   1.00 22.09 ? 83   ASP A OD1 1 
ATOM   636  O  OD2 . ASP A 1 83  ? -7.569  -3.730  4.410   1.00 22.10 ? 83   ASP A OD2 1 
ATOM   637  N  N   . CYS A 1 84  ? -4.165  -6.059  3.460   1.00 2.06  ? 84   CYS A N   1 
ATOM   638  C  CA  . CYS A 1 84  ? -3.687  -7.063  4.409   1.00 2.60  ? 84   CYS A CA  1 
ATOM   639  C  C   . CYS A 1 84  ? -4.001  -6.541  5.804   1.00 3.53  ? 84   CYS A C   1 
ATOM   640  O  O   . CYS A 1 84  ? -3.607  -5.404  6.170   1.00 5.88  ? 84   CYS A O   1 
ATOM   641  C  CB  . CYS A 1 84  ? -2.160  -7.211  4.286   1.00 5.52  ? 84   CYS A CB  1 
ATOM   642  S  SG  . CYS A 1 84  ? -1.645  -7.853  2.683   1.00 4.79  ? 84   CYS A SG  1 
ATOM   643  N  N   . ARG A 1 85  ? -4.719  -7.341  6.585   1.00 2.90  ? 85   ARG A N   1 
ATOM   644  C  CA  . ARG A 1 85  ? -5.079  -6.925  7.935   1.00 7.46  ? 85   ARG A CA  1 
ATOM   645  C  C   . ARG A 1 85  ? -4.958  -8.106  8.890   1.00 3.84  ? 85   ARG A C   1 
ATOM   646  O  O   . ARG A 1 85  ? -5.318  -9.224  8.574   1.00 5.85  ? 85   ARG A O   1 
ATOM   647  C  CB  . ARG A 1 85  ? -6.548  -6.430  7.998   1.00 9.93  ? 85   ARG A CB  1 
ATOM   648  C  CG  . ARG A 1 85  ? -6.814  -5.253  7.124   1.00 20.14 ? 85   ARG A CG  1 
ATOM   649  C  CD  . ARG A 1 85  ? -8.131  -4.590  7.488   1.00 6.35  ? 85   ARG A CD  1 
ATOM   650  N  NE  . ARG A 1 85  ? -8.083  -3.280  6.926   1.00 11.49 ? 85   ARG A NE  1 
ATOM   651  C  CZ  . ARG A 1 85  ? -8.405  -2.159  7.536   1.00 18.43 ? 85   ARG A CZ  1 
ATOM   652  N  NH1 . ARG A 1 85  ? -8.807  -2.130  8.789   1.00 9.72  ? 85   ARG A NH1 1 
ATOM   653  N  NH2 . ARG A 1 85  ? -8.376  -1.042  6.830   1.00 16.09 ? 85   ARG A NH2 1 
ATOM   654  N  N   . GLU A 1 86  ? -4.449  -7.841  10.084  1.00 6.16  ? 86   GLU A N   1 
ATOM   655  C  CA  . GLU A 1 86  ? -4.345  -8.932  11.069  1.00 4.33  ? 86   GLU A CA  1 
ATOM   656  C  C   . GLU A 1 86  ? -5.700  -9.514  11.446  1.00 5.66  ? 86   GLU A C   1 
ATOM   657  O  O   . GLU A 1 86  ? -6.673  -8.776  11.604  1.00 6.26  ? 86   GLU A O   1 
ATOM   658  C  CB  . GLU A 1 86  ? -3.726  -8.422  12.356  1.00 7.71  ? 86   GLU A CB  1 
ATOM   659  C  CG  . GLU A 1 86  ? -2.241  -8.140  12.317  1.00 10.18 ? 86   GLU A CG  1 
ATOM   660  C  CD  . GLU A 1 86  ? -1.753  -7.749  13.702  1.00 10.92 ? 86   GLU A CD  1 
ATOM   661  O  OE1 . GLU A 1 86  ? -1.883  -6.564  14.041  1.00 11.70 ? 86   GLU A OE1 1 
ATOM   662  O  OE2 . GLU A 1 86  ? -1.280  -8.657  14.407  1.00 9.56  ? 86   GLU A OE2 1 
ATOM   663  N  N   . THR A 1 87  ? -5.705  -10.837 11.643  1.00 6.75  ? 87   THR A N   1 
ATOM   664  C  CA  . THR A 1 87  ? -6.902  -11.551 12.078  1.00 8.70  ? 87   THR A CA  1 
ATOM   665  C  C   . THR A 1 87  ? -6.788  -11.678 13.584  1.00 15.15 ? 87   THR A C   1 
ATOM   666  O  O   . THR A 1 87  ? -5.762  -11.341 14.191  1.00 14.26 ? 87   THR A O   1 
ATOM   667  C  CB  . THR A 1 87  ? -6.933  -12.974 11.507  1.00 12.01 ? 87   THR A CB  1 
ATOM   668  O  OG1 . THR A 1 87  ? -5.795  -13.704 11.986  1.00 14.98 ? 87   THR A OG1 1 
ATOM   669  C  CG2 . THR A 1 87  ? -6.874  -12.958 9.987   1.00 18.20 ? 87   THR A CG2 1 
ATOM   670  N  N   . GLY A 1 88  ? -7.850  -12.184 14.205  1.00 12.66 ? 88   GLY A N   1 
ATOM   671  C  CA  . GLY A 1 88  ? -7.826  -12.381 15.651  1.00 15.45 ? 88   GLY A CA  1 
ATOM   672  C  C   . GLY A 1 88  ? -6.763  -13.358 16.127  1.00 16.79 ? 88   GLY A C   1 
ATOM   673  O  O   . GLY A 1 88  ? -6.295  -13.238 17.255  1.00 28.58 ? 88   GLY A O   1 
ATOM   674  N  N   . SER A 1 89  ? -6.372  -14.319 15.292  1.00 17.81 ? 89   SER A N   1 
ATOM   675  C  CA  . SER A 1 89  ? -5.349  -15.315 15.664  1.00 24.94 ? 89   SER A CA  1 
ATOM   676  C  C   . SER A 1 89  ? -3.924  -14.742 15.627  1.00 22.59 ? 89   SER A C   1 
ATOM   677  O  O   . SER A 1 89  ? -2.970  -15.383 16.089  1.00 22.25 ? 89   SER A O   1 
ATOM   678  C  CB  . SER A 1 89  ? -5.387  -16.518 14.709  1.00 29.88 ? 89   SER A CB  1 
ATOM   679  O  OG  . SER A 1 89  ? -6.610  -17.230 14.786  1.00 28.47 ? 89   SER A OG  1 
ATOM   680  N  N   . SER A 1 90  ? -3.783  -13.534 15.087  1.00 17.61 ? 90   SER A N   1 
ATOM   681  C  CA  . SER A 1 90  ? -2.466  -12.914 14.968  1.00 13.16 ? 90   SER A CA  1 
ATOM   682  C  C   . SER A 1 90  ? -1.881  -12.500 16.321  1.00 17.54 ? 90   SER A C   1 
ATOM   683  O  O   . SER A 1 90  ? -2.511  -11.796 17.091  1.00 18.31 ? 90   SER A O   1 
ATOM   684  C  CB  . SER A 1 90  ? -2.553  -11.655 14.068  1.00 9.96  ? 90   SER A CB  1 
ATOM   685  O  OG  . SER A 1 90  ? -1.239  -11.175 13.759  1.00 10.37 ? 90   SER A OG  1 
ATOM   686  N  N   . LYS A 1 91  ? -0.646  -12.904 16.571  1.00 18.95 ? 91   LYS A N   1 
ATOM   687  C  CA  . LYS A 1 91  ? 0.017   -12.515 17.814  1.00 25.50 ? 91   LYS A CA  1 
ATOM   688  C  C   . LYS A 1 91  ? 1.521   -12.615 17.608  1.00 19.68 ? 91   LYS A C   1 
ATOM   689  O  O   . LYS A 1 91  ? 2.051   -13.720 17.398  1.00 21.82 ? 91   LYS A O   1 
ATOM   690  C  CB  . LYS A 1 91  ? -0.421  -13.422 18.961  1.00 30.55 ? 91   LYS A CB  1 
ATOM   691  C  CG  . LYS A 1 91  ? 0.066   -12.931 20.313  1.00 30.53 ? 91   LYS A CG  1 
ATOM   692  C  CD  . LYS A 1 91  ? -0.409  -13.859 21.407  1.00 41.48 ? 91   LYS A CD  1 
ATOM   693  C  CE  . LYS A 1 91  ? -0.014  -13.342 22.778  1.00 38.34 ? 91   LYS A CE  1 
ATOM   694  N  NZ  . LYS A 1 91  ? -0.415  -14.322 23.828  1.00 45.50 ? 91   LYS A NZ  1 
ATOM   695  N  N   . TYR A 1 92  ? 2.197   -11.466 17.625  1.00 23.21 ? 92   TYR A N   1 
ATOM   696  C  CA  . TYR A 1 92  ? 3.650   -11.455 17.413  1.00 24.92 ? 92   TYR A CA  1 
ATOM   697  C  C   . TYR A 1 92  ? 4.270   -12.467 18.365  1.00 30.00 ? 92   TYR A C   1 
ATOM   698  O  O   . TYR A 1 92  ? 3.865   -12.559 19.516  1.00 30.52 ? 92   TYR A O   1 
ATOM   699  C  CB  . TYR A 1 92  ? 4.221   -10.078 17.702  1.00 22.96 ? 92   TYR A CB  1 
ATOM   700  C  CG  . TYR A 1 92  ? 5.705   -9.988  17.462  1.00 34.56 ? 92   TYR A CG  1 
ATOM   701  C  CD1 . TYR A 1 92  ? 6.200   -9.645  16.215  1.00 29.47 ? 92   TYR A CD1 1 
ATOM   702  C  CD2 . TYR A 1 92  ? 6.618   -10.238 18.486  1.00 33.14 ? 92   TYR A CD2 1 
ATOM   703  C  CE1 . TYR A 1 92  ? 7.562   -9.547  15.986  1.00 31.21 ? 92   TYR A CE1 1 
ATOM   704  C  CE2 . TYR A 1 92  ? 7.987   -10.142 18.262  1.00 34.50 ? 92   TYR A CE2 1 
ATOM   705  C  CZ  . TYR A 1 92  ? 8.450   -9.797  17.013  1.00 36.77 ? 92   TYR A CZ  1 
ATOM   706  O  OH  . TYR A 1 92  ? 9.801   -9.707  16.778  1.00 30.02 ? 92   TYR A OH  1 
ATOM   707  N  N   . PRO A 1 93  ? 5.277   -13.210 17.906  1.00 24.08 ? 93   PRO A N   1 
ATOM   708  C  CA  . PRO A 1 93  ? 5.912   -13.208 16.586  1.00 23.30 ? 93   PRO A CA  1 
ATOM   709  C  C   . PRO A 1 93  ? 5.274   -14.141 15.549  1.00 28.86 ? 93   PRO A C   1 
ATOM   710  O  O   . PRO A 1 93  ? 5.936   -14.600 14.620  1.00 21.95 ? 93   PRO A O   1 
ATOM   711  C  CB  . PRO A 1 93  ? 7.340   -13.627 16.907  1.00 31.80 ? 93   PRO A CB  1 
ATOM   712  C  CG  . PRO A 1 93  ? 7.090   -14.689 17.922  1.00 30.98 ? 93   PRO A CG  1 
ATOM   713  C  CD  . PRO A 1 93  ? 6.057   -14.043 18.840  1.00 27.97 ? 93   PRO A CD  1 
ATOM   714  N  N   . ASN A 1 94  ? 3.996   -14.449 15.726  1.00 19.20 ? 94   ASN A N   1 
ATOM   715  C  CA  . ASN A 1 94  ? 3.293   -15.277 14.755  1.00 25.52 ? 94   ASN A CA  1 
ATOM   716  C  C   . ASN A 1 94  ? 2.183   -14.433 14.170  1.00 19.04 ? 94   ASN A C   1 
ATOM   717  O  O   . ASN A 1 94  ? 1.017   -14.599 14.505  1.00 18.56 ? 94   ASN A O   1 
ATOM   718  C  CB  . ASN A 1 94  ? 2.729   -16.515 15.429  1.00 28.67 ? 94   ASN A CB  1 
ATOM   719  C  CG  . ASN A 1 94  ? 3.818   -17.364 15.992  1.00 35.28 ? 94   ASN A CG  1 
ATOM   720  O  OD1 . ASN A 1 94  ? 4.022   -17.410 17.204  1.00 31.20 ? 94   ASN A OD1 1 
ATOM   721  N  ND2 . ASN A 1 94  ? 4.570   -18.008 15.106  1.00 30.26 ? 94   ASN A ND2 1 
ATOM   722  N  N   . CYS A 1 95  ? 2.561   -13.508 13.302  1.00 13.82 ? 95   CYS A N   1 
ATOM   723  C  CA  . CYS A 1 95  ? 1.556   -12.625 12.725  1.00 12.68 ? 95   CYS A CA  1 
ATOM   724  C  C   . CYS A 1 95  ? 0.704   -13.445 11.764  1.00 12.54 ? 95   CYS A C   1 
ATOM   725  O  O   . CYS A 1 95  ? 1.139   -14.473 11.214  1.00 14.35 ? 95   CYS A O   1 
ATOM   726  C  CB  . CYS A 1 95  ? 2.241   -11.474 11.994  1.00 8.89  ? 95   CYS A CB  1 
ATOM   727  S  SG  . CYS A 1 95  ? 3.407   -10.520 13.051  1.00 12.09 ? 95   CYS A SG  1 
ATOM   728  N  N   . ALA A 1 96  ? -0.519  -12.994 11.556  1.00 9.49  ? 96   ALA A N   1 
ATOM   729  C  CA  . ALA A 1 96  ? -1.438  -13.692 10.651  1.00 9.41  ? 96   ALA A CA  1 
ATOM   730  C  C   . ALA A 1 96  ? -2.355  -12.620 10.064  1.00 7.11  ? 96   ALA A C   1 
ATOM   731  O  O   . ALA A 1 96  ? -2.934  -11.802 10.768  1.00 6.90  ? 96   ALA A O   1 
ATOM   732  C  CB  . ALA A 1 96  ? -2.250  -14.742 11.443  1.00 11.74 ? 96   ALA A CB  1 
ATOM   733  N  N   . TYR A 1 97  ? -2.498  -12.687 8.743   1.00 5.58  ? 97   TYR A N   1 
ATOM   734  C  CA  . TYR A 1 97  ? -3.251  -11.699 8.015   1.00 5.94  ? 97   TYR A CA  1 
ATOM   735  C  C   . TYR A 1 97  ? -4.291  -12.272 7.125   1.00 3.91  ? 97   TYR A C   1 
ATOM   736  O  O   . TYR A 1 97  ? -4.104  -13.315 6.507   1.00 5.50  ? 97   TYR A O   1 
ATOM   737  C  CB  . TYR A 1 97  ? -2.305  -10.929 7.083   1.00 5.27  ? 97   TYR A CB  1 
ATOM   738  C  CG  . TYR A 1 97  ? -1.300  -10.070 7.818   1.00 4.27  ? 97   TYR A CG  1 
ATOM   739  C  CD1 . TYR A 1 97  ? -1.601  -8.739  8.150   1.00 3.61  ? 97   TYR A CD1 1 
ATOM   740  C  CD2 . TYR A 1 97  ? -0.081  -10.607 8.233   1.00 3.94  ? 97   TYR A CD2 1 
ATOM   741  C  CE1 . TYR A 1 97  ? -0.728  -7.944  8.884   1.00 4.63  ? 97   TYR A CE1 1 
ATOM   742  C  CE2 . TYR A 1 97  ? 0.825   -9.812  8.985   1.00 5.95  ? 97   TYR A CE2 1 
ATOM   743  C  CZ  . TYR A 1 97  ? 0.490   -8.518  9.300   1.00 5.00  ? 97   TYR A CZ  1 
ATOM   744  O  OH  . TYR A 1 97  ? 1.333   -7.752  10.091  1.00 5.58  ? 97   TYR A OH  1 
ATOM   745  N  N   . LYS A 1 98  ? -5.373  -11.507 7.006   1.00 4.76  ? 98   LYS A N   1 
ATOM   746  C  CA  . LYS A 1 98  ? -6.438  -11.769 6.031   1.00 4.40  ? 98   LYS A CA  1 
ATOM   747  C  C   . LYS A 1 98  ? -6.029  -10.991 4.761   1.00 3.39  ? 98   LYS A C   1 
ATOM   748  O  O   . LYS A 1 98  ? -5.567  -9.821  4.854   1.00 4.87  ? 98   LYS A O   1 
ATOM   749  C  CB  . LYS A 1 98  ? -7.767  -11.210 6.557   1.00 3.76  ? 98   LYS A CB  1 
ATOM   750  C  CG  . LYS A 1 98  ? -8.928  -11.213 5.525   1.00 4.77  ? 98   LYS A CG  1 
ATOM   751  C  CD  . LYS A 1 98  ? -10.232 -10.672 6.233   1.00 4.68  ? 98   LYS A CD  1 
ATOM   752  C  CE  . LYS A 1 98  ? -11.356 -10.273 5.311   1.00 6.23  ? 98   LYS A CE  1 
ATOM   753  N  NZ  . LYS A 1 98  ? -11.725 -11.383 4.412   1.00 5.48  ? 98   LYS A NZ  1 
ATOM   754  N  N   . THR A 1 99  ? -6.261  -11.615 3.622   1.00 3.77  ? 99   THR A N   1 
ATOM   755  C  CA  . THR A 1 99  ? -5.929  -11.063 2.306   1.00 4.32  ? 99   THR A CA  1 
ATOM   756  C  C   . THR A 1 99  ? -7.227  -10.705 1.567   1.00 4.40  ? 99   THR A C   1 
ATOM   757  O  O   . THR A 1 99  ? -8.047  -11.591 1.286   1.00 5.08  ? 99   THR A O   1 
ATOM   758  C  CB  . THR A 1 99  ? -5.192  -12.145 1.496   1.00 4.30  ? 99   THR A CB  1 
ATOM   759  O  OG1 . THR A 1 99  ? -3.963  -12.490 2.155   1.00 4.45  ? 99   THR A OG1 1 
ATOM   760  C  CG2 . THR A 1 99  ? -4.905  -11.644 0.046   1.00 6.21  ? 99   THR A CG2 1 
ATOM   761  N  N   . THR A 1 100 ? -7.427  -9.437  1.222   1.00 4.46  ? 100  THR A N   1 
ATOM   762  C  CA  . THR A 1 100 ? -8.645  -9.037  0.488   1.00 5.43  ? 100  THR A CA  1 
ATOM   763  C  C   . THR A 1 100 ? -8.220  -8.310  -0.802  1.00 5.04  ? 100  THR A C   1 
ATOM   764  O  O   . THR A 1 100 ? -7.718  -7.178  -0.735  1.00 8.29  ? 100  THR A O   1 
ATOM   765  C  CB  . THR A 1 100 ? -9.541  -8.113  1.314   1.00 5.41  ? 100  THR A CB  1 
ATOM   766  O  OG1 . THR A 1 100 ? -9.872  -8.749  2.562   1.00 5.51  ? 100  THR A OG1 1 
ATOM   767  C  CG2 . THR A 1 100 ? -10.863 -7.907  0.541   1.00 7.08  ? 100  THR A CG2 1 
ATOM   768  N  N   . GLN A 1 101 ? -8.468  -8.941  -1.940  1.00 5.28  ? 101  GLN A N   1 
ATOM   769  C  CA  . GLN A 1 101 ? -8.062  -8.428  -3.247  1.00 5.03  ? 101  GLN A CA  1 
ATOM   770  C  C   . GLN A 1 101 ? -9.214  -7.795  -3.973  1.00 10.37 ? 101  GLN A C   1 
ATOM   771  O  O   . GLN A 1 101 ? -10.324 -8.346  -3.957  1.00 14.43 ? 101  GLN A O   1 
ATOM   772  C  CB  . GLN A 1 101 ? -7.561  -9.632  -4.034  1.00 7.24  ? 101  GLN A CB  1 
ATOM   773  C  CG  . GLN A 1 101 ? -7.342  -9.451  -5.529  1.00 13.16 ? 101  GLN A CG  1 
ATOM   774  C  CD  . GLN A 1 101 ? -6.211  -8.531  -5.822  1.00 12.82 ? 101  GLN A CD  1 
ATOM   775  O  OE1 . GLN A 1 101 ? -5.157  -8.589  -5.163  1.00 11.66 ? 101  GLN A OE1 1 
ATOM   776  N  NE2 . GLN A 1 101 ? -6.395  -7.653  -6.840  1.00 8.75  ? 101  GLN A NE2 1 
ATOM   777  N  N   . ALA A 1 102 ? -9.005  -6.630  -4.577  1.00 5.91  ? 102  ALA A N   1 
ATOM   778  C  CA  . ALA A 1 102 ? -10.102 -6.010  -5.323  1.00 17.53 ? 102  ALA A CA  1 
ATOM   779  C  C   . ALA A 1 102 ? -9.517  -4.980  -6.277  1.00 9.06  ? 102  ALA A C   1 
ATOM   780  O  O   . ALA A 1 102 ? -8.325  -4.728  -6.245  1.00 5.36  ? 102  ALA A O   1 
ATOM   781  C  CB  . ALA A 1 102 ? -11.053 -5.346  -4.368  1.00 28.61 ? 102  ALA A CB  1 
ATOM   782  N  N   . ASN A 1 103 ? -10.346 -4.419  -7.158  1.00 13.46 ? 103  ASN A N   1 
ATOM   783  C  CA  . ASN A 1 103 ? -9.905  -3.386  -8.096  1.00 6.74  ? 103  ASN A CA  1 
ATOM   784  C  C   . ASN A 1 103 ? -10.543 -2.140  -7.556  1.00 6.90  ? 103  ASN A C   1 
ATOM   785  O  O   . ASN A 1 103 ? -11.766 -2.010  -7.570  1.00 11.98 ? 103  ASN A O   1 
ATOM   786  C  CB  . ASN A 1 103 ? -10.423 -3.706  -9.490  1.00 7.48  ? 103  ASN A CB  1 
ATOM   787  C  CG  . ASN A 1 103 ? -9.813  -4.950  -10.040 1.00 18.95 ? 103  ASN A CG  1 
ATOM   788  O  OD1 . ASN A 1 103 ? -10.506 -5.940  -10.265 1.00 37.04 ? 103  ASN A OD1 1 
ATOM   789  N  ND2 . ASN A 1 103 ? -8.522  -4.936  -10.240 1.00 10.05 ? 103  ASN A ND2 1 
ATOM   790  N  N   . LYS A 1 104 ? -9.718  -1.205  -7.104  1.00 5.42  ? 104  LYS A N   1 
ATOM   791  C  CA  . LYS A 1 104 ? -10.204 -0.012  -6.457  1.00 6.96  ? 104  LYS A CA  1 
ATOM   792  C  C   . LYS A 1 104 ? -9.326  1.190   -6.825  1.00 4.95  ? 104  LYS A C   1 
ATOM   793  O  O   . LYS A 1 104 ? -8.183  0.984   -7.291  1.00 4.10  ? 104  LYS A O   1 
ATOM   794  C  CB  . LYS A 1 104 ? -10.112 -0.197  -4.922  1.00 11.73 ? 104  LYS A CB  1 
ATOM   795  C  CG  . LYS A 1 104 ? -9.645  -1.637  -4.550  1.00 21.42 ? 104  LYS A CG  1 
ATOM   796  C  CD  . LYS A 1 104 ? -9.130  -1.762  -3.102  1.00 22.89 ? 104  LYS A CD  1 
ATOM   797  C  CE  . LYS A 1 104 ? -10.280 -1.966  -2.180  1.00 31.45 ? 104  LYS A CE  1 
ATOM   798  N  NZ  . LYS A 1 104 ? -10.869 -3.292  -2.540  1.00 42.26 ? 104  LYS A NZ  1 
ATOM   799  N  N   . HIS A 1 105 ? -9.816  2.406   -6.599  1.00 5.28  ? 105  HIS A N   1 
ATOM   800  C  CA  . HIS A 1 105 ? -8.965  3.580   -6.841  1.00 3.39  ? 105  HIS A CA  1 
ATOM   801  C  C   . HIS A 1 105 ? -7.974  3.695   -5.711  1.00 8.26  ? 105  HIS A C   1 
ATOM   802  O  O   . HIS A 1 105 ? -8.334  3.472   -4.545  1.00 12.94 ? 105  HIS A O   1 
ATOM   803  C  CB  . HIS A 1 105 ? -9.768  4.874   -6.902  1.00 6.10  ? 105  HIS A CB  1 
ATOM   804  C  CG  . HIS A 1 105 ? -10.739 4.899   -8.042  1.00 4.04  ? 105  HIS A CG  1 
ATOM   805  N  ND1 . HIS A 1 105 ? -12.001 4.373   -7.960  1.00 6.46  ? 105  HIS A ND1 1 
ATOM   806  C  CD2 . HIS A 1 105 ? -10.557 5.307   -9.322  1.00 1.39  ? 105  HIS A CD2 1 
ATOM   807  C  CE1 . HIS A 1 105 ? -12.567 4.434   -9.174  1.00 6.64  ? 105  HIS A CE1 1 
ATOM   808  N  NE2 . HIS A 1 105 ? -11.712 4.992   -9.993  1.00 8.99  ? 105  HIS A NE2 1 
ATOM   809  N  N   . ALA A 1 106 ? -6.740  4.052   -6.028  1.00 3.95  ? 106  ALA A N   1 
ATOM   810  C  CA  . ALA A 1 106 ? -5.727  4.247   -5.014  1.00 4.30  ? 106  ALA A CA  1 
ATOM   811  C  C   . ALA A 1 106 ? -5.653  5.722   -4.628  1.00 3.60  ? 106  ALA A C   1 
ATOM   812  O  O   . ALA A 1 106 ? -5.707  6.588   -5.500  1.00 4.99  ? 106  ALA A O   1 
ATOM   813  C  CB  . ALA A 1 106 ? -4.333  3.785   -5.535  1.00 4.38  ? 106  ALA A CB  1 
ATOM   814  N  N   . ILE A 1 107 ? -5.568  6.032   -3.317  1.00 3.37  ? 107  ILE A N   1 
ATOM   815  C  CA  . ILE A 1 107 ? -5.407  7.413   -2.891  1.00 4.86  ? 107  ILE A CA  1 
ATOM   816  C  C   . ILE A 1 107 ? -4.089  7.495   -2.123  1.00 5.25  ? 107  ILE A C   1 
ATOM   817  O  O   . ILE A 1 107 ? -3.894  6.794   -1.114  1.00 5.03  ? 107  ILE A O   1 
ATOM   818  C  CB  . ILE A 1 107 ? -6.555  7.902   -1.984  1.00 3.77  ? 107  ILE A CB  1 
ATOM   819  C  CG1 . ILE A 1 107 ? -7.873  7.833   -2.764  1.00 5.66  ? 107  ILE A CG1 1 
ATOM   820  C  CG2 . ILE A 1 107 ? -6.332  9.354   -1.603  1.00 5.76  ? 107  ILE A CG2 1 
ATOM   821  C  CD1 . ILE A 1 107 ? -9.097  8.222   -1.926  1.00 5.88  ? 107  ILE A CD1 1 
ATOM   822  N  N   . VAL A 1 108 ? -3.171  8.281   -2.662  1.00 4.40  ? 108  VAL A N   1 
ATOM   823  C  CA  . VAL A 1 108 ? -1.853  8.432   -2.054  1.00 4.59  ? 108  VAL A CA  1 
ATOM   824  C  C   . VAL A 1 108 ? -1.528  9.872   -1.753  1.00 5.84  ? 108  VAL A C   1 
ATOM   825  O  O   . VAL A 1 108 ? -2.055  10.794  -2.402  1.00 4.93  ? 108  VAL A O   1 
ATOM   826  C  CB  . VAL A 1 108 ? -0.725  7.875   -2.994  1.00 6.43  ? 108  VAL A CB  1 
ATOM   827  C  CG1 . VAL A 1 108 ? -0.920  6.385   -3.204  1.00 4.00  ? 108  VAL A CG1 1 
ATOM   828  C  CG2 . VAL A 1 108 ? -0.706  8.646   -4.370  1.00 3.75  ? 108  VAL A CG2 1 
ATOM   829  N  N   . ALA A 1 109 ? -0.667  10.091  -0.756  1.00 4.36  ? 109  ALA A N   1 
ATOM   830  C  CA  . ALA A 1 109 ? -0.186  11.439  -0.460  1.00 5.97  ? 109  ALA A CA  1 
ATOM   831  C  C   . ALA A 1 109 ? 1.149   11.556  -1.173  1.00 4.27  ? 109  ALA A C   1 
ATOM   832  O  O   . ALA A 1 109 ? 1.946   10.596  -1.148  1.00 4.65  ? 109  ALA A O   1 
ATOM   833  C  CB  . ALA A 1 109 ? 0.043   11.631  1.024   1.00 5.90  ? 109  ALA A CB  1 
ATOM   834  N  N   . CYS A 1 110 ? 1.379   12.703  -1.785  1.00 5.95  ? 110  CYS A N   1 
ATOM   835  C  CA  . CYS A 1 110 ? 2.628   12.920  -2.531  1.00 3.98  ? 110  CYS A CA  1 
ATOM   836  C  C   . CYS A 1 110 ? 3.444   14.062  -1.992  1.00 6.00  ? 110  CYS A C   1 
ATOM   837  O  O   . CYS A 1 110 ? 2.910   15.067  -1.515  1.00 6.84  ? 110  CYS A O   1 
ATOM   838  C  CB  . CYS A 1 110 ? 2.328   13.185  -4.020  1.00 4.55  ? 110  CYS A CB  1 
ATOM   839  S  SG  . CYS A 1 110 ? 1.356   11.825  -4.767  1.00 6.94  ? 110  CYS A SG  1 
ATOM   840  N  N   . GLU A 1 111 ? 4.767   13.943  -2.145  1.00 6.50  ? 111  GLU A N   1 
ATOM   841  C  CA  . GLU A 1 111 ? 5.651   15.027  -1.663  1.00 4.95  ? 111  GLU A CA  1 
ATOM   842  C  C   . GLU A 1 111 ? 7.001   14.919  -2.326  1.00 9.48  ? 111  GLU A C   1 
ATOM   843  O  O   . GLU A 1 111 ? 7.397   13.845  -2.815  1.00 7.29  ? 111  GLU A O   1 
ATOM   844  C  CB  . GLU A 1 111 ? 5.811   14.905  -0.144  1.00 10.40 ? 111  GLU A CB  1 
ATOM   845  C  CG  . GLU A 1 111 ? 7.134   14.509  0.372   1.00 34.12 ? 111  GLU A CG  1 
ATOM   846  C  CD  . GLU A 1 111 ? 7.065   14.311  1.877   1.00 37.19 ? 111  GLU A CD  1 
ATOM   847  O  OE1 . GLU A 1 111 ? 6.224   15.011  2.505   1.00 26.83 ? 111  GLU A OE1 1 
ATOM   848  O  OE2 . GLU A 1 111 ? 7.837   13.467  2.420   1.00 34.65 ? 111  GLU A OE2 1 
ATOM   849  N  N   . GLY A 1 112 ? 7.695   16.049  -2.364  1.00 9.45  ? 112  GLY A N   1 
ATOM   850  C  CA  . GLY A 1 112 ? 9.049   16.082  -2.876  1.00 10.04 ? 112  GLY A CA  1 
ATOM   851  C  C   . GLY A 1 112 ? 9.269   16.510  -4.296  1.00 7.82  ? 112  GLY A C   1 
ATOM   852  O  O   . GLY A 1 112 ? 8.341   16.851  -5.029  1.00 7.96  ? 112  GLY A O   1 
ATOM   853  N  N   . ASN A 1 113 ? 10.555  16.495  -4.665  1.00 10.79 ? 113  ASN A N   1 
ATOM   854  C  CA  . ASN A 1 113 ? 10.984  16.755  -6.024  1.00 8.85  ? 113  ASN A CA  1 
ATOM   855  C  C   . ASN A 1 113 ? 11.993  15.621  -6.341  1.00 15.69 ? 113  ASN A C   1 
ATOM   856  O  O   . ASN A 1 113 ? 13.086  15.613  -5.806  1.00 14.40 ? 113  ASN A O   1 
ATOM   857  C  CB  . ASN A 1 113 ? 11.661  18.138  -6.158  1.00 15.85 ? 113  ASN A CB  1 
ATOM   858  C  CG  . ASN A 1 113 ? 12.115  18.429  -7.605  1.00 25.28 ? 113  ASN A CG  1 
ATOM   859  O  OD1 . ASN A 1 113 ? 12.783  19.436  -7.886  1.00 33.40 ? 113  ASN A OD1 1 
ATOM   860  N  ND2 . ASN A 1 113 ? 11.757  17.546  -8.515  1.00 23.28 ? 113  ASN A ND2 1 
ATOM   861  N  N   . PRO A 1 114 ? 11.620  14.630  -7.170  1.00 9.44  ? 114  PRO A N   1 
ATOM   862  C  CA  . PRO A 1 114 ? 10.331  14.478  -7.866  1.00 9.56  ? 114  PRO A CA  1 
ATOM   863  C  C   . PRO A 1 114 ? 9.187   14.312  -6.852  1.00 7.63  ? 114  PRO A C   1 
ATOM   864  O  O   . PRO A 1 114 ? 9.354   13.835  -5.723  1.00 7.67  ? 114  PRO A O   1 
ATOM   865  C  CB  . PRO A 1 114 ? 10.528  13.249  -8.746  1.00 11.00 ? 114  PRO A CB  1 
ATOM   866  C  CG  . PRO A 1 114 ? 11.535  12.399  -7.947  1.00 10.38 ? 114  PRO A CG  1 
ATOM   867  C  CD  . PRO A 1 114 ? 12.486  13.438  -7.394  1.00 11.10 ? 114  PRO A CD  1 
ATOM   868  N  N   . TYR A 1 115 ? 8.017   14.701  -7.314  1.00 6.42  ? 115  TYR A N   1 
ATOM   869  C  CA  . TYR A 1 115 ? 6.788   14.677  -6.499  1.00 6.34  ? 115  TYR A CA  1 
ATOM   870  C  C   . TYR A 1 115 ? 6.222   13.256  -6.633  1.00 8.44  ? 115  TYR A C   1 
ATOM   871  O  O   . TYR A 1 115 ? 5.580   12.913  -7.619  1.00 5.62  ? 115  TYR A O   1 
ATOM   872  C  CB  . TYR A 1 115 ? 5.882   15.727  -7.103  1.00 7.64  ? 115  TYR A CB  1 
ATOM   873  C  CG  . TYR A 1 115 ? 4.683   16.046  -6.261  1.00 6.70  ? 115  TYR A CG  1 
ATOM   874  C  CD1 . TYR A 1 115 ? 4.823   16.614  -5.017  1.00 6.82  ? 115  TYR A CD1 1 
ATOM   875  C  CD2 . TYR A 1 115 ? 3.401   15.853  -6.761  1.00 5.39  ? 115  TYR A CD2 1 
ATOM   876  C  CE1 . TYR A 1 115 ? 3.720   16.981  -4.269  1.00 6.77  ? 115  TYR A CE1 1 
ATOM   877  C  CE2 . TYR A 1 115 ? 2.270   16.256  -6.025  1.00 5.09  ? 115  TYR A CE2 1 
ATOM   878  C  CZ  . TYR A 1 115 ? 2.439   16.816  -4.784  1.00 7.07  ? 115  TYR A CZ  1 
ATOM   879  O  OH  . TYR A 1 115 ? 1.352   17.271  -4.027  1.00 8.91  ? 115  TYR A OH  1 
ATOM   880  N  N   . VAL A 1 116 ? 6.452   12.439  -5.597  1.00 4.80  ? 116  VAL A N   1 
ATOM   881  C  CA  . VAL A 1 116 ? 6.118   11.006  -5.649  1.00 3.84  ? 116  VAL A CA  1 
ATOM   882  C  C   . VAL A 1 116 ? 5.326   10.589  -4.419  1.00 3.79  ? 116  VAL A C   1 
ATOM   883  O  O   . VAL A 1 116 ? 5.242   11.331  -3.444  1.00 4.35  ? 116  VAL A O   1 
ATOM   884  C  CB  . VAL A 1 116 ? 7.438   10.158  -5.729  1.00 6.18  ? 116  VAL A CB  1 
ATOM   885  C  CG1 . VAL A 1 116 ? 8.164   10.470  -7.054  1.00 8.19  ? 116  VAL A CG1 1 
ATOM   886  C  CG2 . VAL A 1 116 ? 8.390   10.482  -4.512  1.00 7.68  ? 116  VAL A CG2 1 
ATOM   887  N  N   . PRO A 1 117 ? 4.771   9.381   -4.429  1.00 3.45  ? 117  PRO A N   1 
ATOM   888  C  CA  . PRO A 1 117 ? 3.976   8.893   -3.290  1.00 5.09  ? 117  PRO A CA  1 
ATOM   889  C  C   . PRO A 1 117 ? 4.823   8.666   -2.045  1.00 7.20  ? 117  PRO A C   1 
ATOM   890  O  O   . PRO A 1 117 ? 5.899   8.066   -2.098  1.00 4.85  ? 117  PRO A O   1 
ATOM   891  C  CB  . PRO A 1 117 ? 3.401   7.563   -3.778  1.00 5.26  ? 117  PRO A CB  1 
ATOM   892  C  CG  . PRO A 1 117 ? 3.382   7.729   -5.312  1.00 4.74  ? 117  PRO A CG  1 
ATOM   893  C  CD  . PRO A 1 117 ? 4.699   8.462   -5.577  1.00 6.87  ? 117  PRO A CD  1 
ATOM   894  N  N   . VAL A 1 118 ? 4.286   9.123   -0.928  1.00 3.58  ? 118  VAL A N   1 
ATOM   895  C  CA  . VAL A 1 118 ? 4.977   8.951   0.341   1.00 4.19  ? 118  VAL A CA  1 
ATOM   896  C  C   . VAL A 1 118 ? 4.047   8.293   1.384   1.00 5.22  ? 118  VAL A C   1 
ATOM   897  O  O   . VAL A 1 118 ? 4.499   7.846   2.438   1.00 9.23  ? 118  VAL A O   1 
ATOM   898  C  CB  . VAL A 1 118 ? 5.584   10.240  0.909   1.00 5.06  ? 118  VAL A CB  1 
ATOM   899  C  CG1 . VAL A 1 118 ? 6.728   10.714  -0.002  1.00 5.46  ? 118  VAL A CG1 1 
ATOM   900  C  CG2 . VAL A 1 118 ? 4.526   11.330  1.113   1.00 6.13  ? 118  VAL A CG2 1 
ATOM   901  N  N   . HIS A 1 119 ? 2.753   8.226   1.107   1.00 3.91  ? 119  HIS A N   1 
ATOM   902  C  CA  . HIS A 1 119 ? 1.876   7.559   2.040   1.00 2.78  ? 119  HIS A CA  1 
ATOM   903  C  C   . HIS A 1 119 ? 0.704   6.991   1.268   1.00 4.36  ? 119  HIS A C   1 
ATOM   904  O  O   . HIS A 1 119 ? 0.285   7.544   0.242   1.00 6.25  ? 119  HIS A O   1 
ATOM   905  C  CB  . HIS A 1 119 ? 1.277   8.519   3.048   1.00 8.80  ? 119  HIS A CB  1 
ATOM   906  C  CG  . HIS A 1 119 ? 2.254   9.089   4.005   1.00 14.49 ? 119  HIS A CG  1 
ATOM   907  N  ND1 . HIS A 1 119 ? 2.486   10.449  4.102   1.00 23.42 ? 119  HIS A ND1 1 
ATOM   908  C  CD2 . HIS A 1 119 ? 3.068   8.502   4.913   1.00 14.65 ? 119  HIS A CD2 1 
ATOM   909  C  CE1 . HIS A 1 119 ? 3.400   10.670  5.025   1.00 17.96 ? 119  HIS A CE1 1 
ATOM   910  N  NE2 . HIS A 1 119 ? 3.775   9.504   5.533   1.00 22.09 ? 119  HIS A NE2 1 
ATOM   911  N  N   . PHE A 1 120 ? 0.171   5.863   1.745   1.00 5.69  ? 120  PHE A N   1 
ATOM   912  C  CA  . PHE A 1 120 ? -1.038  5.283   1.136   1.00 4.09  ? 120  PHE A CA  1 
ATOM   913  C  C   . PHE A 1 120 ? -2.178  5.714   2.061   1.00 5.45  ? 120  PHE A C   1 
ATOM   914  O  O   . PHE A 1 120 ? -2.193  5.320   3.249   1.00 6.73  ? 120  PHE A O   1 
ATOM   915  C  CB  . PHE A 1 120 ? -0.981  3.760   1.083   1.00 4.73  ? 120  PHE A CB  1 
ATOM   916  C  CG  . PHE A 1 120 ? -2.079  3.162   0.268   1.00 3.83  ? 120  PHE A CG  1 
ATOM   917  C  CD1 . PHE A 1 120 ? -1.927  3.078   -1.113  1.00 5.31  ? 120  PHE A CD1 1 
ATOM   918  C  CD2 . PHE A 1 120 ? -3.286  2.764   0.851   1.00 6.88  ? 120  PHE A CD2 1 
ATOM   919  C  CE1 . PHE A 1 120 ? -2.972  2.617   -1.910  1.00 9.10  ? 120  PHE A CE1 1 
ATOM   920  C  CE2 . PHE A 1 120 ? -4.345  2.305   0.057   1.00 8.97  ? 120  PHE A CE2 1 
ATOM   921  C  CZ  . PHE A 1 120 ? -4.171  2.236   -1.345  1.00 9.38  ? 120  PHE A CZ  1 
ATOM   922  N  N   . ASP A 1 121 ? -3.156  6.473   1.542   1.00 5.07  ? 121  ASP A N   1 
ATOM   923  C  CA  . ASP A 1 121 ? -4.248  6.960   2.420   1.00 4.95  ? 121  ASP A CA  1 
ATOM   924  C  C   . ASP A 1 121 ? -5.475  6.057   2.486   1.00 3.89  ? 121  ASP A C   1 
ATOM   925  O  O   . ASP A 1 121 ? -6.023  5.802   3.573   1.00 7.88  ? 121  ASP A O   1 
ATOM   926  C  CB  . ASP A 1 121 ? -4.657  8.375   1.956   1.00 4.84  ? 121  ASP A CB  1 
ATOM   927  C  CG  . ASP A 1 121 ? -5.374  9.187   3.049   1.00 10.89 ? 121  ASP A CG  1 
ATOM   928  O  OD1 . ASP A 1 121 ? -4.783  9.341   4.113   1.00 12.59 ? 121  ASP A OD1 1 
ATOM   929  O  OD2 . ASP A 1 121 ? -6.497  9.688   2.838   1.00 9.50  ? 121  ASP A OD2 1 
ATOM   930  N  N   . ALA A 1 122 ? -5.845  5.495   1.332   1.00 4.67  ? 122  ALA A N   1 
ATOM   931  C  CA  . ALA A 1 122 ? -7.063  4.691   1.255   1.00 5.02  ? 122  ALA A CA  1 
ATOM   932  C  C   . ALA A 1 122 ? -7.216  4.175   -0.148  1.00 2.79  ? 122  ALA A C   1 
ATOM   933  O  O   . ALA A 1 122 ? -6.588  4.678   -1.087  1.00 4.77  ? 122  ALA A O   1 
ATOM   934  C  CB  . ALA A 1 122 ? -8.325  5.580   1.543   1.00 8.40  ? 122  ALA A CB  1 
ATOM   935  N  N   . SER A 1 123 ? -8.136  3.209   -0.269  1.00 4.86  ? 123  SER A N   1 
ATOM   936  C  CA  . SER A 1 123 ? -8.570  2.731   -1.555  1.00 5.06  ? 123  SER A CA  1 
ATOM   937  C  C   . SER A 1 123 ? -10.082 2.954   -1.580  1.00 5.55  ? 123  SER A C   1 
ATOM   938  O  O   . SER A 1 123 ? -10.768 2.942   -0.534  1.00 8.52  ? 123  SER A O   1 
ATOM   939  C  CB  . SER A 1 123 ? -8.303  1.217   -1.754  1.00 7.43  ? 123  SER A CB  1 
ATOM   940  O  OG  . SER A 1 123 ? -9.100  0.462   -0.865  1.00 9.77  ? 123  SER A OG  1 
ATOM   941  N  N   . VAL A 1 124 ? -10.612 3.197   -2.763  1.00 6.80  ? 124  VAL A N   1 
ATOM   942  C  CA  . VAL A 1 124 ? -12.061 3.235   -2.924  1.00 16.31 ? 124  VAL A CA  1 
ATOM   943  C  C   . VAL A 1 124 ? -12.354 2.246   -4.064  1.00 28.85 ? 124  VAL A C   1 
ATOM   944  O  O   . VAL A 1 124 ? -12.105 2.713   -5.190  1.00 18.88 ? 124  VAL A O   1 
ATOM   945  C  CB  . VAL A 1 124 ? -12.555 4.501   -3.412  1.00 21.44 ? 124  VAL A CB  1 
ATOM   946  C  CG1 . VAL A 1 124 ? -13.995 4.267   -3.870  1.00 14.06 ? 124  VAL A CG1 1 
ATOM   947  C  CG2 . VAL A 1 124 ? -12.412 5.557   -2.351  1.00 12.30 ? 124  VAL A CG2 1 
ATOM   948  O  OXT . VAL A 1 124 ? -12.801 1.077   -3.848  1.00 23.82 ? 124  VAL A OXT 1 
HETATM 949  CL CL  . CL  B 2 .   ? 16.314  0.842   -0.830  1.00 8.70  ? 125  CL  A CL  1 
HETATM 950  CL CL  . CL  C 2 .   ? 13.738  -3.249  4.925   1.00 9.46  ? 126  CL  A CL  1 
HETATM 951  CL CL  . CL  D 2 .   ? 14.413  7.311   -2.738  1.00 6.18  ? 127  CL  A CL  1 
HETATM 952  CL CL  . CL  E 2 .   ? -1.987  0.884   4.125   1.00 8.57  ? 128  CL  A CL  1 
HETATM 953  CL CL  . CL  F 2 .   ? 1.739   4.702   4.178   1.00 23.76 ? 129  CL  A CL  1 
HETATM 954  S  S   . SO4 G 3 .   ? 13.166  12.354  2.368   1.00 18.45 ? 4770 SO4 A S   1 
HETATM 955  O  O1  . SO4 G 3 .   ? 12.441  11.248  2.982   1.00 14.41 ? 4770 SO4 A O1  1 
HETATM 956  O  O2  . SO4 G 3 .   ? 14.618  12.213  2.713   1.00 24.66 ? 4770 SO4 A O2  1 
HETATM 957  O  O3  . SO4 G 3 .   ? 12.920  12.481  0.915   1.00 22.35 ? 4770 SO4 A O3  1 
HETATM 958  O  O4  . SO4 G 3 .   ? 12.657  13.569  3.053   1.00 29.08 ? 4770 SO4 A O4  1 
HETATM 959  O  O   . HOH H 4 .   ? -10.244 19.161  -10.080 1.00 2.59  ? 1001 HOH A O   1 
HETATM 960  O  O   . HOH H 4 .   ? 8.857   6.419   -5.916  1.00 5.21  ? 1002 HOH A O   1 
HETATM 961  O  O   . HOH H 4 .   ? 13.801  4.322   -3.896  1.00 6.14  ? 1003 HOH A O   1 
HETATM 962  O  O   . HOH H 4 .   ? 2.080   2.230   -11.224 1.00 29.37 ? 1004 HOH A O   1 
HETATM 963  O  O   . HOH H 4 .   ? 7.370   6.280   -3.616  1.00 4.75  ? 1005 HOH A O   1 
HETATM 964  O  O   . HOH H 4 .   ? 3.281   12.457  -12.111 1.00 6.56  ? 1006 HOH A O   1 
HETATM 965  O  O   . HOH H 4 .   ? 0.355   -1.089  -14.047 1.00 5.28  ? 1007 HOH A O   1 
HETATM 966  O  O   . HOH H 4 .   ? -8.306  -2.429  -12.278 1.00 6.85  ? 1008 HOH A O   1 
HETATM 967  O  O   . HOH H 4 .   ? -6.833  -14.354 3.637   1.00 6.82  ? 1009 HOH A O   1 
HETATM 968  O  O   . HOH H 4 .   ? 12.885  1.348   -2.157  1.00 6.30  ? 1010 HOH A O   1 
HETATM 969  O  O   . HOH H 4 .   ? 7.056   -4.364  -6.803  1.00 6.52  ? 1011 HOH A O   1 
HETATM 970  O  O   . HOH H 4 .   ? -5.178  5.982   -12.831 1.00 8.31  ? 1012 HOH A O   1 
HETATM 971  O  O   . HOH H 4 .   ? 12.688  16.630  -2.215  1.00 7.00  ? 1013 HOH A O   1 
HETATM 972  O  O   . HOH H 4 .   ? -2.532  1.374   -13.397 1.00 8.10  ? 1015 HOH A O   1 
HETATM 973  O  O   . HOH H 4 .   ? -5.433  -15.576 5.726   1.00 9.12  ? 1016 HOH A O   1 
HETATM 974  O  O   . HOH H 4 .   ? 7.450   -1.294  -12.023 1.00 8.01  ? 1017 HOH A O   1 
HETATM 975  O  O   . HOH H 4 .   ? 16.126  4.926   1.458   1.00 5.48  ? 1018 HOH A O   1 
HETATM 976  O  O   . HOH H 4 .   ? -10.132 -12.664 2.522   1.00 5.87  ? 1019 HOH A O   1 
HETATM 977  O  O   . HOH H 4 .   ? -7.347  18.022  -9.295  1.00 7.87  ? 1020 HOH A O   1 
HETATM 978  O  O   . HOH H 4 .   ? -1.656  5.892   -13.386 1.00 5.86  ? 1021 HOH A O   1 
HETATM 979  O  O   . HOH H 4 .   ? 4.958   7.860   -13.818 1.00 9.58  ? 1022 HOH A O   1 
HETATM 980  O  O   . HOH H 4 .   ? 8.232   -0.759  8.344   1.00 9.75  ? 1023 HOH A O   1 
HETATM 981  O  O   . HOH H 4 .   ? 9.711   12.517  -1.798  1.00 9.85  ? 1024 HOH A O   1 
HETATM 982  O  O   . HOH H 4 .   ? 6.127   18.718  -1.755  1.00 11.41 ? 1025 HOH A O   1 
HETATM 983  O  O   . HOH H 4 .   ? -3.554  3.890   -14.041 1.00 8.51  ? 1026 HOH A O   1 
HETATM 984  O  O   . HOH H 4 .   ? -13.039 4.690   -12.438 1.00 10.71 ? 1027 HOH A O   1 
HETATM 985  O  O   . HOH H 4 .   ? 7.434   1.119   -13.624 1.00 7.73  ? 1028 HOH A O   1 
HETATM 986  O  O   . HOH H 4 .   ? 6.699   6.641   3.251   1.00 7.90  ? 1029 HOH A O   1 
HETATM 987  O  O   . HOH H 4 .   ? -0.879  11.207  -14.429 1.00 10.34 ? 1030 HOH A O   1 
HETATM 988  O  O   . HOH H 4 .   ? -7.974  -8.137  4.420   1.00 9.48  ? 1031 HOH A O   1 
HETATM 989  O  O   . HOH H 4 .   ? -12.480 7.996   -12.673 1.00 8.02  ? 1032 HOH A O   1 
HETATM 990  O  O   . HOH H 4 .   ? -9.901  10.165  -9.507  1.00 5.59  ? 1033 HOH A O   1 
HETATM 991  O  O   . HOH H 4 .   ? 11.246  12.772  -4.202  1.00 8.86  ? 1034 HOH A O   1 
HETATM 992  O  O   . HOH H 4 .   ? -2.233  -14.054 4.486   1.00 7.96  ? 1035 HOH A O   1 
HETATM 993  O  O   . HOH H 4 .   ? 5.363   10.675  -8.963  1.00 10.59 ? 1036 HOH A O   1 
HETATM 994  O  O   . HOH H 4 .   ? -3.634  17.119  -10.938 1.00 13.58 ? 1037 HOH A O   1 
HETATM 995  O  O   . HOH H 4 .   ? 11.478  10.682  -0.374  1.00 8.55  ? 1038 HOH A O   1 
HETATM 996  O  O   . HOH H 4 .   ? -3.591  -17.643 5.690   1.00 12.79 ? 1039 HOH A O   1 
HETATM 997  O  O   . HOH H 4 .   ? 9.257   -9.187  8.692   1.00 13.35 ? 1040 HOH A O   1 
HETATM 998  O  O   . HOH H 4 .   ? 7.807   -14.361 3.172   1.00 14.81 ? 1041 HOH A O   1 
HETATM 999  O  O   . HOH H 4 .   ? 4.725   4.373   3.268   1.00 7.96  ? 1042 HOH A O   1 
HETATM 1000 O  O   . HOH H 4 .   ? -14.456 16.410  -8.933  1.00 9.47  ? 1043 HOH A O   1 
HETATM 1001 O  O   . HOH H 4 .   ? 2.260   13.680  3.519   1.00 15.31 ? 1044 HOH A O   1 
HETATM 1002 O  O   . HOH H 4 .   ? 8.054   16.077  -10.064 1.00 13.85 ? 1045 HOH A O   1 
HETATM 1003 O  O   . HOH H 4 .   ? 5.742   -12.660 9.910   1.00 16.74 ? 1046 HOH A O   1 
HETATM 1004 O  O   . HOH H 4 .   ? -4.428  11.219  6.067   1.00 13.56 ? 1047 HOH A O   1 
HETATM 1005 O  O   . HOH H 4 .   ? 4.479   -13.642 -1.589  1.00 20.90 ? 1048 HOH A O   1 
HETATM 1006 O  O   . HOH H 4 .   ? 1.027   17.084  -9.082  1.00 16.15 ? 1049 HOH A O   1 
HETATM 1007 O  O   . HOH H 4 .   ? -9.099  15.147  9.605   1.00 19.71 ? 1050 HOH A O   1 
HETATM 1008 O  O   . HOH H 4 .   ? -5.047  -19.849 4.463   1.00 14.04 ? 1051 HOH A O   1 
HETATM 1009 O  O   . HOH H 4 .   ? 18.465  5.359   2.960   1.00 11.44 ? 1052 HOH A O   1 
HETATM 1010 O  O   . HOH H 4 .   ? 4.361   -10.939 -4.621  1.00 17.49 ? 1053 HOH A O   1 
HETATM 1011 O  O   . HOH H 4 .   ? 3.519   -12.541 8.233   1.00 13.16 ? 1054 HOH A O   1 
HETATM 1012 O  O   . HOH H 4 .   ? -0.323  -5.428  15.849  1.00 19.62 ? 1055 HOH A O   1 
HETATM 1013 O  O   . HOH H 4 .   ? -3.340  -1.447  -14.976 1.00 17.28 ? 1056 HOH A O   1 
HETATM 1014 O  O   . HOH H 4 .   ? 4.243   13.967  -9.955  1.00 15.76 ? 1057 HOH A O   1 
HETATM 1015 O  O   . HOH H 4 .   ? -9.606  18.438  -6.891  1.00 13.28 ? 1058 HOH A O   1 
HETATM 1016 O  O   . HOH H 4 .   ? -2.944  -17.274 8.354   1.00 15.37 ? 1059 HOH A O   1 
HETATM 1017 O  O   . HOH H 4 .   ? 9.311   4.907   -12.344 1.00 27.84 ? 1060 HOH A O   1 
HETATM 1018 O  O   . HOH H 4 .   ? 10.764  6.999   5.897   1.00 31.95 ? 1061 HOH A O   1 
HETATM 1019 O  O   . HOH H 4 .   ? 1.885   19.167  -2.280  1.00 18.52 ? 1062 HOH A O   1 
HETATM 1020 O  O   . HOH H 4 .   ? 13.008  -9.619  2.773   1.00 18.62 ? 1063 HOH A O   1 
HETATM 1021 O  O   . HOH H 4 .   ? 8.456   -3.922  13.721  1.00 27.02 ? 1064 HOH A O   1 
HETATM 1022 O  O   . HOH H 4 .   ? 7.287   -8.029  -5.082  1.00 17.73 ? 1065 HOH A O   1 
HETATM 1023 O  O   . HOH H 4 .   ? -6.294  -19.881 13.625  1.00 24.45 ? 1066 HOH A O   1 
HETATM 1024 O  O   . HOH H 4 .   ? -5.607  -3.057  -13.074 1.00 21.03 ? 1067 HOH A O   1 
HETATM 1025 O  O   . HOH H 4 .   ? -1.987  9.085   3.984   1.00 17.62 ? 1068 HOH A O   1 
HETATM 1026 O  O   . HOH H 4 .   ? -13.309 -4.477  -6.155  1.00 15.15 ? 1069 HOH A O   1 
HETATM 1027 O  O   . HOH H 4 .   ? -0.585  20.141  -1.424  1.00 28.38 ? 1070 HOH A O   1 
HETATM 1028 O  O   . HOH H 4 .   ? 3.472   1.278   -16.618 1.00 24.93 ? 1071 HOH A O   1 
HETATM 1029 O  O   . HOH H 4 .   ? 6.847   -12.739 -0.489  1.00 19.94 ? 1072 HOH A O   1 
HETATM 1030 O  O   . HOH H 4 .   ? -8.507  -15.612 13.545  1.00 28.49 ? 1073 HOH A O   1 
HETATM 1031 O  O   . HOH H 4 .   ? 2.147   -6.888  17.222  1.00 21.99 ? 1074 HOH A O   1 
HETATM 1032 O  O   . HOH H 4 .   ? -3.935  -6.569  15.896  1.00 23.47 ? 1075 HOH A O   1 
HETATM 1033 O  O   . HOH H 4 .   ? -12.480 -8.710  -2.378  1.00 25.13 ? 1076 HOH A O   1 
HETATM 1034 O  O   . HOH H 4 .   ? 10.765  15.000  2.238   1.00 32.98 ? 1077 HOH A O   1 
HETATM 1035 O  O   . HOH H 4 .   ? 5.159   -13.133 12.217  1.00 19.63 ? 1078 HOH A O   1 
HETATM 1036 O  O   . HOH H 4 .   ? 1.320   -18.507 5.538   1.00 21.61 ? 1079 HOH A O   1 
HETATM 1037 O  O   . HOH H 4 .   ? 0.542   -12.538 -11.831 1.00 25.10 ? 1080 HOH A O   1 
HETATM 1038 O  O   . HOH H 4 .   ? 13.863  15.893  1.677   1.00 29.19 ? 1081 HOH A O   1 
HETATM 1039 O  O   . HOH H 4 .   ? 5.294   2.635   9.238   1.00 25.14 ? 1082 HOH A O   1 
HETATM 1040 O  O   . HOH H 4 .   ? -1.527  20.030  3.345   1.00 22.07 ? 1083 HOH A O   1 
HETATM 1041 O  O   . HOH H 4 .   ? -6.954  -0.715  4.538   1.00 27.58 ? 1084 HOH A O   1 
HETATM 1042 O  O   . HOH H 4 .   ? -1.147  -20.536 5.959   1.00 25.35 ? 1085 HOH A O   1 
HETATM 1043 O  O   . HOH H 4 .   ? -11.626 13.319  7.308   1.00 17.35 ? 1086 HOH A O   1 
HETATM 1044 O  O   . HOH H 4 .   ? -1.309  -8.249  16.981  1.00 25.43 ? 1087 HOH A O   1 
HETATM 1045 O  O   . HOH H 4 .   ? -0.659  -20.544 -0.848  1.00 33.50 ? 1088 HOH A O   1 
HETATM 1046 O  O   . HOH H 4 .   ? 8.702   -8.961  -0.870  1.00 15.35 ? 1089 HOH A O   1 
HETATM 1047 O  O   . HOH H 4 .   ? -7.639  -1.856  0.039   1.00 17.84 ? 1090 HOH A O   1 
HETATM 1048 O  O   . HOH H 4 .   ? 2.463   5.300   -16.187 1.00 28.68 ? 1091 HOH A O   1 
HETATM 1049 O  O   . HOH H 4 .   ? -7.054  -7.714  -11.215 1.00 29.71 ? 1092 HOH A O   1 
HETATM 1050 O  O   . HOH H 4 .   ? 7.748   -18.076 19.078  1.00 30.01 ? 1093 HOH A O   1 
HETATM 1051 O  O   . HOH H 4 .   ? -3.998  3.970   5.112   1.00 40.38 ? 1094 HOH A O   1 
HETATM 1052 O  O   . HOH H 4 .   ? 0.884   2.279   5.829   1.00 29.34 ? 1095 HOH A O   1 
HETATM 1053 O  O   . HOH H 4 .   ? -6.364  -1.243  2.253   1.00 18.07 ? 1096 HOH A O   1 
HETATM 1054 O  O   . HOH H 4 .   ? 3.492   17.712  -0.663  1.00 27.94 ? 1097 HOH A O   1 
HETATM 1055 O  O   . HOH H 4 .   ? 0.943   -9.219  18.143  1.00 39.51 ? 1098 HOH A O   1 
HETATM 1056 O  O   . HOH H 4 .   ? -5.107  21.293  -2.969  1.00 25.34 ? 1099 HOH A O   1 
HETATM 1057 O  O   . HOH H 4 .   ? 2.616   -15.120 9.133   1.00 24.23 ? 1100 HOH A O   1 
HETATM 1058 O  O   . HOH H 4 .   ? -12.067 5.084   3.321   1.00 33.22 ? 1101 HOH A O   1 
HETATM 1059 O  O   . HOH H 4 .   ? 11.376  -2.894  8.991   1.00 34.46 ? 1102 HOH A O   1 
HETATM 1060 O  O   . HOH H 4 .   ? 18.988  3.664   7.208   1.00 27.49 ? 1103 HOH A O   1 
HETATM 1061 O  O   . HOH H 4 .   ? 6.798   -6.330  -14.288 1.00 29.85 ? 1104 HOH A O   1 
HETATM 1062 O  O   . HOH H 4 .   ? -5.061  1.110   3.426   1.00 26.69 ? 1105 HOH A O   1 
HETATM 1063 O  O   . HOH H 4 .   ? -3.606  17.819  8.871   1.00 28.97 ? 1106 HOH A O   1 
HETATM 1064 O  O   . HOH H 4 .   ? -2.857  -13.340 -14.256 1.00 31.35 ? 1107 HOH A O   1 
HETATM 1065 O  O   . HOH H 4 .   ? -7.783  -12.595 -1.564  1.00 26.94 ? 1108 HOH A O   1 
HETATM 1066 O  O   . HOH H 4 .   ? -5.514  6.855   6.268   1.00 28.49 ? 1109 HOH A O   1 
HETATM 1067 O  O   . HOH H 4 .   ? -5.765  21.420  -6.337  1.00 29.96 ? 1110 HOH A O   1 
HETATM 1068 O  O   . HOH H 4 .   ? -6.335  -11.926 -7.816  1.00 67.54 ? 1111 HOH A O   1 
HETATM 1069 O  O   . HOH H 4 .   ? -2.734  -6.204  -12.206 1.00 28.31 ? 1112 HOH A O   1 
HETATM 1070 O  O   . HOH H 4 .   ? 11.567  3.499   7.432   1.00 29.73 ? 1113 HOH A O   1 
HETATM 1071 O  O   . HOH H 4 .   ? 11.732  -10.713 7.347   1.00 39.48 ? 1114 HOH A O   1 
HETATM 1072 O  O   . HOH H 4 .   ? 10.900  -2.999  12.132  1.00 35.11 ? 1115 HOH A O   1 
HETATM 1073 O  O   . HOH H 4 .   ? 8.527   -4.319  10.931  1.00 29.21 ? 1116 HOH A O   1 
HETATM 1074 O  O   . HOH H 4 .   ? -1.142  3.681   5.168   1.00 26.77 ? 1117 HOH A O   1 
HETATM 1075 O  O   . HOH H 4 .   ? -13.965 -1.602  -9.131  1.00 40.40 ? 1118 HOH A O   1 
HETATM 1076 O  O   . HOH H 4 .   ? -0.452  -14.190 -8.715  1.00 34.64 ? 1119 HOH A O   1 
HETATM 1077 O  O   . HOH H 4 .   ? 13.728  20.369  -10.486 1.00 30.92 ? 1120 HOH A O   1 
HETATM 1078 O  O   . HOH H 4 .   ? -6.722  0.307   0.518   1.00 42.01 ? 1121 HOH A O   1 
HETATM 1079 O  O   . HOH H 4 .   ? 7.712   18.974  -6.515  1.00 22.88 ? 1122 HOH A O   1 
HETATM 1080 O  O   . HOH H 4 .   ? 7.259   -11.815 13.243  1.00 26.13 ? 1123 HOH A O   1 
HETATM 1081 O  O   . HOH H 4 .   ? -4.916  -9.947  16.647  1.00 33.98 ? 1124 HOH A O   1 
HETATM 1082 O  O   . HOH H 4 .   ? -1.071  -4.577  -13.408 1.00 28.26 ? 1125 HOH A O   1 
HETATM 1083 O  O   . HOH H 4 .   ? 2.184   -15.841 19.130  1.00 36.98 ? 1126 HOH A O   1 
HETATM 1084 O  O   . HOH H 4 .   ? 17.776  3.642   10.258  1.00 36.09 ? 1127 HOH A O   1 
HETATM 1085 O  O   . HOH H 4 .   ? 16.279  2.234   1.840   1.00 11.81 ? 1128 HOH A O   1 
HETATM 1086 O  O   . HOH H 4 .   ? 18.419  9.954   3.485   1.00 27.14 ? 1129 HOH A O   1 
HETATM 1087 O  O   . HOH H 4 .   ? 15.847  9.909   4.460   1.00 26.44 ? 1130 HOH A O   1 
HETATM 1088 O  O   . HOH H 4 .   ? 13.869  9.637   6.299   1.00 35.75 ? 1131 HOH A O   1 
HETATM 1089 O  O   . HOH H 4 .   ? 9.775   8.810   6.350   1.00 27.09 ? 1132 HOH A O   1 
HETATM 1090 O  O   . HOH H 4 .   ? 7.316   8.104   5.506   1.00 22.44 ? 1133 HOH A O   1 
HETATM 1091 O  O   . HOH H 4 .   ? 13.234  10.237  -2.598  1.00 6.63  ? 1134 HOH A O   1 
HETATM 1092 O  O   . HOH H 4 .   ? 6.767   11.194  5.165   1.00 29.93 ? 1135 HOH A O   1 
HETATM 1093 O  O   . HOH H 4 .   ? 6.567   7.106   7.850   1.00 31.93 ? 1136 HOH A O   1 
HETATM 1094 O  O   . HOH H 4 .   ? 12.088  10.242  -5.055  1.00 7.27  ? 1137 HOH A O   1 
HETATM 1095 O  O   . HOH H 4 .   ? 12.929  -1.436  7.409   1.00 28.92 ? 1138 HOH A O   1 
HETATM 1096 O  O   . HOH H 4 .   ? 6.158   -3.529  11.985  1.00 28.78 ? 1139 HOH A O   1 
HETATM 1097 O  O   . HOH H 4 .   ? 1.739   -4.764  -12.344 1.00 30.99 ? 1140 HOH A O   1 
HETATM 1098 O  O   . HOH H 4 .   ? 3.510   -4.013  -13.910 1.00 26.23 ? 1141 HOH A O   1 
HETATM 1099 O  O   . HOH H 4 .   ? 1.504   -2.877  -15.757 1.00 21.70 ? 1142 HOH A O   1 
HETATM 1100 O  O   . HOH H 4 .   ? -0.895  18.450  -10.361 1.00 27.70 ? 1143 HOH A O   1 
HETATM 1101 O  O   . HOH H 4 .   ? 7.096   0.811   -16.218 1.00 20.90 ? 1144 HOH A O   1 
HETATM 1102 O  O   . HOH H 4 .   ? 6.315   -12.951 -7.708  1.00 31.14 ? 1145 HOH A O   1 
HETATM 1103 O  O   . HOH H 4 .   ? 8.680   -12.133 -10.808 1.00 15.38 ? 1146 HOH A O   1 
HETATM 1104 O  O   . HOH H 4 .   ? 3.309   -13.371 -4.362  1.00 18.55 ? 1147 HOH A O   1 
HETATM 1105 O  O   . HOH H 4 .   ? 6.787   -16.714 4.258   1.00 24.14 ? 1148 HOH A O   1 
HETATM 1106 O  O   . HOH H 4 .   ? 4.333   -16.849 5.287   1.00 28.08 ? 1149 HOH A O   1 
HETATM 1107 O  O   . HOH H 4 .   ? 2.629   -18.949 3.590   1.00 24.06 ? 1150 HOH A O   1 
HETATM 1108 O  O   . HOH H 4 .   ? 10.339  -13.588 4.394   1.00 27.39 ? 1151 HOH A O   1 
HETATM 1109 O  O   . HOH H 4 .   ? 6.274   -3.415  -13.617 1.00 5.16  ? 1152 HOH A O   1 
HETATM 1110 O  O   . HOH H 4 .   ? 11.525  15.020  -0.137  1.00 31.65 ? 1153 HOH A O   1 
HETATM 1111 O  O   . HOH H 4 .   ? 16.806  0.755   4.138   1.00 24.73 ? 1154 HOH A O   1 
HETATM 1112 O  O   . HOH H 4 .   ? -14.711 3.213   -6.913  1.00 23.75 ? 1155 HOH A O   1 
HETATM 1113 O  O   . HOH H 4 .   ? 11.022  8.070   -6.391  1.00 8.80  ? 1156 HOH A O   1 
HETATM 1114 O  O   . HOH H 4 .   ? 14.409  10.138  -6.599  1.00 10.09 ? 1157 HOH A O   1 
HETATM 1115 O  O   . HOH H 4 .   ? 3.341   3.333   7.449   1.00 22.27 ? 1158 HOH A O   1 
HETATM 1116 O  O   . HOH H 4 .   ? 3.444   5.945   5.252   1.00 30.23 ? 1159 HOH A O   1 
HETATM 1117 O  O   . HOH H 4 .   ? 11.391  8.770   -9.120  1.00 17.50 ? 1160 HOH A O   1 
HETATM 1118 O  O   . HOH H 4 .   ? 6.102   -12.466 -11.048 1.00 34.54 ? 1161 HOH A O   1 
HETATM 1119 O  O   . HOH H 4 .   ? 9.964   -13.472 -13.108 1.00 18.73 ? 1162 HOH A O   1 
HETATM 1120 O  O   . HOH H 4 .   ? 4.330   -14.916 -7.058  1.00 30.62 ? 1163 HOH A O   1 
HETATM 1121 O  O   . HOH H 4 .   ? 6.738   -10.353 -13.230 1.00 32.82 ? 1164 HOH A O   1 
HETATM 1122 O  O   . HOH H 4 .   ? 8.189   -12.071 -14.743 1.00 29.78 ? 1165 HOH A O   1 
HETATM 1123 O  O   . HOH H 4 .   ? 3.626   16.624  -10.273 1.00 21.67 ? 1166 HOH A O   1 
HETATM 1124 O  O   . HOH H 4 .   ? -6.920  -5.544  -12.204 1.00 26.80 ? 1167 HOH A O   1 
HETATM 1125 O  O   . HOH H 4 .   ? 5.747   -2.102  -16.435 1.00 33.39 ? 1168 HOH A O   1 
HETATM 1126 O  O   . HOH H 4 .   ? -5.232  -10.938 -12.268 1.00 29.94 ? 1169 HOH A O   1 
HETATM 1127 O  O   . HOH H 4 .   ? -8.737  -7.792  -8.528  1.00 28.96 ? 1170 HOH A O   1 
HETATM 1128 O  O   . HOH H 4 .   ? 8.052   -10.408 -3.465  1.00 17.81 ? 1171 HOH A O   1 
HETATM 1129 O  O   . HOH H 4 .   ? -5.284  -16.528 10.382  1.00 8.48  ? 1172 HOH A O   1 
HETATM 1130 O  O   . HOH H 4 .   ? -4.085  -18.395 11.994  1.00 30.42 ? 1173 HOH A O   1 
HETATM 1131 O  O   . HOH H 4 .   ? 10.192  -11.589 10.238  1.00 32.97 ? 1174 HOH A O   1 
HETATM 1132 O  O   . HOH H 4 .   ? 6.124   -1.974  9.976   1.00 29.63 ? 1175 HOH A O   1 
HETATM 1133 O  O   . HOH H 4 .   ? -0.120  -0.015  15.784  1.00 33.17 ? 1176 HOH A O   1 
HETATM 1134 O  O   . HOH H 4 .   ? 3.545   -1.731  13.602  1.00 22.77 ? 1177 HOH A O   1 
HETATM 1135 O  O   . HOH H 4 .   ? -12.169 14.494  10.137  1.00 22.74 ? 1178 HOH A O   1 
HETATM 1136 O  O   . HOH H 4 .   ? -2.056  1.231   7.845   1.00 28.57 ? 1179 HOH A O   1 
HETATM 1137 O  O   . HOH H 4 .   ? 9.511   2.825   -13.639 1.00 22.49 ? 1180 HOH A O   1 
HETATM 1138 O  O   . HOH H 4 .   ? 9.527   10.096  -10.773 1.00 22.46 ? 1181 HOH A O   1 
HETATM 1139 O  O   . HOH H 4 .   ? -6.477  22.696  -1.653  1.00 33.20 ? 1182 HOH A O   1 
HETATM 1140 O  O   . HOH H 4 .   ? -1.771  11.840  4.747   1.00 20.42 ? 1183 HOH A O   1 
HETATM 1141 O  O   . HOH H 4 .   ? -1.820  12.996  11.013  1.00 31.82 ? 1184 HOH A O   1 
HETATM 1142 O  O   . HOH H 4 .   ? 0.269   11.278  6.717   1.00 29.28 ? 1185 HOH A O   1 
HETATM 1143 O  O   . HOH H 4 .   ? -6.410  -7.796  15.048  1.00 32.12 ? 1186 HOH A O   1 
HETATM 1144 O  O   . HOH H 4 .   ? -0.097  20.361  1.219   1.00 30.50 ? 1187 HOH A O   1 
HETATM 1145 O  O   . HOH H 4 .   ? -4.521  21.301  5.726   1.00 28.85 ? 1188 HOH A O   1 
HETATM 1146 O  O   . HOH H 4 .   ? -6.517  23.346  4.031   1.00 36.48 ? 1189 HOH A O   1 
HETATM 1147 O  O   . HOH H 4 .   ? -7.105  23.680  1.606   1.00 39.64 ? 1190 HOH A O   1 
HETATM 1148 O  O   . HOH H 4 .   ? -1.472  19.803  -3.615  1.00 32.45 ? 1191 HOH A O   1 
HETATM 1149 O  O   . HOH H 4 .   ? 5.830   20.221  -3.620  1.00 33.25 ? 1192 HOH A O   1 
HETATM 1150 O  O   . HOH H 4 .   ? -13.788 0.903   -7.030  1.00 23.49 ? 1193 HOH A O   1 
HETATM 1151 O  O   . HOH H 4 .   ? 9.252   19.788  -2.635  1.00 33.48 ? 1194 HOH A O   1 
HETATM 1152 O  O   . HOH H 4 .   ? 12.296  21.672  -5.447  1.00 34.04 ? 1195 HOH A O   1 
HETATM 1153 O  O   . HOH H 4 .   ? -1.251  7.470   5.648   1.00 30.40 ? 1196 HOH A O   1 
HETATM 1154 O  O   . HOH H 4 .   ? 17.676  -0.331  8.952   1.00 31.05 ? 1197 HOH A O   1 
HETATM 1155 O  O   . HOH H 4 .   ? 19.659  0.763   7.825   1.00 30.56 ? 1198 HOH A O   1 
HETATM 1156 O  O   . HOH H 4 .   ? 13.029  16.281  -10.275 1.00 29.35 ? 1199 HOH A O   1 
HETATM 1157 O  O   . HOH H 4 .   ? 16.866  1.413   6.836   1.00 35.43 ? 1200 HOH A O   1 
HETATM 1158 O  O   . HOH H 4 .   ? 9.638   2.009   9.069   1.00 30.79 ? 1201 HOH A O   1 
HETATM 1159 O  O   . HOH H 4 .   ? 12.072  6.058   7.413   1.00 29.68 ? 1202 HOH A O   1 
HETATM 1160 O  O   . HOH H 4 .   ? -2.823  -4.309  17.380  1.00 28.74 ? 1203 HOH A O   1 
HETATM 1161 O  O   . HOH H 4 .   ? -2.632  -16.111 -6.950  1.00 29.34 ? 1204 HOH A O   1 
HETATM 1162 O  O   . HOH H 4 .   ? 12.729  1.642   7.545   1.00 29.44 ? 1205 HOH A O   1 
HETATM 1163 O  O   . HOH H 4 .   ? 14.954  13.671  5.348   1.00 29.16 ? 1206 HOH A O   1 
HETATM 1164 O  O   . HOH H 4 .   ? 0.170   -13.204 -6.332  1.00 34.51 ? 1207 HOH A O   1 
HETATM 1165 O  O   . HOH H 4 .   ? 6.365   -11.554 -5.904  1.00 34.30 ? 1208 HOH A O   1 
HETATM 1166 O  O   . HOH H 4 .   ? 2.279   -15.221 -2.430  1.00 31.48 ? 1209 HOH A O   1 
HETATM 1167 O  O   . HOH H 4 .   ? 6.608   -15.084 8.533   1.00 34.62 ? 1210 HOH A O   1 
HETATM 1168 O  O   . HOH H 4 .   ? 12.185  -10.371 4.937   1.00 24.05 ? 1211 HOH A O   1 
HETATM 1169 O  O   . HOH H 4 .   ? 11.571  -16.236 5.212   1.00 31.75 ? 1212 HOH A O   1 
HETATM 1170 O  O   . HOH H 4 .   ? 13.789  -4.548  9.022   1.00 33.15 ? 1213 HOH A O   1 
HETATM 1171 O  O   . HOH H 4 .   ? 15.898  -4.253  7.434   1.00 32.36 ? 1214 HOH A O   1 
HETATM 1172 O  O   . HOH H 4 .   ? 17.926  -5.797  10.116  1.00 32.49 ? 1215 HOH A O   1 
HETATM 1173 O  O   . HOH H 4 .   ? 3.226   -10.988 21.203  1.00 34.79 ? 1216 HOH A O   1 
HETATM 1174 O  O   . HOH H 4 .   ? -7.918  0.679   7.956   1.00 21.33 ? 1217 HOH A O   1 
HETATM 1175 O  O   . HOH H 4 .   ? -3.642  5.114   12.394  1.00 30.21 ? 1218 HOH A O   1 
HETATM 1176 O  O   . HOH H 4 .   ? -8.725  -0.234  2.071   1.00 26.50 ? 1219 HOH A O   1 
HETATM 1177 O  O   . HOH H 4 .   ? -9.436  1.921   2.161   1.00 16.42 ? 1220 HOH A O   1 
HETATM 1178 O  O   . HOH H 4 .   ? 8.015   6.912   -15.006 1.00 29.04 ? 1221 HOH A O   1 
HETATM 1179 O  O   . HOH H 4 .   ? -0.499  13.981  3.920   1.00 19.60 ? 1222 HOH A O   1 
HETATM 1180 O  O   . HOH H 4 .   ? 1.618   19.347  -7.332  1.00 30.80 ? 1223 HOH A O   1 
HETATM 1181 O  O   . HOH H 4 .   ? -8.839  -4.076  -1.365  1.00 23.83 ? 1224 HOH A O   1 
HETATM 1182 O  O   . HOH H 4 .   ? -9.070  -5.827  4.303   1.00 17.95 ? 1225 HOH A O   1 
HETATM 1183 O  O   . HOH H 4 .   ? -0.784  -16.745 15.099  1.00 29.36 ? 1226 HOH A O   1 
HETATM 1184 O  O   . HOH H 4 .   ? 0.885   -17.134 11.621  1.00 33.55 ? 1227 HOH A O   1 
HETATM 1185 O  O   . HOH H 4 .   ? -0.149  -17.951 18.299  1.00 33.27 ? 1228 HOH A O   1 
HETATM 1186 O  O   . HOH H 4 .   ? 8.827   -12.799 20.809  1.00 31.02 ? 1229 HOH A O   1 
HETATM 1187 O  O   . HOH H 4 .   ? -12.176 0.299   -1.443  0.50 18.96 ? 1230 HOH A O   1 
HETATM 1188 O  O   . HOH H 4 .   ? 10.205  13.192  3.962   1.00 29.53 ? 1231 HOH A O   1 
HETATM 1189 O  O   . HOH H 4 .   ? -2.406  21.073  -1.711  1.00 24.62 ? 1232 HOH A O   1 
HETATM 1190 O  O   . HOH H 4 .   ? 8.258   -18.168 5.771   1.00 30.94 ? 1233 HOH A O   1 
HETATM 1191 O  O   . HOH H 4 .   ? -6.931  -12.549 -5.590  1.00 26.85 ? 1234 HOH A O   1 
HETATM 1192 O  O   . HOH H 4 .   ? -0.466  -12.804 -14.051 1.00 30.50 ? 1235 HOH A O   1 
HETATM 1193 O  O   . HOH H 4 .   ? 7.538   8.103   -12.972 1.00 28.31 ? 1236 HOH A O   1 
HETATM 1194 O  O   . HOH H 4 .   ? 5.664   -19.189 19.423  1.00 32.14 ? 1237 HOH A O   1 
HETATM 1195 O  O   . HOH H 4 .   ? 10.107  13.420  0.578   1.00 30.10 ? 1238 HOH A O   1 
HETATM 1196 O  O   . HOH H 4 .   ? 10.643  -12.467 17.550  1.00 31.69 ? 1239 HOH A O   1 
HETATM 1197 O  O   . HOH H 4 .   ? -0.758  -16.841 -5.882  1.00 31.15 ? 1240 HOH A O   1 
# 
